data_2M6F
# 
_entry.id   2M6F 
# 
_audit_conform.dict_name       mmcif_pdbx.dic 
_audit_conform.dict_version    5.397 
_audit_conform.dict_location   http://mmcif.pdb.org/dictionaries/ascii/mmcif_pdbx.dic 
# 
loop_
_database_2.database_id 
_database_2.database_code 
_database_2.pdbx_database_accession 
_database_2.pdbx_DOI 
PDB   2M6F         pdb_00002m6f 10.2210/pdb2m6f/pdb 
RCSB  RCSB103267   ?            ?                   
BMRB  19131        ?            10.13018/BMR19131   
WWPDB D_1000103267 ?            ?                   
# 
loop_
_pdbx_audit_revision_history.ordinal 
_pdbx_audit_revision_history.data_content_type 
_pdbx_audit_revision_history.major_revision 
_pdbx_audit_revision_history.minor_revision 
_pdbx_audit_revision_history.revision_date 
1 'Structure model' 1 0 2013-10-30 
2 'Structure model' 1 1 2022-08-24 
3 'Structure model' 1 2 2024-10-16 
# 
_pdbx_audit_revision_details.ordinal             1 
_pdbx_audit_revision_details.revision_ordinal    1 
_pdbx_audit_revision_details.data_content_type   'Structure model' 
_pdbx_audit_revision_details.provider            repository 
_pdbx_audit_revision_details.type                'Initial release' 
_pdbx_audit_revision_details.description         ? 
_pdbx_audit_revision_details.details             ? 
# 
loop_
_pdbx_audit_revision_group.ordinal 
_pdbx_audit_revision_group.revision_ordinal 
_pdbx_audit_revision_group.data_content_type 
_pdbx_audit_revision_group.group 
1 2 'Structure model' 'Data collection'      
2 2 'Structure model' 'Database references'  
3 2 'Structure model' 'Derived calculations' 
4 3 'Structure model' 'Data collection'      
5 3 'Structure model' 'Database references'  
6 3 'Structure model' 'Structure summary'    
# 
loop_
_pdbx_audit_revision_category.ordinal 
_pdbx_audit_revision_category.revision_ordinal 
_pdbx_audit_revision_category.data_content_type 
_pdbx_audit_revision_category.category 
1  2 'Structure model' citation                  
2  2 'Structure model' database_2                
3  2 'Structure model' pdbx_nmr_spectrometer     
4  2 'Structure model' struct_conn               
5  2 'Structure model' struct_site               
6  3 'Structure model' chem_comp_atom            
7  3 'Structure model' chem_comp_bond            
8  3 'Structure model' database_2                
9  3 'Structure model' pdbx_entry_details        
10 3 'Structure model' pdbx_modification_feature 
# 
loop_
_pdbx_audit_revision_item.ordinal 
_pdbx_audit_revision_item.revision_ordinal 
_pdbx_audit_revision_item.data_content_type 
_pdbx_audit_revision_item.item 
1  2 'Structure model' '_citation.journal_volume'            
2  2 'Structure model' '_citation.page_first'                
3  2 'Structure model' '_citation.page_last'                 
4  2 'Structure model' '_citation.title'                     
5  2 'Structure model' '_database_2.pdbx_DOI'                
6  2 'Structure model' '_database_2.pdbx_database_accession' 
7  2 'Structure model' '_pdbx_nmr_spectrometer.model'        
8  2 'Structure model' '_struct_conn.pdbx_leaving_atom_flag' 
9  2 'Structure model' '_struct_site.pdbx_auth_asym_id'      
10 2 'Structure model' '_struct_site.pdbx_auth_comp_id'      
11 2 'Structure model' '_struct_site.pdbx_auth_seq_id'       
12 3 'Structure model' '_database_2.pdbx_DOI'                
# 
_pdbx_database_status.deposit_site                    BMRB 
_pdbx_database_status.entry_id                        2M6F 
_pdbx_database_status.methods_development_category    ? 
_pdbx_database_status.process_site                    PDBJ 
_pdbx_database_status.recvd_initial_deposition_date   2013-03-29 
_pdbx_database_status.SG_entry                        ? 
_pdbx_database_status.status_code                     REL 
_pdbx_database_status.status_code_mr                  REL 
_pdbx_database_status.status_code_sf                  ? 
_pdbx_database_status.status_code_cs                  REL 
_pdbx_database_status.pdb_format_compatible           Y 
_pdbx_database_status.status_code_nmr_data            ? 
# 
loop_
_pdbx_database_related.db_id 
_pdbx_database_related.db_name 
_pdbx_database_related.content_type 
_pdbx_database_related.details 
19131 BMRB unspecified . 
2M6C  PDB  unspecified . 
2M6D  PDB  unspecified . 
2M6E  PDB  unspecified . 
2M6G  PDB  unspecified . 
2M6H  PDB  unspecified . 
# 
_audit_author.name           'Sonti, R.' 
_audit_author.pdbx_ordinal   1 
# 
_citation.id                        primary 
_citation.title                     
;Conformational diversity in contryphans from Conus venom: cis-trans isomerisation and aromatic/proline interactions in the 23-membered ring of a 7-residue peptide disulfide loop.
;
_citation.journal_abbrev            Chemistry 
_citation.journal_volume            19 
_citation.page_first                15175 
_citation.page_last                 15189 
_citation.year                      2013 
_citation.journal_id_ASTM           ? 
_citation.country                   GE 
_citation.journal_id_ISSN           0947-6539 
_citation.journal_id_CSD            ? 
_citation.book_publisher            ? 
_citation.pdbx_database_id_PubMed   24115170 
_citation.pdbx_database_id_DOI      10.1002/chem.201301722 
# 
loop_
_citation_author.citation_id 
_citation_author.name 
_citation_author.ordinal 
_citation_author.identifier_ORCID 
primary 'Sonti, R.'     1 ? 
primary 'Gowd, K.H.'    2 ? 
primary 'Rao, K.N.'     3 ? 
primary 'Ragothama, S.' 4 ? 
primary 'Rodriguez, A.' 5 ? 
primary 'Perez, J.J.'   6 ? 
primary 'Balaram, P.'   7 ? 
# 
_entity.id                         1 
_entity.type                       polymer 
_entity.src_method                 syn 
_entity.pdbx_description           Contryphan-In 
_entity.formula_weight             940.140 
_entity.pdbx_number_of_molecules   1 
_entity.pdbx_ec                    ? 
_entity.pdbx_mutation              ? 
_entity.pdbx_fragment              ? 
_entity.details                    ? 
# 
_entity_poly.entity_id                      1 
_entity_poly.type                           'polypeptide(L)' 
_entity_poly.nstd_linkage                   no 
_entity_poly.nstd_monomer                   yes 
_entity_poly.pdbx_seq_one_letter_code       'GCV(DLE)YPWC' 
_entity_poly.pdbx_seq_one_letter_code_can   GCVLYPWC 
_entity_poly.pdbx_strand_id                 A 
_entity_poly.pdbx_target_identifier         ? 
# 
loop_
_entity_poly_seq.entity_id 
_entity_poly_seq.num 
_entity_poly_seq.mon_id 
_entity_poly_seq.hetero 
1 1 GLY n 
1 2 CYS n 
1 3 VAL n 
1 4 DLE n 
1 5 TYR n 
1 6 PRO n 
1 7 TRP n 
1 8 CYS n 
# 
_pdbx_entity_src_syn.entity_id              1 
_pdbx_entity_src_syn.pdbx_src_id            1 
_pdbx_entity_src_syn.pdbx_alt_source_flag   sample 
_pdbx_entity_src_syn.pdbx_beg_seq_num       ? 
_pdbx_entity_src_syn.pdbx_end_seq_num       ? 
_pdbx_entity_src_syn.organism_scientific    'Conus inscriptus' 
_pdbx_entity_src_syn.organism_common_name   'Engraved cone' 
_pdbx_entity_src_syn.ncbi_taxonomy_id       257329 
_pdbx_entity_src_syn.details                ? 
# 
loop_
_chem_comp.id 
_chem_comp.type 
_chem_comp.mon_nstd_flag 
_chem_comp.name 
_chem_comp.pdbx_synonyms 
_chem_comp.formula 
_chem_comp.formula_weight 
CYS 'L-peptide linking' y CYSTEINE   ? 'C3 H7 N O2 S'  121.158 
DLE 'D-peptide linking' . D-LEUCINE  ? 'C6 H13 N O2'   131.173 
GLY 'peptide linking'   y GLYCINE    ? 'C2 H5 N O2'    75.067  
PRO 'L-peptide linking' y PROLINE    ? 'C5 H9 N O2'    115.130 
TRP 'L-peptide linking' y TRYPTOPHAN ? 'C11 H12 N2 O2' 204.225 
TYR 'L-peptide linking' y TYROSINE   ? 'C9 H11 N O3'   181.189 
VAL 'L-peptide linking' y VALINE     ? 'C5 H11 N O2'   117.146 
# 
loop_
_pdbx_poly_seq_scheme.asym_id 
_pdbx_poly_seq_scheme.entity_id 
_pdbx_poly_seq_scheme.seq_id 
_pdbx_poly_seq_scheme.mon_id 
_pdbx_poly_seq_scheme.ndb_seq_num 
_pdbx_poly_seq_scheme.pdb_seq_num 
_pdbx_poly_seq_scheme.auth_seq_num 
_pdbx_poly_seq_scheme.pdb_mon_id 
_pdbx_poly_seq_scheme.auth_mon_id 
_pdbx_poly_seq_scheme.pdb_strand_id 
_pdbx_poly_seq_scheme.pdb_ins_code 
_pdbx_poly_seq_scheme.hetero 
A 1 1 GLY 1 1 1 GLY GLY A . n 
A 1 2 CYS 2 2 2 CYS CYS A . n 
A 1 3 VAL 3 3 3 VAL VAL A . n 
A 1 4 DLE 4 4 4 DLE DLE A . n 
A 1 5 TYR 5 5 5 TYR TYR A . n 
A 1 6 PRO 6 6 6 PRO PRO A . n 
A 1 7 TRP 7 7 7 TRP TRP A . n 
A 1 8 CYS 8 8 8 CYS CYS A . n 
# 
_exptl.absorpt_coefficient_mu     ? 
_exptl.absorpt_correction_T_max   ? 
_exptl.absorpt_correction_T_min   ? 
_exptl.absorpt_correction_type    ? 
_exptl.absorpt_process_details    ? 
_exptl.crystals_number            ? 
_exptl.details                    ? 
_exptl.entry_id                   2M6F 
_exptl.method                     'SOLUTION NMR' 
_exptl.method_details             ? 
# 
_struct.entry_id                  2M6F 
_struct.title                     'NMR solution structure of trans (major) form of In936 in Methanol' 
_struct.pdbx_model_details        'with the good disulfide sidechain dihedral angle constraint, model1' 
_struct.pdbx_CASP_flag            ? 
_struct.pdbx_model_type_details   ? 
# 
_struct_keywords.entry_id        2M6F 
_struct_keywords.pdbx_keywords   TOXIN 
_struct_keywords.text            'trans In936, Methanol, TOXIN' 
# 
_struct_asym.id                            A 
_struct_asym.pdbx_blank_PDB_chainid_flag   N 
_struct_asym.pdbx_modified                 N 
_struct_asym.entity_id                     1 
_struct_asym.details                       ? 
# 
_struct_ref.id                         1 
_struct_ref.db_name                    UNP 
_struct_ref.db_code                    COW_CONIN 
_struct_ref.pdbx_db_accession          P0C249 
_struct_ref.entity_id                  1 
_struct_ref.pdbx_seq_one_letter_code   'GCV(DLE)YPWC' 
_struct_ref.pdbx_align_begin           1 
_struct_ref.pdbx_db_isoform            ? 
# 
_struct_ref_seq.align_id                      1 
_struct_ref_seq.ref_id                        1 
_struct_ref_seq.pdbx_PDB_id_code              2M6F 
_struct_ref_seq.pdbx_strand_id                A 
_struct_ref_seq.seq_align_beg                 1 
_struct_ref_seq.pdbx_seq_align_beg_ins_code   ? 
_struct_ref_seq.seq_align_end                 8 
_struct_ref_seq.pdbx_seq_align_end_ins_code   ? 
_struct_ref_seq.pdbx_db_accession             P0C249 
_struct_ref_seq.db_align_beg                  1 
_struct_ref_seq.pdbx_db_align_beg_ins_code    ? 
_struct_ref_seq.db_align_end                  8 
_struct_ref_seq.pdbx_db_align_end_ins_code    ? 
_struct_ref_seq.pdbx_auth_seq_align_beg       1 
_struct_ref_seq.pdbx_auth_seq_align_end       8 
# 
_pdbx_struct_assembly.id                   1 
_pdbx_struct_assembly.details              author_defined_assembly 
_pdbx_struct_assembly.method_details       ? 
_pdbx_struct_assembly.oligomeric_details   monomeric 
_pdbx_struct_assembly.oligomeric_count     1 
# 
_pdbx_struct_assembly_gen.assembly_id       1 
_pdbx_struct_assembly_gen.oper_expression   1 
_pdbx_struct_assembly_gen.asym_id_list      A 
# 
_pdbx_struct_oper_list.id                   1 
_pdbx_struct_oper_list.type                 'identity operation' 
_pdbx_struct_oper_list.name                 1_555 
_pdbx_struct_oper_list.symmetry_operation   x,y,z 
_pdbx_struct_oper_list.matrix[1][1]         1.0000000000 
_pdbx_struct_oper_list.matrix[1][2]         0.0000000000 
_pdbx_struct_oper_list.matrix[1][3]         0.0000000000 
_pdbx_struct_oper_list.vector[1]            0.0000000000 
_pdbx_struct_oper_list.matrix[2][1]         0.0000000000 
_pdbx_struct_oper_list.matrix[2][2]         1.0000000000 
_pdbx_struct_oper_list.matrix[2][3]         0.0000000000 
_pdbx_struct_oper_list.vector[2]            0.0000000000 
_pdbx_struct_oper_list.matrix[3][1]         0.0000000000 
_pdbx_struct_oper_list.matrix[3][2]         0.0000000000 
_pdbx_struct_oper_list.matrix[3][3]         1.0000000000 
_pdbx_struct_oper_list.vector[3]            0.0000000000 
# 
_struct_biol.id        1 
_struct_biol.details   ? 
# 
loop_
_struct_conn.id 
_struct_conn.conn_type_id 
_struct_conn.pdbx_leaving_atom_flag 
_struct_conn.pdbx_PDB_id 
_struct_conn.ptnr1_label_asym_id 
_struct_conn.ptnr1_label_comp_id 
_struct_conn.ptnr1_label_seq_id 
_struct_conn.ptnr1_label_atom_id 
_struct_conn.pdbx_ptnr1_label_alt_id 
_struct_conn.pdbx_ptnr1_PDB_ins_code 
_struct_conn.pdbx_ptnr1_standard_comp_id 
_struct_conn.ptnr1_symmetry 
_struct_conn.ptnr2_label_asym_id 
_struct_conn.ptnr2_label_comp_id 
_struct_conn.ptnr2_label_seq_id 
_struct_conn.ptnr2_label_atom_id 
_struct_conn.pdbx_ptnr2_label_alt_id 
_struct_conn.pdbx_ptnr2_PDB_ins_code 
_struct_conn.ptnr1_auth_asym_id 
_struct_conn.ptnr1_auth_comp_id 
_struct_conn.ptnr1_auth_seq_id 
_struct_conn.ptnr2_auth_asym_id 
_struct_conn.ptnr2_auth_comp_id 
_struct_conn.ptnr2_auth_seq_id 
_struct_conn.ptnr2_symmetry 
_struct_conn.pdbx_ptnr3_label_atom_id 
_struct_conn.pdbx_ptnr3_label_seq_id 
_struct_conn.pdbx_ptnr3_label_comp_id 
_struct_conn.pdbx_ptnr3_label_asym_id 
_struct_conn.pdbx_ptnr3_label_alt_id 
_struct_conn.pdbx_ptnr3_PDB_ins_code 
_struct_conn.details 
_struct_conn.pdbx_dist_value 
_struct_conn.pdbx_value_order 
_struct_conn.pdbx_role 
disulf1 disulf ?    ? A CYS 2 SG ? ? ? 1_555 A CYS 8 SG ? ? A CYS 2 A CYS 8 1_555 ? ? ? ? ? ? ? 2.161 ? ? 
covale1 covale both ? A VAL 3 C  ? ? ? 1_555 A DLE 4 N  ? ? A VAL 3 A DLE 4 1_555 ? ? ? ? ? ? ? 1.325 ? ? 
covale2 covale both ? A DLE 4 C  ? ? ? 1_555 A TYR 5 N  ? ? A DLE 4 A TYR 5 1_555 ? ? ? ? ? ? ? 1.328 ? ? 
# 
loop_
_struct_conn_type.id 
_struct_conn_type.criteria 
_struct_conn_type.reference 
disulf ? ? 
covale ? ? 
# 
_pdbx_modification_feature.ordinal                            1 
_pdbx_modification_feature.label_comp_id                      CYS 
_pdbx_modification_feature.label_asym_id                      A 
_pdbx_modification_feature.label_seq_id                       2 
_pdbx_modification_feature.label_alt_id                       ? 
_pdbx_modification_feature.modified_residue_label_comp_id     CYS 
_pdbx_modification_feature.modified_residue_label_asym_id     A 
_pdbx_modification_feature.modified_residue_label_seq_id      8 
_pdbx_modification_feature.modified_residue_label_alt_id      ? 
_pdbx_modification_feature.auth_comp_id                       CYS 
_pdbx_modification_feature.auth_asym_id                       A 
_pdbx_modification_feature.auth_seq_id                        2 
_pdbx_modification_feature.PDB_ins_code                       ? 
_pdbx_modification_feature.symmetry                           1_555 
_pdbx_modification_feature.modified_residue_auth_comp_id      CYS 
_pdbx_modification_feature.modified_residue_auth_asym_id      A 
_pdbx_modification_feature.modified_residue_auth_seq_id       8 
_pdbx_modification_feature.modified_residue_PDB_ins_code      ? 
_pdbx_modification_feature.modified_residue_symmetry          1_555 
_pdbx_modification_feature.comp_id_linking_atom               SG 
_pdbx_modification_feature.modified_residue_id_linking_atom   SG 
_pdbx_modification_feature.modified_residue_id                . 
_pdbx_modification_feature.ref_pcm_id                         . 
_pdbx_modification_feature.ref_comp_id                        . 
_pdbx_modification_feature.type                               None 
_pdbx_modification_feature.category                           'Disulfide bridge' 
# 
_struct_site.id                   AC1 
_struct_site.pdbx_evidence_code   Software 
_struct_site.pdbx_auth_asym_id    A 
_struct_site.pdbx_auth_comp_id    DLE 
_struct_site.pdbx_auth_seq_id     4 
_struct_site.pdbx_auth_ins_code   ? 
_struct_site.pdbx_num_residues    4 
_struct_site.details              'BINDING SITE FOR RESIDUE DLE A 4' 
# 
loop_
_struct_site_gen.id 
_struct_site_gen.site_id 
_struct_site_gen.pdbx_num_res 
_struct_site_gen.label_comp_id 
_struct_site_gen.label_asym_id 
_struct_site_gen.label_seq_id 
_struct_site_gen.pdbx_auth_ins_code 
_struct_site_gen.auth_comp_id 
_struct_site_gen.auth_asym_id 
_struct_site_gen.auth_seq_id 
_struct_site_gen.label_atom_id 
_struct_site_gen.label_alt_id 
_struct_site_gen.symmetry 
_struct_site_gen.details 
1 AC1 4 CYS A 2 ? CYS A 2 . ? 1_555 ? 
2 AC1 4 VAL A 3 ? VAL A 3 . ? 1_555 ? 
3 AC1 4 TYR A 5 ? TYR A 5 . ? 1_555 ? 
4 AC1 4 PRO A 6 ? PRO A 6 . ? 1_555 ? 
# 
_pdbx_entry_details.entry_id                   2M6F 
_pdbx_entry_details.compound_details           ? 
_pdbx_entry_details.source_details             ? 
_pdbx_entry_details.nonpolymer_details         ? 
_pdbx_entry_details.sequence_details           ? 
_pdbx_entry_details.has_ligand_of_interest     ? 
_pdbx_entry_details.has_protein_modification   Y 
# 
loop_
_pdbx_validate_torsion.id 
_pdbx_validate_torsion.PDB_model_num 
_pdbx_validate_torsion.auth_comp_id 
_pdbx_validate_torsion.auth_asym_id 
_pdbx_validate_torsion.auth_seq_id 
_pdbx_validate_torsion.PDB_ins_code 
_pdbx_validate_torsion.label_alt_id 
_pdbx_validate_torsion.phi 
_pdbx_validate_torsion.psi 
1  1  TYR A 5 ? ? -112.26 78.97  
2  1  TRP A 7 ? ? -95.31  30.95  
3  2  TYR A 5 ? ? -112.28 78.95  
4  2  TRP A 7 ? ? -95.35  30.94  
5  3  TYR A 5 ? ? -112.28 78.86  
6  3  TRP A 7 ? ? -95.40  31.03  
7  4  TYR A 5 ? ? -112.28 78.95  
8  4  TRP A 7 ? ? -95.35  30.93  
9  5  TYR A 5 ? ? -112.24 79.00  
10 5  TRP A 7 ? ? -95.33  30.91  
11 6  CYS A 2 ? ? -118.13 76.60  
12 6  DLE A 4 ? ? 99.92   -37.88 
13 6  TYR A 5 ? ? -112.22 78.90  
14 6  TRP A 7 ? ? -95.24  30.93  
15 7  CYS A 2 ? ? -118.19 76.61  
16 7  DLE A 4 ? ? 99.85   -37.91 
17 7  TYR A 5 ? ? -112.13 78.85  
18 7  TRP A 7 ? ? -95.26  30.94  
19 8  DLE A 4 ? ? 99.99   -30.01 
20 8  TYR A 5 ? ? -113.31 75.61  
21 9  TYR A 5 ? ? -113.29 75.63  
22 10 DLE A 4 ? ? 99.98   -30.06 
23 10 TYR A 5 ? ? -113.28 75.49  
# 
_pdbx_nmr_ensemble.average_constraint_violations_per_residue     ? 
_pdbx_nmr_ensemble.average_constraints_per_residue               ? 
_pdbx_nmr_ensemble.average_distance_constraint_violation         ? 
_pdbx_nmr_ensemble.average_torsion_angle_constraint_violation    ? 
_pdbx_nmr_ensemble.conformer_selection_criteria                  'structures with the lowest energy' 
_pdbx_nmr_ensemble.conformers_calculated_total_number            100 
_pdbx_nmr_ensemble.conformers_submitted_total_number             10 
_pdbx_nmr_ensemble.distance_constraint_violation_method          ? 
_pdbx_nmr_ensemble.entry_id                                      2M6F 
_pdbx_nmr_ensemble.maximum_distance_constraint_violation         ? 
_pdbx_nmr_ensemble.maximum_lower_distance_constraint_violation   ? 
_pdbx_nmr_ensemble.maximum_torsion_angle_constraint_violation    ? 
_pdbx_nmr_ensemble.maximum_upper_distance_constraint_violation   ? 
_pdbx_nmr_ensemble.representative_conformer                      1 
_pdbx_nmr_ensemble.torsion_angle_constraint_violation_method     ? 
# 
_pdbx_nmr_representative.conformer_id         1 
_pdbx_nmr_representative.entry_id             2M6F 
_pdbx_nmr_representative.selection_criteria   'with the good disulfide sidechain dihedral angle constraint' 
# 
_pdbx_nmr_sample_details.contents         '3 mM TSP-1, methanol' 
_pdbx_nmr_sample_details.solution_id      1 
_pdbx_nmr_sample_details.solvent_system   methanol 
# 
_pdbx_nmr_exptl_sample.component             TSP-1 
_pdbx_nmr_exptl_sample.concentration         3 
_pdbx_nmr_exptl_sample.concentration_range   ? 
_pdbx_nmr_exptl_sample.concentration_units   mM 
_pdbx_nmr_exptl_sample.isotopic_labeling     ? 
_pdbx_nmr_exptl_sample.solution_id           1 
# 
_pdbx_nmr_exptl_sample_conditions.conditions_id       1 
_pdbx_nmr_exptl_sample_conditions.ionic_strength      ? 
_pdbx_nmr_exptl_sample_conditions.pH                  ? 
_pdbx_nmr_exptl_sample_conditions.pressure            ? 
_pdbx_nmr_exptl_sample_conditions.pressure_units      ? 
_pdbx_nmr_exptl_sample_conditions.temperature         273 
_pdbx_nmr_exptl_sample_conditions.temperature_units   K 
# 
loop_
_pdbx_nmr_exptl.conditions_id 
_pdbx_nmr_exptl.experiment_id 
_pdbx_nmr_exptl.solution_id 
_pdbx_nmr_exptl.type 
1 1 1 '2D 1H-1H TOCSY'           
1 2 1 '2D 1H-13C HSQC aliphatic' 
1 3 1 '2D 1H-13C HSQC aromatic'  
1 4 1 '2D 1H-1H NOESY'           
# 
_pdbx_nmr_refine.entry_id           2M6F 
_pdbx_nmr_refine.method             'torsion angle dynamics' 
_pdbx_nmr_refine.details            ? 
_pdbx_nmr_refine.software_ordinal   1 
# 
loop_
_pdbx_nmr_software.authors 
_pdbx_nmr_software.classification 
_pdbx_nmr_software.name 
_pdbx_nmr_software.ordinal 
_pdbx_nmr_software.version 
'Guntert, Mumenthaler and Wuthrich' 'structure solution' CYANA 1 3 
?                                   refinement           CYANA 2 ? 
# 
loop_
_chem_comp_atom.comp_id 
_chem_comp_atom.atom_id 
_chem_comp_atom.type_symbol 
_chem_comp_atom.pdbx_aromatic_flag 
_chem_comp_atom.pdbx_stereo_config 
_chem_comp_atom.pdbx_ordinal 
CYS N    N N N 1   
CYS CA   C N R 2   
CYS C    C N N 3   
CYS O    O N N 4   
CYS CB   C N N 5   
CYS SG   S N N 6   
CYS OXT  O N N 7   
CYS H    H N N 8   
CYS H2   H N N 9   
CYS HA   H N N 10  
CYS HB2  H N N 11  
CYS HB3  H N N 12  
CYS HG   H N N 13  
CYS HXT  H N N 14  
DLE N    N N N 15  
DLE CA   C N R 16  
DLE CB   C N N 17  
DLE CG   C N N 18  
DLE CD1  C N N 19  
DLE CD2  C N N 20  
DLE C    C N N 21  
DLE O    O N N 22  
DLE OXT  O N N 23  
DLE H    H N N 24  
DLE H2   H N N 25  
DLE HA   H N N 26  
DLE HB2  H N N 27  
DLE HB3  H N N 28  
DLE HG   H N N 29  
DLE HD11 H N N 30  
DLE HD12 H N N 31  
DLE HD13 H N N 32  
DLE HD21 H N N 33  
DLE HD22 H N N 34  
DLE HD23 H N N 35  
DLE HXT  H N N 36  
GLY N    N N N 37  
GLY CA   C N N 38  
GLY C    C N N 39  
GLY O    O N N 40  
GLY OXT  O N N 41  
GLY H    H N N 42  
GLY H2   H N N 43  
GLY HA2  H N N 44  
GLY HA3  H N N 45  
GLY HXT  H N N 46  
PRO N    N N N 47  
PRO CA   C N S 48  
PRO C    C N N 49  
PRO O    O N N 50  
PRO CB   C N N 51  
PRO CG   C N N 52  
PRO CD   C N N 53  
PRO OXT  O N N 54  
PRO H    H N N 55  
PRO HA   H N N 56  
PRO HB2  H N N 57  
PRO HB3  H N N 58  
PRO HG2  H N N 59  
PRO HG3  H N N 60  
PRO HD2  H N N 61  
PRO HD3  H N N 62  
PRO HXT  H N N 63  
TRP N    N N N 64  
TRP CA   C N S 65  
TRP C    C N N 66  
TRP O    O N N 67  
TRP CB   C N N 68  
TRP CG   C Y N 69  
TRP CD1  C Y N 70  
TRP CD2  C Y N 71  
TRP NE1  N Y N 72  
TRP CE2  C Y N 73  
TRP CE3  C Y N 74  
TRP CZ2  C Y N 75  
TRP CZ3  C Y N 76  
TRP CH2  C Y N 77  
TRP OXT  O N N 78  
TRP H    H N N 79  
TRP H2   H N N 80  
TRP HA   H N N 81  
TRP HB2  H N N 82  
TRP HB3  H N N 83  
TRP HD1  H N N 84  
TRP HE1  H N N 85  
TRP HE3  H N N 86  
TRP HZ2  H N N 87  
TRP HZ3  H N N 88  
TRP HH2  H N N 89  
TRP HXT  H N N 90  
TYR N    N N N 91  
TYR CA   C N S 92  
TYR C    C N N 93  
TYR O    O N N 94  
TYR CB   C N N 95  
TYR CG   C Y N 96  
TYR CD1  C Y N 97  
TYR CD2  C Y N 98  
TYR CE1  C Y N 99  
TYR CE2  C Y N 100 
TYR CZ   C Y N 101 
TYR OH   O N N 102 
TYR OXT  O N N 103 
TYR H    H N N 104 
TYR H2   H N N 105 
TYR HA   H N N 106 
TYR HB2  H N N 107 
TYR HB3  H N N 108 
TYR HD1  H N N 109 
TYR HD2  H N N 110 
TYR HE1  H N N 111 
TYR HE2  H N N 112 
TYR HH   H N N 113 
TYR HXT  H N N 114 
VAL N    N N N 115 
VAL CA   C N S 116 
VAL C    C N N 117 
VAL O    O N N 118 
VAL CB   C N N 119 
VAL CG1  C N N 120 
VAL CG2  C N N 121 
VAL OXT  O N N 122 
VAL H    H N N 123 
VAL H2   H N N 124 
VAL HA   H N N 125 
VAL HB   H N N 126 
VAL HG11 H N N 127 
VAL HG12 H N N 128 
VAL HG13 H N N 129 
VAL HG21 H N N 130 
VAL HG22 H N N 131 
VAL HG23 H N N 132 
VAL HXT  H N N 133 
# 
loop_
_chem_comp_bond.comp_id 
_chem_comp_bond.atom_id_1 
_chem_comp_bond.atom_id_2 
_chem_comp_bond.value_order 
_chem_comp_bond.pdbx_aromatic_flag 
_chem_comp_bond.pdbx_stereo_config 
_chem_comp_bond.pdbx_ordinal 
CYS N   CA   sing N N 1   
CYS N   H    sing N N 2   
CYS N   H2   sing N N 3   
CYS CA  C    sing N N 4   
CYS CA  CB   sing N N 5   
CYS CA  HA   sing N N 6   
CYS C   O    doub N N 7   
CYS C   OXT  sing N N 8   
CYS CB  SG   sing N N 9   
CYS CB  HB2  sing N N 10  
CYS CB  HB3  sing N N 11  
CYS SG  HG   sing N N 12  
CYS OXT HXT  sing N N 13  
DLE N   CA   sing N N 14  
DLE N   H    sing N N 15  
DLE N   H2   sing N N 16  
DLE CA  CB   sing N N 17  
DLE CA  C    sing N N 18  
DLE CA  HA   sing N N 19  
DLE CB  CG   sing N N 20  
DLE CB  HB2  sing N N 21  
DLE CB  HB3  sing N N 22  
DLE CG  CD1  sing N N 23  
DLE CG  CD2  sing N N 24  
DLE CG  HG   sing N N 25  
DLE CD1 HD11 sing N N 26  
DLE CD1 HD12 sing N N 27  
DLE CD1 HD13 sing N N 28  
DLE CD2 HD21 sing N N 29  
DLE CD2 HD22 sing N N 30  
DLE CD2 HD23 sing N N 31  
DLE C   O    doub N N 32  
DLE C   OXT  sing N N 33  
DLE OXT HXT  sing N N 34  
GLY N   CA   sing N N 35  
GLY N   H    sing N N 36  
GLY N   H2   sing N N 37  
GLY CA  C    sing N N 38  
GLY CA  HA2  sing N N 39  
GLY CA  HA3  sing N N 40  
GLY C   O    doub N N 41  
GLY C   OXT  sing N N 42  
GLY OXT HXT  sing N N 43  
PRO N   CA   sing N N 44  
PRO N   CD   sing N N 45  
PRO N   H    sing N N 46  
PRO CA  C    sing N N 47  
PRO CA  CB   sing N N 48  
PRO CA  HA   sing N N 49  
PRO C   O    doub N N 50  
PRO C   OXT  sing N N 51  
PRO CB  CG   sing N N 52  
PRO CB  HB2  sing N N 53  
PRO CB  HB3  sing N N 54  
PRO CG  CD   sing N N 55  
PRO CG  HG2  sing N N 56  
PRO CG  HG3  sing N N 57  
PRO CD  HD2  sing N N 58  
PRO CD  HD3  sing N N 59  
PRO OXT HXT  sing N N 60  
TRP N   CA   sing N N 61  
TRP N   H    sing N N 62  
TRP N   H2   sing N N 63  
TRP CA  C    sing N N 64  
TRP CA  CB   sing N N 65  
TRP CA  HA   sing N N 66  
TRP C   O    doub N N 67  
TRP C   OXT  sing N N 68  
TRP CB  CG   sing N N 69  
TRP CB  HB2  sing N N 70  
TRP CB  HB3  sing N N 71  
TRP CG  CD1  doub Y N 72  
TRP CG  CD2  sing Y N 73  
TRP CD1 NE1  sing Y N 74  
TRP CD1 HD1  sing N N 75  
TRP CD2 CE2  doub Y N 76  
TRP CD2 CE3  sing Y N 77  
TRP NE1 CE2  sing Y N 78  
TRP NE1 HE1  sing N N 79  
TRP CE2 CZ2  sing Y N 80  
TRP CE3 CZ3  doub Y N 81  
TRP CE3 HE3  sing N N 82  
TRP CZ2 CH2  doub Y N 83  
TRP CZ2 HZ2  sing N N 84  
TRP CZ3 CH2  sing Y N 85  
TRP CZ3 HZ3  sing N N 86  
TRP CH2 HH2  sing N N 87  
TRP OXT HXT  sing N N 88  
TYR N   CA   sing N N 89  
TYR N   H    sing N N 90  
TYR N   H2   sing N N 91  
TYR CA  C    sing N N 92  
TYR CA  CB   sing N N 93  
TYR CA  HA   sing N N 94  
TYR C   O    doub N N 95  
TYR C   OXT  sing N N 96  
TYR CB  CG   sing N N 97  
TYR CB  HB2  sing N N 98  
TYR CB  HB3  sing N N 99  
TYR CG  CD1  doub Y N 100 
TYR CG  CD2  sing Y N 101 
TYR CD1 CE1  sing Y N 102 
TYR CD1 HD1  sing N N 103 
TYR CD2 CE2  doub Y N 104 
TYR CD2 HD2  sing N N 105 
TYR CE1 CZ   doub Y N 106 
TYR CE1 HE1  sing N N 107 
TYR CE2 CZ   sing Y N 108 
TYR CE2 HE2  sing N N 109 
TYR CZ  OH   sing N N 110 
TYR OH  HH   sing N N 111 
TYR OXT HXT  sing N N 112 
VAL N   CA   sing N N 113 
VAL N   H    sing N N 114 
VAL N   H2   sing N N 115 
VAL CA  C    sing N N 116 
VAL CA  CB   sing N N 117 
VAL CA  HA   sing N N 118 
VAL C   O    doub N N 119 
VAL C   OXT  sing N N 120 
VAL CB  CG1  sing N N 121 
VAL CB  CG2  sing N N 122 
VAL CB  HB   sing N N 123 
VAL CG1 HG11 sing N N 124 
VAL CG1 HG12 sing N N 125 
VAL CG1 HG13 sing N N 126 
VAL CG2 HG21 sing N N 127 
VAL CG2 HG22 sing N N 128 
VAL CG2 HG23 sing N N 129 
VAL OXT HXT  sing N N 130 
# 
_pdbx_nmr_spectrometer.field_strength    500 
_pdbx_nmr_spectrometer.manufacturer      Bruker 
_pdbx_nmr_spectrometer.model             AVANCE 
_pdbx_nmr_spectrometer.spectrometer_id   1 
_pdbx_nmr_spectrometer.type              'Bruker Avance' 
# 
_atom_sites.entry_id                    2M6F 
_atom_sites.fract_transf_matrix[1][1]   1.000000 
_atom_sites.fract_transf_matrix[1][2]   0.000000 
_atom_sites.fract_transf_matrix[1][3]   0.000000 
_atom_sites.fract_transf_matrix[2][1]   0.000000 
_atom_sites.fract_transf_matrix[2][2]   1.000000 
_atom_sites.fract_transf_matrix[2][3]   0.000000 
_atom_sites.fract_transf_matrix[3][1]   0.000000 
_atom_sites.fract_transf_matrix[3][2]   0.000000 
_atom_sites.fract_transf_matrix[3][3]   1.000000 
_atom_sites.fract_transf_vector[1]      0.00000 
_atom_sites.fract_transf_vector[2]      0.00000 
_atom_sites.fract_transf_vector[3]      0.00000 
# 
loop_
_atom_type.symbol 
C 
H 
N 
O 
S 
# 
loop_
_atom_site.group_PDB 
_atom_site.id 
_atom_site.type_symbol 
_atom_site.label_atom_id 
_atom_site.label_alt_id 
_atom_site.label_comp_id 
_atom_site.label_asym_id 
_atom_site.label_entity_id 
_atom_site.label_seq_id 
_atom_site.pdbx_PDB_ins_code 
_atom_site.Cartn_x 
_atom_site.Cartn_y 
_atom_site.Cartn_z 
_atom_site.occupancy 
_atom_site.B_iso_or_equiv 
_atom_site.pdbx_formal_charge 
_atom_site.auth_seq_id 
_atom_site.auth_comp_id 
_atom_site.auth_asym_id 
_atom_site.auth_atom_id 
_atom_site.pdbx_PDB_model_num 
ATOM   1    N N    . GLY A 1 1 ? -1.733 4.480  5.391  1.00 13.00 ? 1 GLY A N    1  
ATOM   2    C CA   . GLY A 1 1 ? -1.132 3.962  4.177  1.00 45.03 ? 1 GLY A CA   1  
ATOM   3    C C    . GLY A 1 1 ? -1.261 2.455  4.064  1.00 70.23 ? 1 GLY A C    1  
ATOM   4    O O    . GLY A 1 1 ? -1.758 1.797  4.978  1.00 13.30 ? 1 GLY A O    1  
ATOM   5    H H1   . GLY A 1 1 ? -2.323 3.909  5.926  1.00 52.40 ? 1 GLY A H1   1  
ATOM   6    H HA2  . GLY A 1 1 ? -1.613 4.418  3.326  1.00 70.43 ? 1 GLY A HA2  1  
ATOM   7    H HA3  . GLY A 1 1 ? -0.084 4.223  4.168  1.00 3.40  ? 1 GLY A HA3  1  
ATOM   8    N N    . CYS A 1 2 ? -0.815 1.907  2.938  1.00 51.13 ? 2 CYS A N    1  
ATOM   9    C CA   . CYS A 1 2 ? -0.885 0.470  2.707  1.00 70.32 ? 2 CYS A CA   1  
ATOM   10   C C    . CYS A 1 2 ? 0.510  -0.121 2.530  1.00 40.02 ? 2 CYS A C    1  
ATOM   11   O O    . CYS A 1 2 ? 0.963  -0.347 1.408  1.00 44.31 ? 2 CYS A O    1  
ATOM   12   C CB   . CYS A 1 2 ? -1.737 0.172  1.470  1.00 13.43 ? 2 CYS A CB   1  
ATOM   13   S SG   . CYS A 1 2 ? -3.510 -0.052 1.826  1.00 52.23 ? 2 CYS A SG   1  
ATOM   14   H H    . CYS A 1 2 ? -0.429 2.484  2.245  1.00 31.44 ? 2 CYS A H    1  
ATOM   15   H HA   . CYS A 1 2 ? -1.349 0.016  3.570  1.00 54.45 ? 2 CYS A HA   1  
ATOM   16   H HB2  . CYS A 1 2 ? -1.644 0.991  0.773  1.00 50.41 ? 2 CYS A HB2  1  
ATOM   17   H HB3  . CYS A 1 2 ? -1.377 -0.734 1.005  1.00 61.31 ? 2 CYS A HB3  1  
ATOM   18   N N    . VAL A 1 3 ? 1.187  -0.370 3.647  1.00 51.32 ? 3 VAL A N    1  
ATOM   19   C CA   . VAL A 1 3 ? 2.530  -0.936 3.617  1.00 40.14 ? 3 VAL A CA   1  
ATOM   20   C C    . VAL A 1 3 ? 2.555  -2.254 2.851  1.00 70.30 ? 3 VAL A C    1  
ATOM   21   O O    . VAL A 1 3 ? 1.873  -3.196 3.251  1.00 15.33 ? 3 VAL A O    1  
ATOM   22   C CB   . VAL A 1 3 ? 3.072  -1.171 5.040  1.00 60.43 ? 3 VAL A CB   1  
ATOM   23   C CG1  . VAL A 1 3 ? 3.421  0.151  5.705  1.00 73.11 ? 3 VAL A CG1  1  
ATOM   24   C CG2  . VAL A 1 3 ? 2.062  -1.946 5.873  1.00 45.45 ? 3 VAL A CG2  1  
ATOM   25   H H    . VAL A 1 3 ? 0.773  -0.168 4.512  1.00 54.14 ? 3 VAL A H    1  
ATOM   26   H HA   . VAL A 1 3 ? 3.180  -0.229 3.120  1.00 64.10 ? 3 VAL A HA   1  
ATOM   27   H HB   . VAL A 1 3 ? 3.974  -1.760 4.966  1.00 40.41 ? 3 VAL A HB   1  
ATOM   28   H HG11 . VAL A 1 3 ? 4.420  0.446  5.418  1.00 2.15  ? 3 VAL A HG11 1  
ATOM   29   H HG12 . VAL A 1 3 ? 2.718  0.909  5.391  1.00 23.32 ? 3 VAL A HG12 1  
ATOM   30   H HG13 . VAL A 1 3 ? 3.373  0.039  6.778  1.00 4.40  ? 3 VAL A HG13 1  
ATOM   31   H HG21 . VAL A 1 3 ? 1.703  -1.320 6.676  1.00 71.24 ? 3 VAL A HG21 1  
ATOM   32   H HG22 . VAL A 1 3 ? 1.231  -2.242 5.248  1.00 51.50 ? 3 VAL A HG22 1  
ATOM   33   H HG23 . VAL A 1 3 ? 2.534  -2.826 6.284  1.00 10.34 ? 3 VAL A HG23 1  
HETATM 34   N N    . DLE A 1 4 ? 3.331  -2.291 1.778  1.00 4.34  ? 4 DLE A N    1  
HETATM 35   C CA   . DLE A 1 4 ? 3.433  -3.496 0.971  1.00 53.22 ? 4 DLE A CA   1  
HETATM 36   C CB   . DLE A 1 4 ? 4.897  -3.805 0.653  1.00 73.02 ? 4 DLE A CB   1  
HETATM 37   C CG   . DLE A 1 4 ? 5.771  -4.207 1.842  1.00 3.33  ? 4 DLE A CG   1  
HETATM 38   C CD1  . DLE A 1 4 ? 6.901  -3.198 2.060  1.00 25.45 ? 4 DLE A CD1  1  
HETATM 39   C CD2  . DLE A 1 4 ? 6.301  -5.633 1.675  1.00 11.10 ? 4 DLE A CD2  1  
HETATM 40   C C    . DLE A 1 4 ? 2.552  -3.348 -0.271 1.00 41.14 ? 4 DLE A C    1  
HETATM 41   O O    . DLE A 1 4 ? 2.891  -3.793 -1.368 1.00 72.34 ? 4 DLE A O    1  
HETATM 42   H H    . DLE A 1 4 ? 3.882  -1.521 1.459  1.00 45.41 ? 4 DLE A H    1  
HETATM 43   H HA   . DLE A 1 4 ? 3.052  -4.323 1.569  1.00 30.14 ? 4 DLE A HA   1  
HETATM 44   H HB2  . DLE A 1 4 ? 5.340  -2.926 0.183  1.00 25.52 ? 4 DLE A HB2  1  
HETATM 45   H HB3  . DLE A 1 4 ? 4.927  -4.609 -0.083 1.00 33.54 ? 4 DLE A HB3  1  
HETATM 46   H HG   . DLE A 1 4 ? 5.154  -4.197 2.740  1.00 21.52 ? 4 DLE A HG   1  
HETATM 47   H HD11 . DLE A 1 4 ? 7.254  -3.265 3.089  1.00 51.35 ? 4 DLE A HD11 1  
HETATM 48   H HD12 . DLE A 1 4 ? 6.529  -2.192 1.868  1.00 51.03 ? 4 DLE A HD12 1  
HETATM 49   H HD13 . DLE A 1 4 ? 7.722  -3.419 1.378  1.00 32.55 ? 4 DLE A HD13 1  
HETATM 50   H HD21 . DLE A 1 4 ? 6.979  -5.671 0.823  1.00 62.43 ? 4 DLE A HD21 1  
HETATM 51   H HD22 . DLE A 1 4 ? 5.467  -6.314 1.507  1.00 30.35 ? 4 DLE A HD22 1  
HETATM 52   H HD23 . DLE A 1 4 ? 6.836  -5.930 2.578  1.00 61.04 ? 4 DLE A HD23 1  
ATOM   53   N N    . TYR A 1 5 ? 1.405  -2.709 -0.073 1.00 13.03 ? 5 TYR A N    1  
ATOM   54   C CA   . TYR A 1 5 ? 0.455  -2.489 -1.157 1.00 21.23 ? 5 TYR A CA   1  
ATOM   55   C C    . TYR A 1 5 ? 0.358  -1.007 -1.504 1.00 64.43 ? 5 TYR A C    1  
ATOM   56   O O    . TYR A 1 5 ? -0.576 -0.309 -1.109 1.00 0.11  ? 5 TYR A O    1  
ATOM   57   C CB   . TYR A 1 5 ? -0.926 -3.025 -0.770 1.00 42.54 ? 5 TYR A CB   1  
ATOM   58   C CG   . TYR A 1 5 ? -0.873 -4.224 0.150  1.00 63.22 ? 5 TYR A CG   1  
ATOM   59   C CD1  . TYR A 1 5 ? -0.729 -5.508 -0.358 1.00 45.34 ? 5 TYR A CD1  1  
ATOM   60   C CD2  . TYR A 1 5 ? -0.968 -4.071 1.528  1.00 42.41 ? 5 TYR A CD2  1  
ATOM   61   C CE1  . TYR A 1 5 ? -0.681 -6.607 0.478  1.00 32.12 ? 5 TYR A CE1  1  
ATOM   62   C CE2  . TYR A 1 5 ? -0.920 -5.164 2.373  1.00 73.45 ? 5 TYR A CE2  1  
ATOM   63   C CZ   . TYR A 1 5 ? -0.778 -6.429 1.843  1.00 45.32 ? 5 TYR A CZ   1  
ATOM   64   O OH   . TYR A 1 5 ? -0.729 -7.521 2.680  1.00 21.42 ? 5 TYR A OH   1  
ATOM   65   H H    . TYR A 1 5 ? 1.190  -2.378 0.824  1.00 54.43 ? 5 TYR A H    1  
ATOM   66   H HA   . TYR A 1 5 ? 0.809  -3.029 -2.023 1.00 33.22 ? 5 TYR A HA   1  
ATOM   67   H HB2  . TYR A 1 5 ? -1.479 -2.247 -0.268 1.00 53.12 ? 5 TYR A HB2  1  
ATOM   68   H HB3  . TYR A 1 5 ? -1.454 -3.316 -1.666 1.00 31.15 ? 5 TYR A HB3  1  
ATOM   69   H HD1  . TYR A 1 5 ? -0.654 -5.644 -1.428 1.00 13.31 ? 5 TYR A HD1  1  
ATOM   70   H HD2  . TYR A 1 5 ? -1.080 -3.079 1.939  1.00 12.23 ? 5 TYR A HD2  1  
ATOM   71   H HE1  . TYR A 1 5 ? -0.569 -7.598 0.064  1.00 23.43 ? 5 TYR A HE1  1  
ATOM   72   H HE2  . TYR A 1 5 ? -0.996 -5.025 3.441  1.00 52.20 ? 5 TYR A HE2  1  
ATOM   73   H HH   . TYR A 1 5 ? -1.407 -7.436 3.354  1.00 14.52 ? 5 TYR A HH   1  
ATOM   74   N N    . PRO A 1 6 ? 1.347  -0.513 -2.264 1.00 24.51 ? 6 PRO A N    1  
ATOM   75   C CA   . PRO A 1 6 ? 1.396  0.890  -2.685 1.00 72.11 ? 6 PRO A CA   1  
ATOM   76   C C    . PRO A 1 6 ? 0.312  1.230  -3.702 1.00 71.10 ? 6 PRO A C    1  
ATOM   77   O O    . PRO A 1 6 ? 0.138  2.391  -4.073 1.00 25.11 ? 6 PRO A O    1  
ATOM   78   C CB   . PRO A 1 6 ? 2.783  1.022  -3.318 1.00 75.31 ? 6 PRO A CB   1  
ATOM   79   C CG   . PRO A 1 6 ? 3.127  -0.356 -3.768 1.00 12.22 ? 6 PRO A CG   1  
ATOM   80   C CD   . PRO A 1 6 ? 2.491  -1.287 -2.773 1.00 31.20 ? 6 PRO A CD   1  
ATOM   81   H HA   . PRO A 1 6 ? 1.318  1.560  -1.841 1.00 54.03 ? 6 PRO A HA   1  
ATOM   82   H HB2  . PRO A 1 6 ? 2.738  1.711  -4.150 1.00 62.33 ? 6 PRO A HB2  1  
ATOM   83   H HB3  . PRO A 1 6 ? 3.486  1.383  -2.583 1.00 14.32 ? 6 PRO A HB3  1  
ATOM   84   H HG2  . PRO A 1 6 ? 2.725  -0.531 -4.754 1.00 71.43 ? 6 PRO A HG2  1  
ATOM   85   H HG3  . PRO A 1 6 ? 4.199  -0.484 -3.770 1.00 23.04 ? 6 PRO A HG3  1  
ATOM   86   H HD2  . PRO A 1 6 ? 2.159  -2.191 -3.261 1.00 41.04 ? 6 PRO A HD2  1  
ATOM   87   H HD3  . PRO A 1 6 ? 3.184  -1.518 -1.977 1.00 13.02 ? 6 PRO A HD3  1  
ATOM   88   N N    . TRP A 1 7 ? -0.414 0.211  -4.149 1.00 14.44 ? 7 TRP A N    1  
ATOM   89   C CA   . TRP A 1 7 ? -1.481 0.402  -5.123 1.00 73.41 ? 7 TRP A CA   1  
ATOM   90   C C    . TRP A 1 7 ? -2.832 0.541  -4.430 1.00 62.21 ? 7 TRP A C    1  
ATOM   91   O O    . TRP A 1 7 ? -3.866 0.154  -4.978 1.00 55.35 ? 7 TRP A O    1  
ATOM   92   C CB   . TRP A 1 7 ? -1.517 -0.768 -6.108 1.00 20.13 ? 7 TRP A CB   1  
ATOM   93   C CG   . TRP A 1 7 ? -1.658 -2.102 -5.440 1.00 10.13 ? 7 TRP A CG   1  
ATOM   94   C CD1  . TRP A 1 7 ? -2.811 -2.671 -4.979 1.00 15.23 ? 7 TRP A CD1  1  
ATOM   95   C CD2  . TRP A 1 7 ? -0.607 -3.034 -5.157 1.00 31.42 ? 7 TRP A CD2  1  
ATOM   96   N NE1  . TRP A 1 7 ? -2.540 -3.899 -4.426 1.00 23.41 ? 7 TRP A NE1  1  
ATOM   97   C CE2  . TRP A 1 7 ? -1.197 -4.145 -4.524 1.00 3.12  ? 7 TRP A CE2  1  
ATOM   98   C CE3  . TRP A 1 7 ? 0.772  -3.038 -5.379 1.00 25.13 ? 7 TRP A CE3  1  
ATOM   99   C CZ2  . TRP A 1 7 ? -0.452 -5.247 -4.110 1.00 63.22 ? 7 TRP A CZ2  1  
ATOM   100  C CZ3  . TRP A 1 7 ? 1.509  -4.132 -4.969 1.00 2.42  ? 7 TRP A CZ3  1  
ATOM   101  C CH2  . TRP A 1 7 ? 0.896  -5.225 -4.341 1.00 35.10 ? 7 TRP A CH2  1  
ATOM   102  H H    . TRP A 1 7 ? -0.227 -0.692 -3.815 1.00 43.03 ? 7 TRP A H    1  
ATOM   103  H HA   . TRP A 1 7 ? -1.274 1.312  -5.667 1.00 2.13  ? 7 TRP A HA   1  
ATOM   104  H HB2  . TRP A 1 7 ? -2.354 -0.641 -6.778 1.00 10.10 ? 7 TRP A HB2  1  
ATOM   105  H HB3  . TRP A 1 7 ? -0.601 -0.775 -6.679 1.00 43.23 ? 7 TRP A HB3  1  
ATOM   106  H HD1  . TRP A 1 7 ? -3.784 -2.208 -5.044 1.00 3.43  ? 7 TRP A HD1  1  
ATOM   107  H HE1  . TRP A 1 7 ? -3.204 -4.502 -4.028 1.00 0.44  ? 7 TRP A HE1  1  
ATOM   108  H HE3  . TRP A 1 7 ? 1.262  -2.205 -5.862 1.00 3.40  ? 7 TRP A HE3  1  
ATOM   109  H HZ2  . TRP A 1 7 ? -0.910 -6.097 -3.626 1.00 23.11 ? 7 TRP A HZ2  1  
ATOM   110  H HZ3  . TRP A 1 7 ? 2.577  -4.153 -5.132 1.00 13.24 ? 7 TRP A HZ3  1  
ATOM   111  H HH2  . TRP A 1 7 ? 1.512  -6.057 -4.036 1.00 23.42 ? 7 TRP A HH2  1  
ATOM   112  N N    . CYS A 1 8 ? -2.819 1.094  -3.221 1.00 61.44 ? 8 CYS A N    1  
ATOM   113  C CA   . CYS A 1 8 ? -4.044 1.283  -2.454 1.00 15.31 ? 8 CYS A CA   1  
ATOM   114  C C    . CYS A 1 8 ? -4.691 2.624  -2.784 1.00 34.43 ? 8 CYS A C    1  
ATOM   115  O O    . CYS A 1 8 ? -5.521 2.718  -3.689 1.00 21.24 ? 8 CYS A O    1  
ATOM   116  C CB   . CYS A 1 8 ? -3.747 1.203  -0.955 1.00 32.12 ? 8 CYS A CB   1  
ATOM   117  S SG   . CYS A 1 8 ? -3.859 -0.478 -0.263 1.00 40.43 ? 8 CYS A SG   1  
ATOM   118  H H    . CYS A 1 8 ? -1.964 1.382  -2.837 1.00 5.32  ? 8 CYS A H    1  
ATOM   119  H HA   . CYS A 1 8 ? -4.727 0.492  -2.719 1.00 24.43 ? 8 CYS A HA   1  
ATOM   120  H HB2  . CYS A 1 8 ? -2.745 1.566  -0.773 1.00 74.43 ? 8 CYS A HB2  1  
ATOM   121  H HB3  . CYS A 1 8 ? -4.451 1.826  -0.423 1.00 1.13  ? 8 CYS A HB3  1  
ATOM   122  N N    . GLY A 1 1 ? -0.357 4.356  5.287  1.00 71.24 ? 1 GLY A N    2  
ATOM   123  C CA   . GLY A 1 1 ? -1.206 3.950  4.183  1.00 52.14 ? 1 GLY A CA   2  
ATOM   124  C C    . GLY A 1 1 ? -1.327 2.443  4.068  1.00 14.23 ? 1 GLY A C    2  
ATOM   125  O O    . GLY A 1 1 ? -1.824 1.782  4.980  1.00 14.05 ? 1 GLY A O    2  
ATOM   126  H H1   . GLY A 1 1 ? -0.741 4.845  6.044  1.00 63.11 ? 1 GLY A H1   2  
ATOM   127  H HA2  . GLY A 1 1 ? -2.190 4.370  4.326  1.00 32.55 ? 1 GLY A HA2  2  
ATOM   128  H HA3  . GLY A 1 1 ? -0.791 4.336  3.263  1.00 41.41 ? 1 GLY A HA3  2  
ATOM   129  N N    . CYS A 1 2 ? -0.873 1.898  2.945  1.00 62.41 ? 2 CYS A N    2  
ATOM   130  C CA   . CYS A 1 2 ? -0.935 0.460  2.713  1.00 63.23 ? 2 CYS A CA   2  
ATOM   131  C C    . CYS A 1 2 ? 0.465  -0.124 2.543  1.00 61.42 ? 2 CYS A C    2  
ATOM   132  O O    . CYS A 1 2 ? 0.923  -0.346 1.422  1.00 3.41  ? 2 CYS A O    2  
ATOM   133  C CB   . CYS A 1 2 ? -1.780 0.158  1.474  1.00 12.13 ? 2 CYS A CB   2  
ATOM   134  S SG   . CYS A 1 2 ? -3.554 -0.076 1.822  1.00 43.24 ? 2 CYS A SG   2  
ATOM   135  H H    . CYS A 1 2 ? -0.488 2.477  2.254  1.00 52.43 ? 2 CYS A H    2  
ATOM   136  H HA   . CYS A 1 2 ? -1.400 0.004  3.574  1.00 50.41 ? 2 CYS A HA   2  
ATOM   137  H HB2  . CYS A 1 2 ? -1.688 0.978  0.776  1.00 24.23 ? 2 CYS A HB2  2  
ATOM   138  H HB3  . CYS A 1 2 ? -1.414 -0.746 1.009  1.00 34.44 ? 2 CYS A HB3  2  
ATOM   139  N N    . VAL A 1 3 ? 1.138  -0.370 3.662  1.00 61.31 ? 3 VAL A N    2  
ATOM   140  C CA   . VAL A 1 3 ? 2.483  -0.929 3.637  1.00 13.51 ? 3 VAL A CA   2  
ATOM   141  C C    . VAL A 1 3 ? 2.517  -2.247 2.870  1.00 14.44 ? 3 VAL A C    2  
ATOM   142  O O    . VAL A 1 3 ? 1.839  -3.193 3.268  1.00 52.30 ? 3 VAL A O    2  
ATOM   143  C CB   . VAL A 1 3 ? 3.021  -1.163 5.061  1.00 33.43 ? 3 VAL A CB   2  
ATOM   144  C CG1  . VAL A 1 3 ? 3.359  0.162  5.729  1.00 61.15 ? 3 VAL A CG1  2  
ATOM   145  C CG2  . VAL A 1 3 ? 2.011  -1.943 5.890  1.00 54.50 ? 3 VAL A CG2  2  
ATOM   146  H H    . VAL A 1 3 ? 0.718  -0.172 4.525  1.00 61.13 ? 3 VAL A H    2  
ATOM   147  H HA   . VAL A 1 3 ? 3.131  -0.219 3.142  1.00 2.43  ? 3 VAL A HA   2  
ATOM   148  H HB   . VAL A 1 3 ? 3.926  -1.747 4.992  1.00 53.44 ? 3 VAL A HB   2  
ATOM   149  H HG11 . VAL A 1 3 ? 4.383  0.426  5.503  1.00 32.24 ? 3 VAL A HG11 2  
ATOM   150  H HG12 . VAL A 1 3 ? 2.697  0.931  5.359  1.00 53.15 ? 3 VAL A HG12 2  
ATOM   151  H HG13 . VAL A 1 3 ? 3.239  0.068  6.798  1.00 44.13 ? 3 VAL A HG13 2  
ATOM   152  H HG21 . VAL A 1 3 ? 1.650  -1.321 6.695  1.00 73.32 ? 3 VAL A HG21 2  
ATOM   153  H HG22 . VAL A 1 3 ? 1.182  -2.239 5.263  1.00 54.22 ? 3 VAL A HG22 2  
ATOM   154  H HG23 . VAL A 1 3 ? 2.484  -2.824 6.299  1.00 54.14 ? 3 VAL A HG23 2  
HETATM 155  N N    . DLE A 1 4 ? 3.298  -2.281 1.801  1.00 22.40 ? 4 DLE A N    2  
HETATM 156  C CA   . DLE A 1 4 ? 3.410  -3.484 0.994  1.00 61.31 ? 4 DLE A CA   2  
HETATM 157  C CB   . DLE A 1 4 ? 4.876  -3.786 0.681  1.00 53.24 ? 4 DLE A CB   2  
HETATM 158  C CG   . DLE A 1 4 ? 5.748  -4.184 1.874  1.00 72.23 ? 4 DLE A CG   2  
HETATM 159  C CD1  . DLE A 1 4 ? 6.871  -3.169 2.095  1.00 53.24 ? 4 DLE A CD1  2  
HETATM 160  C CD2  . DLE A 1 4 ? 6.285  -5.607 1.710  1.00 61.24 ? 4 DLE A CD2  2  
HETATM 161  C C    . DLE A 1 4 ? 2.532  -3.340 -0.252 1.00 15.31 ? 4 DLE A C    2  
HETATM 162  O O    . DLE A 1 4 ? 2.878  -3.783 -1.348 1.00 3.12  ? 4 DLE A O    2  
HETATM 163  H H    . DLE A 1 4 ? 3.847  -1.507 1.484  1.00 63.23 ? 4 DLE A H    2  
HETATM 164  H HA   . DLE A 1 4 ? 3.030  -4.314 1.590  1.00 34.42 ? 4 DLE A HA   2  
HETATM 165  H HB2  . DLE A 1 4 ? 5.316  -2.905 0.213  1.00 62.22 ? 4 DLE A HB2  2  
HETATM 166  H HB3  . DLE A 1 4 ? 4.913  -4.589 -0.055 1.00 1.20  ? 4 DLE A HB3  2  
HETATM 167  H HG   . DLE A 1 4 ? 5.126  -4.176 2.769  1.00 4.02  ? 4 DLE A HG   2  
HETATM 168  H HD11 . DLE A 1 4 ? 6.441  -2.197 2.336  1.00 63.11 ? 4 DLE A HD11 2  
HETATM 169  H HD12 . DLE A 1 4 ? 7.471  -3.087 1.189  1.00 23.54 ? 4 DLE A HD12 2  
HETATM 170  H HD13 . DLE A 1 4 ? 7.503  -3.500 2.919  1.00 42.50 ? 4 DLE A HD13 2  
HETATM 171  H HD21 . DLE A 1 4 ? 6.570  -6.003 2.684  1.00 14.14 ? 4 DLE A HD21 2  
HETATM 172  H HD22 . DLE A 1 4 ? 7.157  -5.593 1.055  1.00 62.13 ? 4 DLE A HD22 2  
HETATM 173  H HD23 . DLE A 1 4 ? 5.513  -6.239 1.271  1.00 30.24 ? 4 DLE A HD23 2  
ATOM   174  N N    . TYR A 1 5 ? 1.382  -2.706 -0.058 1.00 22.32 ? 5 TYR A N    2  
ATOM   175  C CA   . TYR A 1 5 ? 0.434  -2.491 -1.146 1.00 42.40 ? 5 TYR A CA   2  
ATOM   176  C C    . TYR A 1 5 ? 0.332  -1.009 -1.493 1.00 61.41 ? 5 TYR A C    2  
ATOM   177  O O    . TYR A 1 5 ? -0.607 -0.317 -1.101 1.00 20.11 ? 5 TYR A O    2  
ATOM   178  C CB   . TYR A 1 5 ? -0.944 -3.033 -0.765 1.00 3.32  ? 5 TYR A CB   2  
ATOM   179  C CG   . TYR A 1 5 ? -0.890 -4.233 0.155  1.00 13.41 ? 5 TYR A CG   2  
ATOM   180  C CD1  . TYR A 1 5 ? -0.735 -5.516 -0.353 1.00 44.10 ? 5 TYR A CD1  2  
ATOM   181  C CD2  . TYR A 1 5 ? -0.993 -4.082 1.532  1.00 20.23 ? 5 TYR A CD2  2  
ATOM   182  C CE1  . TYR A 1 5 ? -0.686 -6.615 0.483  1.00 14.51 ? 5 TYR A CE1  2  
ATOM   183  C CE2  . TYR A 1 5 ? -0.943 -5.174 2.377  1.00 23.43 ? 5 TYR A CE2  2  
ATOM   184  C CZ   . TYR A 1 5 ? -0.790 -6.439 1.847  1.00 30.33 ? 5 TYR A CZ   2  
ATOM   185  O OH   . TYR A 1 5 ? -0.741 -7.529 2.685  1.00 20.44 ? 5 TYR A OH   2  
ATOM   186  H H    . TYR A 1 5 ? 1.162  -2.376 0.838  1.00 22.00 ? 5 TYR A H    2  
ATOM   187  H HA   . TYR A 1 5 ? 0.795  -3.029 -2.011 1.00 15.30 ? 5 TYR A HA   2  
ATOM   188  H HB2  . TYR A 1 5 ? -1.503 -2.258 -0.264 1.00 41.15 ? 5 TYR A HB2  2  
ATOM   189  H HB3  . TYR A 1 5 ? -1.469 -3.327 -1.662 1.00 42.43 ? 5 TYR A HB3  2  
ATOM   190  H HD1  . TYR A 1 5 ? -0.654 -5.651 -1.422 1.00 21.02 ? 5 TYR A HD1  2  
ATOM   191  H HD2  . TYR A 1 5 ? -1.115 -3.090 1.944  1.00 41.55 ? 5 TYR A HD2  2  
ATOM   192  H HE1  . TYR A 1 5 ? -0.566 -7.605 0.070  1.00 71.24 ? 5 TYR A HE1  2  
ATOM   193  H HE2  . TYR A 1 5 ? -1.025 -5.036 3.445  1.00 23.24 ? 5 TYR A HE2  2  
ATOM   194  H HH   . TYR A 1 5 ? -0.303 -8.257 2.237  1.00 22.50 ? 5 TYR A HH   2  
ATOM   195  N N    . PRO A 1 6 ? 1.322  -0.511 -2.250 1.00 30.54 ? 6 PRO A N    2  
ATOM   196  C CA   . PRO A 1 6 ? 1.365  0.893  -2.669 1.00 71.12 ? 6 PRO A CA   2  
ATOM   197  C C    . PRO A 1 6 ? 0.283  1.227  -3.691 1.00 54.22 ? 6 PRO A C    2  
ATOM   198  O O    . PRO A 1 6 ? 0.105  2.387  -4.063 1.00 33.24 ? 6 PRO A O    2  
ATOM   199  C CB   . PRO A 1 6 ? 2.755  1.032  -3.297 1.00 20.31 ? 6 PRO A CB   2  
ATOM   200  C CG   . PRO A 1 6 ? 3.106  -0.344 -3.746 1.00 52.01 ? 6 PRO A CG   2  
ATOM   201  C CD   . PRO A 1 6 ? 2.472  -1.279 -2.753 1.00 73.24 ? 6 PRO A CD   2  
ATOM   202  H HA   . PRO A 1 6 ? 1.282  1.563  -1.826 1.00 25.15 ? 6 PRO A HA   2  
ATOM   203  H HB2  . PRO A 1 6 ? 2.709  1.720  -4.129 1.00 73.30 ? 6 PRO A HB2  2  
ATOM   204  H HB3  . PRO A 1 6 ? 3.452  1.397  -2.558 1.00 40.10 ? 6 PRO A HB3  2  
ATOM   205  H HG2  . PRO A 1 6 ? 2.710  -0.520 -4.734 1.00 61.14 ? 6 PRO A HG2  2  
ATOM   206  H HG3  . PRO A 1 6 ? 4.180  -0.467 -3.744 1.00 31.24 ? 6 PRO A HG3  2  
ATOM   207  H HD2  . PRO A 1 6 ? 2.147  -2.185 -3.244 1.00 34.25 ? 6 PRO A HD2  2  
ATOM   208  H HD3  . PRO A 1 6 ? 3.162  -1.506 -1.954 1.00 60.23 ? 6 PRO A HD3  2  
ATOM   209  N N    . TRP A 1 7 ? -0.435 0.206  -4.141 1.00 3.52  ? 7 TRP A N    2  
ATOM   210  C CA   . TRP A 1 7 ? -1.500 0.392  -5.120 1.00 12.43 ? 7 TRP A CA   2  
ATOM   211  C C    . TRP A 1 7 ? -2.855 0.523  -4.432 1.00 3.51  ? 7 TRP A C    2  
ATOM   212  O O    . TRP A 1 7 ? -3.883 0.131  -4.984 1.00 71.34 ? 7 TRP A O    2  
ATOM   213  C CB   . TRP A 1 7 ? -1.526 -0.778 -6.105 1.00 3.14  ? 7 TRP A CB   2  
ATOM   214  C CG   . TRP A 1 7 ? -1.664 -2.113 -5.438 1.00 30.43 ? 7 TRP A CG   2  
ATOM   215  C CD1  . TRP A 1 7 ? -2.816 -2.682 -4.972 1.00 61.04 ? 7 TRP A CD1  2  
ATOM   216  C CD2  . TRP A 1 7 ? -0.614 -3.046 -5.160 1.00 43.04 ? 7 TRP A CD2  2  
ATOM   217  N NE1  . TRP A 1 7 ? -2.543 -3.911 -4.423 1.00 23.53 ? 7 TRP A NE1  2  
ATOM   218  C CE2  . TRP A 1 7 ? -1.200 -4.159 -4.527 1.00 34.31 ? 7 TRP A CE2  2  
ATOM   219  C CE3  . TRP A 1 7 ? 0.765  -3.051 -5.388 1.00 61.32 ? 7 TRP A CE3  2  
ATOM   220  C CZ2  . TRP A 1 7 ? -0.456 -5.261 -4.118 1.00 54.23 ? 7 TRP A CZ2  2  
ATOM   221  C CZ3  . TRP A 1 7 ? 1.503  -4.145 -4.982 1.00 51.13 ? 7 TRP A CZ3  2  
ATOM   222  C CH2  . TRP A 1 7 ? 0.893  -5.239 -4.353 1.00 30.12 ? 7 TRP A CH2  2  
ATOM   223  H H    . TRP A 1 7 ? -0.245 -0.696 -3.806 1.00 65.32 ? 7 TRP A H    2  
ATOM   224  H HA   . TRP A 1 7 ? -1.295 1.303  -5.662 1.00 42.21 ? 7 TRP A HA   2  
ATOM   225  H HB2  . TRP A 1 7 ? -2.360 -0.654 -6.780 1.00 11.44 ? 7 TRP A HB2  2  
ATOM   226  H HB3  . TRP A 1 7 ? -0.606 -0.782 -6.672 1.00 11.02 ? 7 TRP A HB3  2  
ATOM   227  H HD1  . TRP A 1 7 ? -3.789 -2.219 -5.033 1.00 0.41  ? 7 TRP A HD1  2  
ATOM   228  H HE1  . TRP A 1 7 ? -3.206 -4.513 -4.023 1.00 4.43  ? 7 TRP A HE1  2  
ATOM   229  H HE3  . TRP A 1 7 ? 1.254  -2.217 -5.871 1.00 40.43 ? 7 TRP A HE3  2  
ATOM   230  H HZ2  . TRP A 1 7 ? -0.912 -6.111 -3.632 1.00 45.13 ? 7 TRP A HZ2  2  
ATOM   231  H HZ3  . TRP A 1 7 ? 2.570  -4.166 -5.149 1.00 40.21 ? 7 TRP A HZ3  2  
ATOM   232  H HH2  . TRP A 1 7 ? 1.508  -6.071 -4.053 1.00 4.51  ? 7 TRP A HH2  2  
ATOM   233  N N    . CYS A 1 8 ? -2.849 1.075  -3.223 1.00 53.45 ? 8 CYS A N    2  
ATOM   234  C CA   . CYS A 1 8 ? -4.077 1.259  -2.460 1.00 4.54  ? 8 CYS A CA   2  
ATOM   235  C C    . CYS A 1 8 ? -4.731 2.597  -2.792 1.00 43.24 ? 8 CYS A C    2  
ATOM   236  O O    . CYS A 1 8 ? -5.111 2.845  -3.937 1.00 15.34 ? 8 CYS A O    2  
ATOM   237  C CB   . CYS A 1 8 ? -3.786 1.180  -0.959 1.00 62.05 ? 8 CYS A CB   2  
ATOM   238  S SG   . CYS A 1 8 ? -3.891 -0.502 -0.269 1.00 22.11 ? 8 CYS A SG   2  
ATOM   239  H H    . CYS A 1 8 ? -1.997 1.368  -2.835 1.00 14.11 ? 8 CYS A H    2  
ATOM   240  H HA   . CYS A 1 8 ? -4.756 0.464  -2.728 1.00 45.51 ? 8 CYS A HA   2  
ATOM   241  H HB2  . CYS A 1 8 ? -2.787 1.549  -0.775 1.00 45.20 ? 8 CYS A HB2  2  
ATOM   242  H HB3  . CYS A 1 8 ? -4.495 1.798  -0.430 1.00 33.22 ? 8 CYS A HB3  2  
ATOM   243  N N    . GLY A 1 1 ? -0.396 4.384  5.258  1.00 64.30 ? 1 GLY A N    3  
ATOM   244  C CA   . GLY A 1 1 ? -1.216 3.978  4.131  1.00 44.50 ? 1 GLY A CA   3  
ATOM   245  C C    . GLY A 1 1 ? -1.344 2.471  4.021  1.00 21.03 ? 1 GLY A C    3  
ATOM   246  O O    . GLY A 1 1 ? -1.851 1.814  4.931  1.00 33.24 ? 1 GLY A O    3  
ATOM   247  H H1   . GLY A 1 1 ? -0.335 3.808  6.049  1.00 53.22 ? 1 GLY A H1   3  
ATOM   248  H HA2  . GLY A 1 1 ? -2.201 4.404  4.244  1.00 20.11 ? 1 GLY A HA2  3  
ATOM   249  H HA3  . GLY A 1 1 ? -0.773 4.356  3.223  1.00 41.44 ? 1 GLY A HA3  3  
ATOM   250  N N    . CYS A 1 2 ? -0.884 1.920  2.902  1.00 24.23 ? 2 CYS A N    3  
ATOM   251  C CA   . CYS A 1 2 ? -0.951 0.481  2.674  1.00 34.24 ? 2 CYS A CA   3  
ATOM   252  C C    . CYS A 1 2 ? 0.447  -0.111 2.518  1.00 33.35 ? 2 CYS A C    3  
ATOM   253  O O    . CYS A 1 2 ? 0.915  -0.338 1.403  1.00 4.42  ? 2 CYS A O    3  
ATOM   254  C CB   . CYS A 1 2 ? -1.786 0.180  1.428  1.00 11.24 ? 2 CYS A CB   3  
ATOM   255  S SG   . CYS A 1 2 ? -3.563 -0.045 1.760  1.00 30.43 ? 2 CYS A SG   3  
ATOM   256  H H    . CYS A 1 2 ? -0.491 2.495  2.213  1.00 52.21 ? 2 CYS A H    3  
ATOM   257  H HA   . CYS A 1 2 ? -1.426 0.031  3.533  1.00 64.14 ? 2 CYS A HA   3  
ATOM   258  H HB2  . CYS A 1 2 ? -1.685 0.998  0.730  1.00 42.14 ? 2 CYS A HB2  3  
ATOM   259  H HB3  . CYS A 1 2 ? -1.420 -0.727 0.970  1.00 72.33 ? 2 CYS A HB3  3  
ATOM   260  N N    . VAL A 1 3 ? 1.108  -0.357 3.645  1.00 55.20 ? 3 VAL A N    3  
ATOM   261  C CA   . VAL A 1 3 ? 2.452  -0.923 3.635  1.00 20.43 ? 3 VAL A CA   3  
ATOM   262  C C    . VAL A 1 3 ? 2.486  -2.243 2.873  1.00 31.23 ? 3 VAL A C    3  
ATOM   263  O O    . VAL A 1 3 ? 1.799  -3.184 3.267  1.00 23.53 ? 3 VAL A O    3  
ATOM   264  C CB   . VAL A 1 3 ? 2.974  -1.155 5.065  1.00 34.35 ? 3 VAL A CB   3  
ATOM   265  C CG1  . VAL A 1 3 ? 3.313  0.170  5.731  1.00 71.02 ? 3 VAL A CG1  3  
ATOM   266  C CG2  . VAL A 1 3 ? 1.952  -1.928 5.886  1.00 13.02 ? 3 VAL A CG2  3  
ATOM   267  H H    . VAL A 1 3 ? 0.682  -0.153 4.504  1.00 65.15 ? 3 VAL A H    3  
ATOM   268  H HA   . VAL A 1 3 ? 3.108  -0.218 3.144  1.00 25.24 ? 3 VAL A HA   3  
ATOM   269  H HB   . VAL A 1 3 ? 3.877  -1.744 5.006  1.00 24.40 ? 3 VAL A HB   3  
ATOM   270  H HG11 . VAL A 1 3 ? 2.484  0.853  5.616  1.00 3.34  ? 3 VAL A HG11 3  
ATOM   271  H HG12 . VAL A 1 3 ? 3.505  0.007  6.781  1.00 24.34 ? 3 VAL A HG12 3  
ATOM   272  H HG13 . VAL A 1 3 ? 4.192  0.592  5.266  1.00 70.53 ? 3 VAL A HG13 3  
ATOM   273  H HG21 . VAL A 1 3 ? 1.593  -1.304 6.692  1.00 42.34 ? 3 VAL A HG21 3  
ATOM   274  H HG22 . VAL A 1 3 ? 1.123  -2.212 5.255  1.00 61.33 ? 3 VAL A HG22 3  
ATOM   275  H HG23 . VAL A 1 3 ? 2.414  -2.814 6.293  1.00 14.54 ? 3 VAL A HG23 3  
HETATM 276  N N    . DLE A 1 4 ? 3.276  -2.284 1.810  1.00 24.01 ? 4 DLE A N    3  
HETATM 277  C CA   . DLE A 1 4 ? 3.388  -3.489 1.007  1.00 5.43  ? 4 DLE A CA   3  
HETATM 278  C CB   . DLE A 1 4 ? 4.856  -3.801 0.709  1.00 14.43 ? 4 DLE A CB   3  
HETATM 279  C CG   . DLE A 1 4 ? 5.715  -4.200 1.912  1.00 60.32 ? 4 DLE A CG   3  
HETATM 280  C CD1  . DLE A 1 4 ? 6.841  -3.190 2.141  1.00 51.03 ? 4 DLE A CD1  3  
HETATM 281  C CD2  . DLE A 1 4 ? 6.246  -5.626 1.756  1.00 54.02 ? 4 DLE A CD2  3  
HETATM 282  C C    . DLE A 1 4 ? 2.524  -3.345 -0.247 1.00 5.11  ? 4 DLE A C    3  
HETATM 283  O O    . DLE A 1 4 ? 2.877  -3.793 -1.338 1.00 41.21 ? 4 DLE A O    3  
HETATM 284  H H    . DLE A 1 4 ? 3.831  -1.514 1.496  1.00 10.35 ? 4 DLE A H    3  
HETATM 285  H HA   . DLE A 1 4 ? 2.999  -4.316 1.602  1.00 35.41 ? 4 DLE A HA   3  
HETATM 286  H HB2  . DLE A 1 4 ? 5.305  -2.924 0.243  1.00 54.11 ? 4 DLE A HB2  3  
HETATM 287  H HB3  . DLE A 1 4 ? 4.896  -4.606 -0.023 1.00 70.33 ? 4 DLE A HB3  3  
HETATM 288  H HG   . DLE A 1 4 ? 5.084  -4.186 2.801  1.00 55.34 ? 4 DLE A HG   3  
HETATM 289  H HD11 . DLE A 1 4 ? 7.410  -3.474 3.027  1.00 64.44 ? 4 DLE A HD11 3  
HETATM 290  H HD12 . DLE A 1 4 ? 6.416  -2.197 2.286  1.00 34.34 ? 4 DLE A HD12 3  
HETATM 291  H HD13 . DLE A 1 4 ? 7.502  -3.178 1.274  1.00 24.33 ? 4 DLE A HD13 3  
HETATM 292  H HD21 . DLE A 1 4 ? 6.588  -5.777 0.733  1.00 53.13 ? 4 DLE A HD21 3  
HETATM 293  H HD22 . DLE A 1 4 ? 5.452  -6.337 1.983  1.00 71.21 ? 4 DLE A HD22 3  
HETATM 294  H HD23 . DLE A 1 4 ? 7.078  -5.780 2.445  1.00 65.45 ? 4 DLE A HD23 3  
ATOM   295  N N    . TYR A 1 5 ? 1.375  -2.705 -0.065 1.00 25.12 ? 5 TYR A N    3  
ATOM   296  C CA   . TYR A 1 5 ? 0.439  -2.489 -1.162 1.00 53.14 ? 5 TYR A CA   3  
ATOM   297  C C    . TYR A 1 5 ? 0.347  -1.007 -1.516 1.00 53.42 ? 5 TYR A C    3  
ATOM   298  O O    . TYR A 1 5 ? -0.591 -0.308 -1.134 1.00 22.04 ? 5 TYR A O    3  
ATOM   299  C CB   . TYR A 1 5 ? -0.946 -3.022 -0.793 1.00 5.32  ? 5 TYR A CB   3  
ATOM   300  C CG   . TYR A 1 5 ? -0.907 -4.219 0.131  1.00 61.13 ? 5 TYR A CG   3  
ATOM   301  C CD1  . TYR A 1 5 ? -0.756 -5.505 -0.373 1.00 2.21  ? 5 TYR A CD1  3  
ATOM   302  C CD2  . TYR A 1 5 ? -1.021 -4.063 1.507  1.00 22.44 ? 5 TYR A CD2  3  
ATOM   303  C CE1  . TYR A 1 5 ? -0.720 -6.602 0.468  1.00 53.01 ? 5 TYR A CE1  3  
ATOM   304  C CE2  . TYR A 1 5 ? -0.985 -5.154 2.355  1.00 32.20 ? 5 TYR A CE2  3  
ATOM   305  C CZ   . TYR A 1 5 ? -0.834 -6.420 1.830  1.00 31.23 ? 5 TYR A CZ   3  
ATOM   306  O OH   . TYR A 1 5 ? -0.799 -7.509 2.671  1.00 2.11  ? 5 TYR A OH   3  
ATOM   307  H H    . TYR A 1 5 ? 1.148  -2.371 0.828  1.00 0.11  ? 5 TYR A H    3  
ATOM   308  H HA   . TYR A 1 5 ? 0.805  -3.030 -2.023 1.00 12.21 ? 5 TYR A HA   3  
ATOM   309  H HB2  . TYR A 1 5 ? -1.506 -2.243 -0.301 1.00 14.23 ? 5 TYR A HB2  3  
ATOM   310  H HB3  . TYR A 1 5 ? -1.463 -3.316 -1.695 1.00 22.35 ? 5 TYR A HB3  3  
ATOM   311  H HD1  . TYR A 1 5 ? -0.667 -5.644 -1.440 1.00 15.31 ? 5 TYR A HD1  3  
ATOM   312  H HD2  . TYR A 1 5 ? -1.139 -3.069 1.915  1.00 63.33 ? 5 TYR A HD2  3  
ATOM   313  H HE1  . TYR A 1 5 ? -0.602 -7.594 0.058  1.00 20.03 ? 5 TYR A HE1  3  
ATOM   314  H HE2  . TYR A 1 5 ? -1.075 -5.012 3.421  1.00 21.14 ? 5 TYR A HE2  3  
ATOM   315  H HH   . TYR A 1 5 ? 0.113  -7.719 2.885  1.00 63.51 ? 5 TYR A HH   3  
ATOM   316  N N    . PRO A 1 6 ? 1.347  -0.515 -2.264 1.00 64.50 ? 6 PRO A N    3  
ATOM   317  C CA   . PRO A 1 6 ? 1.401  0.887  -2.688 1.00 52.41 ? 6 PRO A CA   3  
ATOM   318  C C    . PRO A 1 6 ? 0.332  1.224  -3.720 1.00 44.01 ? 6 PRO A C    3  
ATOM   319  O O    . PRO A 1 6 ? 0.163  2.383  -4.096 1.00 74.35 ? 6 PRO A O    3  
ATOM   320  C CB   . PRO A 1 6 ? 2.797  1.016  -3.302 1.00 55.12 ? 6 PRO A CB   3  
ATOM   321  C CG   . PRO A 1 6 ? 3.147  -0.363 -3.744 1.00 74.12 ? 6 PRO A CG   3  
ATOM   322  C CD   . PRO A 1 6 ? 2.498  -1.291 -2.755 1.00 21.33 ? 6 PRO A CD   3  
ATOM   323  H HA   . PRO A 1 6 ? 1.313  1.559  -1.846 1.00 43.55 ? 6 PRO A HA   3  
ATOM   324  H HB2  . PRO A 1 6 ? 2.764  1.703  -4.137 1.00 20.53 ? 6 PRO A HB2  3  
ATOM   325  H HB3  . PRO A 1 6 ? 3.491  1.380  -2.558 1.00 22.23 ? 6 PRO A HB3  3  
ATOM   326  H HG2  . PRO A 1 6 ? 2.759  -0.540 -4.735 1.00 1.10  ? 6 PRO A HG2  3  
ATOM   327  H HG3  . PRO A 1 6 ? 4.218  -0.492 -3.731 1.00 51.42 ? 6 PRO A HG3  3  
ATOM   328  H HD2  . PRO A 1 6 ? 2.172  -2.197 -3.245 1.00 51.31 ? 6 PRO A HD2  3  
ATOM   329  H HD3  . PRO A 1 6 ? 3.179  -1.520 -1.949 1.00 30.15 ? 6 PRO A HD3  3  
ATOM   330  N N    . TRP A 1 7 ? -0.388 0.204  -4.173 1.00 60.32 ? 7 TRP A N    3  
ATOM   331  C CA   . TRP A 1 7 ? -1.443 0.393  -5.163 1.00 44.30 ? 7 TRP A CA   3  
ATOM   332  C C    . TRP A 1 7 ? -2.803 0.534  -4.488 1.00 34.23 ? 7 TRP A C    3  
ATOM   333  O O    . TRP A 1 7 ? -3.829 0.147  -5.049 1.00 41.54 ? 7 TRP A O    3  
ATOM   334  C CB   . TRP A 1 7 ? -1.466 -0.780 -6.144 1.00 43.11 ? 7 TRP A CB   3  
ATOM   335  C CG   . TRP A 1 7 ? -1.620 -2.112 -5.474 1.00 71.20 ? 7 TRP A CG   3  
ATOM   336  C CD1  . TRP A 1 7 ? -2.781 -2.676 -5.028 1.00 12.04 ? 7 TRP A CD1  3  
ATOM   337  C CD2  . TRP A 1 7 ? -0.577 -3.046 -5.174 1.00 21.33 ? 7 TRP A CD2  3  
ATOM   338  N NE1  . TRP A 1 7 ? -2.523 -3.904 -4.468 1.00 72.23 ? 7 TRP A NE1  3  
ATOM   339  C CE2  . TRP A 1 7 ? -1.179 -4.154 -4.547 1.00 51.51 ? 7 TRP A CE2  3  
ATOM   340  C CE3  . TRP A 1 7 ? 0.805  -3.055 -5.377 1.00 51.20 ? 7 TRP A CE3  3  
ATOM   341  C CZ2  . TRP A 1 7 ? -0.444 -5.257 -4.120 1.00 15.31 ? 7 TRP A CZ2  3  
ATOM   342  C CZ3  . TRP A 1 7 ? 1.534  -4.150 -4.952 1.00 23.13 ? 7 TRP A CZ3  3  
ATOM   343  C CH2  . TRP A 1 7 ? 0.909  -5.239 -4.330 1.00 30.43 ? 7 TRP A CH2  3  
ATOM   344  H H    . TRP A 1 7 ? -0.206 -0.698 -3.834 1.00 63.12 ? 7 TRP A H    3  
ATOM   345  H HA   . TRP A 1 7 ? -1.227 1.301  -5.706 1.00 21.42 ? 7 TRP A HA   3  
ATOM   346  H HB2  . TRP A 1 7 ? -2.292 -0.653 -6.827 1.00 63.14 ? 7 TRP A HB2  3  
ATOM   347  H HB3  . TRP A 1 7 ? -0.540 -0.791 -6.702 1.00 3.22  ? 7 TRP A HB3  3  
ATOM   348  H HD1  . TRP A 1 7 ? -3.752 -2.211 -5.108 1.00 0.34  ? 7 TRP A HD1  3  
ATOM   349  H HE1  . TRP A 1 7 ? -3.193 -4.503 -4.077 1.00 62.32 ? 7 TRP A HE1  3  
ATOM   350  H HE3  . TRP A 1 7 ? 1.305  -2.225 -5.855 1.00 3.53  ? 7 TRP A HE3  3  
ATOM   351  H HZ2  . TRP A 1 7 ? -0.911 -6.105 -3.639 1.00 32.13 ? 7 TRP A HZ2  3  
ATOM   352  H HZ3  . TRP A 1 7 ? 2.604  -4.175 -5.099 1.00 63.41 ? 7 TRP A HZ3  3  
ATOM   353  H HH2  . TRP A 1 7 ? 1.516  -6.073 -4.014 1.00 73.14 ? 7 TRP A HH2  3  
ATOM   354  N N    . CYS A 1 8 ? -2.806 1.090  -3.281 1.00 53.33 ? 8 CYS A N    3  
ATOM   355  C CA   . CYS A 1 8 ? -4.040 1.283  -2.530 1.00 4.32  ? 8 CYS A CA   3  
ATOM   356  C C    . CYS A 1 8 ? -4.682 2.623  -2.872 1.00 74.44 ? 8 CYS A C    3  
ATOM   357  O O    . CYS A 1 8 ? -5.902 2.774  -2.804 1.00 10.44 ? 8 CYS A O    3  
ATOM   358  C CB   . CYS A 1 8 ? -3.763 1.206  -1.027 1.00 75.12 ? 8 CYS A CB   3  
ATOM   359  S SG   . CYS A 1 8 ? -3.883 -0.474 -0.333 1.00 0.24  ? 8 CYS A SG   3  
ATOM   360  H H    . CYS A 1 8 ? -1.955 1.379  -2.885 1.00 64.53 ? 8 CYS A H    3  
ATOM   361  H HA   . CYS A 1 8 ? -4.721 0.491  -2.802 1.00 1.40  ? 8 CYS A HA   3  
ATOM   362  H HB2  . CYS A 1 8 ? -2.765 1.570  -0.833 1.00 64.03 ? 8 CYS A HB2  3  
ATOM   363  H HB3  . CYS A 1 8 ? -4.475 1.830  -0.506 1.00 4.23  ? 8 CYS A HB3  3  
ATOM   364  N N    . GLY A 1 1 ? -0.553 4.346  5.387  1.00 20.14 ? 1 GLY A N    4  
ATOM   365  C CA   . GLY A 1 1 ? -1.249 3.932  4.182  1.00 30.22 ? 1 GLY A CA   4  
ATOM   366  C C    . GLY A 1 1 ? -1.361 2.425  4.066  1.00 43.15 ? 1 GLY A C    4  
ATOM   367  O O    . GLY A 1 1 ? -1.858 1.760  4.975  1.00 60.21 ? 1 GLY A O    4  
ATOM   368  H H1   . GLY A 1 1 ? 0.380  4.643  5.335  1.00 44.12 ? 1 GLY A H1   4  
ATOM   369  H HA2  . GLY A 1 1 ? -2.241 4.357  4.188  1.00 10.25 ? 1 GLY A HA2  4  
ATOM   370  H HA3  . GLY A 1 1 ? -0.713 4.308  3.324  1.00 74.42 ? 1 GLY A HA3  4  
ATOM   371  N N    . CYS A 1 2 ? -0.899 1.884  2.944  1.00 43.22 ? 2 CYS A N    4  
ATOM   372  C CA   . CYS A 1 2 ? -0.951 0.446  2.709  1.00 23.34 ? 2 CYS A CA   4  
ATOM   373  C C    . CYS A 1 2 ? 0.452  -0.129 2.543  1.00 63.44 ? 2 CYS A C    4  
ATOM   374  O O    . CYS A 1 2 ? 0.917  -0.345 1.423  1.00 41.15 ? 2 CYS A O    4  
ATOM   375  C CB   . CYS A 1 2 ? -1.791 0.140  1.468  1.00 21.12 ? 2 CYS A CB   4  
ATOM   376  S SG   . CYS A 1 2 ? -3.563 -0.106 1.811  1.00 63.33 ? 2 CYS A SG   4  
ATOM   377  H H    . CYS A 1 2 ? -0.514 2.467  2.255  1.00 23.24 ? 2 CYS A H    4  
ATOM   378  H HA   . CYS A 1 2 ? -1.415 -0.013 3.569  1.00 23.15 ? 2 CYS A HA   4  
ATOM   379  H HB2  . CYS A 1 2 ? -1.703 0.962  0.772  1.00 3.22  ? 2 CYS A HB2  4  
ATOM   380  H HB3  . CYS A 1 2 ? -1.417 -0.760 1.002  1.00 32.13 ? 2 CYS A HB3  4  
ATOM   381  N N    . VAL A 1 3 ? 1.123  -0.375 3.663  1.00 10.44 ? 3 VAL A N    4  
ATOM   382  C CA   . VAL A 1 3 ? 2.472  -0.927 3.641  1.00 34.11 ? 3 VAL A CA   4  
ATOM   383  C C    . VAL A 1 3 ? 2.516  -2.242 2.873  1.00 12.14 ? 3 VAL A C    4  
ATOM   384  O O    . VAL A 1 3 ? 1.842  -3.193 3.267  1.00 12.20 ? 3 VAL A O    4  
ATOM   385  C CB   . VAL A 1 3 ? 3.006  -1.159 5.067  1.00 42.21 ? 3 VAL A CB   4  
ATOM   386  C CG1  . VAL A 1 3 ? 3.336  0.166  5.737  1.00 73.23 ? 3 VAL A CG1  4  
ATOM   387  C CG2  . VAL A 1 3 ? 1.998  -1.946 5.891  1.00 3.21  ? 3 VAL A CG2  4  
ATOM   388  H H    . VAL A 1 3 ? 0.699  -0.182 4.525  1.00 41.41 ? 3 VAL A H    4  
ATOM   389  H HA   . VAL A 1 3 ? 3.117  -0.212 3.151  1.00 62.13 ? 3 VAL A HA   4  
ATOM   390  H HB   . VAL A 1 3 ? 3.915  -1.738 5.000  1.00 65.11 ? 3 VAL A HB   4  
ATOM   391  H HG11 . VAL A 1 3 ? 4.028  0.719  5.119  1.00 21.32 ? 3 VAL A HG11 4  
ATOM   392  H HG12 . VAL A 1 3 ? 2.430  0.740  5.867  1.00 22.14 ? 3 VAL A HG12 4  
ATOM   393  H HG13 . VAL A 1 3 ? 3.786  -0.020 6.701  1.00 42.12 ? 3 VAL A HG13 4  
ATOM   394  H HG21 . VAL A 1 3 ? 2.471  -2.835 6.283  1.00 52.11 ? 3 VAL A HG21 4  
ATOM   395  H HG22 . VAL A 1 3 ? 1.646  -1.335 6.710  1.00 50.24 ? 3 VAL A HG22 4  
ATOM   396  H HG23 . VAL A 1 3 ? 1.163  -2.227 5.267  1.00 3.23  ? 3 VAL A HG23 4  
HETATM 397  N N    . DLE A 1 4 ? 3.300  -2.270 1.805  1.00 60.11 ? 4 DLE A N    4  
HETATM 398  C CA   . DLE A 1 4 ? 3.421  -3.471 0.996  1.00 33.24 ? 4 DLE A CA   4  
HETATM 399  C CB   . DLE A 1 4 ? 4.890  -3.763 0.687  1.00 11.31 ? 4 DLE A CB   4  
HETATM 400  C CG   . DLE A 1 4 ? 5.761  -4.158 1.882  1.00 52.13 ? 4 DLE A CG   4  
HETATM 401  C CD1  . DLE A 1 4 ? 6.878  -3.137 2.109  1.00 64.31 ? 4 DLE A CD1  4  
HETATM 402  C CD2  . DLE A 1 4 ? 6.308  -5.577 1.717  1.00 65.54 ? 4 DLE A CD2  4  
HETATM 403  C C    . DLE A 1 4 ? 2.546  -3.330 -0.251 1.00 42.44 ? 4 DLE A C    4  
HETATM 404  O O    . DLE A 1 4 ? 2.897  -3.768 -1.347 1.00 3.51  ? 4 DLE A O    4  
HETATM 405  H H    . DLE A 1 4 ? 3.844  -1.492 1.492  1.00 43.54 ? 4 DLE A H    4  
HETATM 406  H HA   . DLE A 1 4 ? 3.045  -4.303 1.590  1.00 5.12  ? 4 DLE A HA   4  
HETATM 407  H HB2  . DLE A 1 4 ? 5.327  -2.878 0.222  1.00 10.25 ? 4 DLE A HB2  4  
HETATM 408  H HB3  . DLE A 1 4 ? 4.934  -4.564 -0.050 1.00 0.51  ? 4 DLE A HB3  4  
HETATM 409  H HG   . DLE A 1 4 ? 5.137  -4.156 2.775  1.00 12.11 ? 4 DLE A HG   4  
HETATM 410  H HD11 . DLE A 1 4 ? 7.268  -3.244 3.120  1.00 0.11  ? 4 DLE A HD11 4  
HETATM 411  H HD12 . DLE A 1 4 ? 6.481  -2.130 1.977  1.00 65.32 ? 4 DLE A HD12 4  
HETATM 412  H HD13 . DLE A 1 4 ? 7.678  -3.309 1.390  1.00 53.34 ? 4 DLE A HD13 4  
HETATM 413  H HD21 . DLE A 1 4 ? 7.017  -5.789 2.516  1.00 43.35 ? 4 DLE A HD21 4  
HETATM 414  H HD22 . DLE A 1 4 ? 6.810  -5.663 0.752  1.00 32.21 ? 4 DLE A HD22 4  
HETATM 415  H HD23 . DLE A 1 4 ? 5.485  -6.291 1.762  1.00 24.20 ? 4 DLE A HD23 4  
ATOM   416  N N    . TYR A 1 5 ? 1.391  -2.703 -0.060 1.00 12.55 ? 5 TYR A N    4  
ATOM   417  C CA   . TYR A 1 5 ? 0.446  -2.492 -1.150 1.00 73.41 ? 5 TYR A CA   4  
ATOM   418  C C    . TYR A 1 5 ? 0.336  -1.010 -1.496 1.00 44.01 ? 5 TYR A C    4  
ATOM   419  O O    . TYR A 1 5 ? -0.609 -0.323 -1.104 1.00 44.34 ? 5 TYR A O    4  
ATOM   420  C CB   . TYR A 1 5 ? -0.930 -3.043 -0.774 1.00 13.44 ? 5 TYR A CB   4  
ATOM   421  C CG   . TYR A 1 5 ? -0.872 -4.243 0.145  1.00 53.43 ? 5 TYR A CG   4  
ATOM   422  C CD1  . TYR A 1 5 ? -0.706 -5.525 -0.364 1.00 70.33 ? 5 TYR A CD1  4  
ATOM   423  C CD2  . TYR A 1 5 ? -0.982 -4.094 1.522  1.00 20.23 ? 5 TYR A CD2  4  
ATOM   424  C CE1  . TYR A 1 5 ? -0.653 -6.624 0.471  1.00 72.25 ? 5 TYR A CE1  4  
ATOM   425  C CE2  . TYR A 1 5 ? -0.929 -5.188 2.364  1.00 12.21 ? 5 TYR A CE2  4  
ATOM   426  C CZ   . TYR A 1 5 ? -0.764 -6.450 1.834  1.00 21.02 ? 5 TYR A CZ   4  
ATOM   427  O OH   . TYR A 1 5 ? -0.712 -7.542 2.670  1.00 13.51 ? 5 TYR A OH   4  
ATOM   428  H H    . TYR A 1 5 ? 1.168  -2.375 0.836  1.00 2.13  ? 5 TYR A H    4  
ATOM   429  H HA   . TYR A 1 5 ? 0.813  -3.026 -2.015 1.00 32.24 ? 5 TYR A HA   4  
ATOM   430  H HB2  . TYR A 1 5 ? -1.494 -2.271 -0.274 1.00 25.53 ? 5 TYR A HB2  4  
ATOM   431  H HB3  . TYR A 1 5 ? -1.451 -3.338 -1.673 1.00 0.42  ? 5 TYR A HB3  4  
ATOM   432  H HD1  . TYR A 1 5 ? -0.619 -5.658 -1.434 1.00 35.55 ? 5 TYR A HD1  4  
ATOM   433  H HD2  . TYR A 1 5 ? -1.112 -3.104 1.935  1.00 71.53 ? 5 TYR A HD2  4  
ATOM   434  H HE1  . TYR A 1 5 ? -0.523 -7.612 0.056  1.00 43.01 ? 5 TYR A HE1  4  
ATOM   435  H HE2  . TYR A 1 5 ? -1.017 -5.052 3.433  1.00 60.53 ? 5 TYR A HE2  4  
ATOM   436  H HH   . TYR A 1 5 ? -1.520 -8.052 2.581  1.00 50.12 ? 5 TYR A HH   4  
ATOM   437  N N    . PRO A 1 6 ? 1.324  -0.504 -2.248 1.00 52.12 ? 6 PRO A N    4  
ATOM   438  C CA   . PRO A 1 6 ? 1.362  0.901  -2.665 1.00 45.12 ? 6 PRO A CA   4  
ATOM   439  C C    . PRO A 1 6 ? 0.281  1.230  -3.690 1.00 41.32 ? 6 PRO A C    4  
ATOM   440  O O    . PRO A 1 6 ? 0.097  2.390  -4.060 1.00 4.53  ? 6 PRO A O    4  
ATOM   441  C CB   . PRO A 1 6 ? 2.752  1.048  -3.289 1.00 53.13 ? 6 PRO A CB   4  
ATOM   442  C CG   . PRO A 1 6 ? 3.113  -0.325 -3.739 1.00 54.31 ? 6 PRO A CG   4  
ATOM   443  C CD   . PRO A 1 6 ? 2.481  -1.265 -2.750 1.00 31.22 ? 6 PRO A CD   4  
ATOM   444  H HA   . PRO A 1 6 ? 1.271  1.568  -1.821 1.00 13.11 ? 6 PRO A HA   4  
ATOM   445  H HB2  . PRO A 1 6 ? 2.706  1.739  -4.120 1.00 4.01  ? 6 PRO A HB2  4  
ATOM   446  H HB3  . PRO A 1 6 ? 3.446  1.416  -2.547 1.00 60.42 ? 6 PRO A HB3  4  
ATOM   447  H HG2  . PRO A 1 6 ? 2.721  -0.502 -4.728 1.00 22.31 ? 6 PRO A HG2  4  
ATOM   448  H HG3  . PRO A 1 6 ? 4.187  -0.442 -3.734 1.00 12.14 ? 6 PRO A HG3  4  
ATOM   449  H HD2  . PRO A 1 6 ? 2.163  -2.171 -3.242 1.00 3.24  ? 6 PRO A HD2  4  
ATOM   450  H HD3  . PRO A 1 6 ? 3.170  -1.489 -1.949 1.00 43.12 ? 6 PRO A HD3  4  
ATOM   451  N N    . TRP A 1 7 ? -0.431 0.204  -4.143 1.00 54.42 ? 7 TRP A N    4  
ATOM   452  C CA   . TRP A 1 7 ? -1.493 0.386  -5.124 1.00 30.33 ? 7 TRP A CA   4  
ATOM   453  C C    . TRP A 1 7 ? -2.851 0.510  -4.440 1.00 45.32 ? 7 TRP A C    4  
ATOM   454  O O    . TRP A 1 7 ? -3.875 0.115  -4.996 1.00 64.41 ? 7 TRP A O    4  
ATOM   455  C CB   . TRP A 1 7 ? -1.511 -0.782 -6.111 1.00 44.51 ? 7 TRP A CB   4  
ATOM   456  C CG   . TRP A 1 7 ? -1.643 -2.119 -5.446 1.00 11.21 ? 7 TRP A CG   4  
ATOM   457  C CD1  . TRP A 1 7 ? -2.795 -2.705 -5.005 1.00 54.40 ? 7 TRP A CD1  4  
ATOM   458  C CD2  . TRP A 1 7 ? -0.584 -3.036 -5.146 1.00 35.02 ? 7 TRP A CD2  4  
ATOM   459  N NE1  . TRP A 1 7 ? -2.517 -3.929 -4.448 1.00 41.53 ? 7 TRP A NE1  4  
ATOM   460  C CE2  . TRP A 1 7 ? -1.168 -4.157 -4.523 1.00 75.14 ? 7 TRP A CE2  4  
ATOM   461  C CE3  . TRP A 1 7 ? 0.798  -3.019 -5.343 1.00 40.24 ? 7 TRP A CE3  4  
ATOM   462  C CZ2  . TRP A 1 7 ? -0.415 -5.247 -4.096 1.00 61.33 ? 7 TRP A CZ2  4  
ATOM   463  C CZ3  . TRP A 1 7 ? 1.545  -4.102 -4.919 1.00 65.12 ? 7 TRP A CZ3  4  
ATOM   464  C CH2  . TRP A 1 7 ? 0.938  -5.205 -4.303 1.00 71.41 ? 7 TRP A CH2  4  
ATOM   465  H H    . TRP A 1 7 ? -0.237 -0.697 -3.809 1.00 52.15 ? 7 TRP A H    4  
ATOM   466  H HA   . TRP A 1 7 ? -1.292 1.299  -5.665 1.00 51.21 ? 7 TRP A HA   4  
ATOM   467  H HB2  . TRP A 1 7 ? -2.343 -0.663 -6.787 1.00 21.25 ? 7 TRP A HB2  4  
ATOM   468  H HB3  . TRP A 1 7 ? -0.589 -0.780 -6.675 1.00 74.21 ? 7 TRP A HB3  4  
ATOM   469  H HD1  . TRP A 1 7 ? -3.774 -2.258 -5.086 1.00 51.14 ? 7 TRP A HD1  4  
ATOM   470  H HE1  . TRP A 1 7 ? -3.178 -4.542 -4.061 1.00 63.24 ? 7 TRP A HE1  4  
ATOM   471  H HE3  . TRP A 1 7 ? 1.285  -2.179 -5.816 1.00 71.03 ? 7 TRP A HE3  4  
ATOM   472  H HZ2  . TRP A 1 7 ? -0.868 -6.104 -3.620 1.00 63.12 ? 7 TRP A HZ2  4  
ATOM   473  H HZ3  . TRP A 1 7 ? 2.616  -4.108 -5.063 1.00 30.30 ? 7 TRP A HZ3  4  
ATOM   474  H HH2  . TRP A 1 7 ? 1.559  -6.028 -3.988 1.00 11.22 ? 7 TRP A HH2  4  
ATOM   475  N N    . CYS A 1 8 ? -2.851 1.060  -3.231 1.00 53.40 ? 8 CYS A N    4  
ATOM   476  C CA   . CYS A 1 8 ? -4.082 1.236  -2.470 1.00 31.32 ? 8 CYS A CA   4  
ATOM   477  C C    . CYS A 1 8 ? -4.741 2.572  -2.803 1.00 3.04  ? 8 CYS A C    4  
ATOM   478  O O    . CYS A 1 8 ? -5.501 2.677  -3.767 1.00 1.12  ? 8 CYS A O    4  
ATOM   479  C CB   . CYS A 1 8 ? -3.795 1.156  -0.970 1.00 23.23 ? 8 CYS A CB   4  
ATOM   480  S SG   . CYS A 1 8 ? -3.892 -0.529 -0.283 1.00 13.23 ? 8 CYS A SG   4  
ATOM   481  H H    . CYS A 1 8 ? -2.001 1.356  -2.839 1.00 72.41 ? 8 CYS A H    4  
ATOM   482  H HA   . CYS A 1 8 ? -4.757 0.438  -2.741 1.00 71.44 ? 8 CYS A HA   4  
ATOM   483  H HB2  . CYS A 1 8 ? -2.800 1.529  -0.781 1.00 75.24 ? 8 CYS A HB2  4  
ATOM   484  H HB3  . CYS A 1 8 ? -4.510 1.769  -0.441 1.00 22.32 ? 8 CYS A HB3  4  
ATOM   485  N N    . GLY A 1 1 ? -1.178 4.392  5.553  1.00 4.44  ? 1 GLY A N    5  
ATOM   486  C CA   . GLY A 1 1 ? -1.228 3.941  4.175  1.00 33.11 ? 1 GLY A CA   5  
ATOM   487  C C    . GLY A 1 1 ? -1.344 2.434  4.061  1.00 31.12 ? 1 GLY A C    5  
ATOM   488  O O    . GLY A 1 1 ? -1.839 1.771  4.972  1.00 33.44 ? 1 GLY A O    5  
ATOM   489  H H1   . GLY A 1 1 ? -0.348 4.300  6.067  1.00 75.05 ? 1 GLY A H1   5  
ATOM   490  H HA2  . GLY A 1 1 ? -2.081 4.395  3.691  1.00 75.14 ? 1 GLY A HA2  5  
ATOM   491  H HA3  . GLY A 1 1 ? -0.328 4.261  3.671  1.00 64.31 ? 1 GLY A HA3  5  
ATOM   492  N N    . CYS A 1 2 ? -0.887 1.891  2.938  1.00 50.52 ? 2 CYS A N    5  
ATOM   493  C CA   . CYS A 1 2 ? -0.942 0.453  2.706  1.00 2.41  ? 2 CYS A CA   5  
ATOM   494  C C    . CYS A 1 2 ? 0.460  -0.126 2.537  1.00 60.34 ? 2 CYS A C    5  
ATOM   495  O O    . CYS A 1 2 ? 0.929  -0.325 1.416  1.00 42.23 ? 2 CYS A O    5  
ATOM   496  C CB   . CYS A 1 2 ? -1.785 0.147  1.467  1.00 52.13 ? 2 CYS A CB   5  
ATOM   497  S SG   . CYS A 1 2 ? -3.563 -0.053 1.808  1.00 31.21 ? 2 CYS A SG   5  
ATOM   498  H H    . CYS A 1 2 ? -0.502 2.472  2.248  1.00 42.35 ? 2 CYS A H    5  
ATOM   499  H HA   . CYS A 1 2 ? -1.404 -0.005 3.568  1.00 65.34 ? 2 CYS A HA   5  
ATOM   500  H HB2  . CYS A 1 2 ? -1.677 0.956  0.759  1.00 42.22 ? 2 CYS A HB2  5  
ATOM   501  H HB3  . CYS A 1 2 ? -1.430 -0.769 1.016  1.00 32.53 ? 2 CYS A HB3  5  
ATOM   502  N N    . VAL A 1 3 ? 1.124  -0.393 3.657  1.00 72.44 ? 3 VAL A N    5  
ATOM   503  C CA   . VAL A 1 3 ? 2.472  -0.948 3.632  1.00 24.24 ? 3 VAL A CA   5  
ATOM   504  C C    . VAL A 1 3 ? 2.510  -2.263 2.860  1.00 71.01 ? 3 VAL A C    5  
ATOM   505  O O    . VAL A 1 3 ? 1.833  -3.212 3.253  1.00 73.34 ? 3 VAL A O    5  
ATOM   506  C CB   . VAL A 1 3 ? 3.005  -1.187 5.057  1.00 1.53  ? 3 VAL A CB   5  
ATOM   507  C CG1  . VAL A 1 3 ? 3.342  0.135  5.730  1.00 24.23 ? 3 VAL A CG1  5  
ATOM   508  C CG2  . VAL A 1 3 ? 1.995  -1.973 5.880  1.00 72.31 ? 3 VAL A CG2  5  
ATOM   509  H H    . VAL A 1 3 ? 0.697  -0.212 4.520  1.00 52.34 ? 3 VAL A H    5  
ATOM   510  H HA   . VAL A 1 3 ? 3.119  -0.235 3.143  1.00 23.00 ? 3 VAL A HA   5  
ATOM   511  H HB   . VAL A 1 3 ? 3.912  -1.771 4.987  1.00 41.22 ? 3 VAL A HB   5  
ATOM   512  H HG11 . VAL A 1 3 ? 4.373  0.387  5.532  1.00 1.30  ? 3 VAL A HG11 5  
ATOM   513  H HG12 . VAL A 1 3 ? 2.699  0.910  5.341  1.00 30.14 ? 3 VAL A HG12 5  
ATOM   514  H HG13 . VAL A 1 3 ? 3.193  0.043  6.796  1.00 15.15 ? 3 VAL A HG13 5  
ATOM   515  H HG21 . VAL A 1 3 ? 1.170  -2.267 5.250  1.00 63.52 ? 3 VAL A HG21 5  
ATOM   516  H HG22 . VAL A 1 3 ? 2.468  -2.853 6.289  1.00 43.12 ? 3 VAL A HG22 5  
ATOM   517  H HG23 . VAL A 1 3 ? 1.629  -1.354 6.687  1.00 42.52 ? 3 VAL A HG23 5  
HETATM 518  N N    . DLE A 1 4 ? 3.292  -2.290 1.791  1.00 34.23 ? 4 DLE A N    5  
HETATM 519  C CA   . DLE A 1 4 ? 3.407  -3.489 0.979  1.00 55.11 ? 4 DLE A CA   5  
HETATM 520  C CB   . DLE A 1 4 ? 4.876  -3.785 0.666  1.00 34.32 ? 4 DLE A CB   5  
HETATM 521  C CG   . DLE A 1 4 ? 5.747  -4.187 1.858  1.00 74.22 ? 4 DLE A CG   5  
HETATM 522  C CD1  . DLE A 1 4 ? 6.868  -3.170 2.084  1.00 43.44 ? 4 DLE A CD1  5  
HETATM 523  C CD2  . DLE A 1 4 ? 6.288  -5.607 1.689  1.00 64.15 ? 4 DLE A CD2  5  
HETATM 524  C C    . DLE A 1 4 ? 2.531  -3.342 -0.267 1.00 0.31  ? 4 DLE A C    5  
HETATM 525  O O    . DLE A 1 4 ? 2.878  -3.781 -1.364 1.00 4.20  ? 4 DLE A O    5  
HETATM 526  H H    . DLE A 1 4 ? 3.839  -1.513 1.479  1.00 50.10 ? 4 DLE A H    5  
HETATM 527  H HA   . DLE A 1 4 ? 3.030  -4.322 1.571  1.00 24.54 ? 4 DLE A HA   5  
HETATM 528  H HB2  . DLE A 1 4 ? 5.313  -2.901 0.203  1.00 60.03 ? 4 DLE A HB2  5  
HETATM 529  H HB3  . DLE A 1 4 ? 4.916  -4.584 -0.073 1.00 4.14  ? 4 DLE A HB3  5  
HETATM 530  H HG   . DLE A 1 4 ? 5.125  -4.183 2.753  1.00 21.10 ? 4 DLE A HG   5  
HETATM 531  H HD11 . DLE A 1 4 ? 6.493  -2.165 1.891  1.00 30.12 ? 4 DLE A HD11 5  
HETATM 532  H HD12 . DLE A 1 4 ? 7.695  -3.384 1.408  1.00 64.05 ? 4 DLE A HD12 5  
HETATM 533  H HD13 . DLE A 1 4 ? 7.216  -3.236 3.115  1.00 23.12 ? 4 DLE A HD13 5  
HETATM 534  H HD21 . DLE A 1 4 ? 7.196  -5.723 2.279  1.00 5.13  ? 4 DLE A HD21 5  
HETATM 535  H HD22 . DLE A 1 4 ? 6.513  -5.787 0.637  1.00 31.25 ? 4 DLE A HD22 5  
HETATM 536  H HD23 . DLE A 1 4 ? 5.539  -6.324 2.027  1.00 14.50 ? 4 DLE A HD23 5  
ATOM   537  N N    . TYR A 1 5 ? 1.379  -2.710 -0.072 1.00 40.22 ? 5 TYR A N    5  
ATOM   538  C CA   . TYR A 1 5 ? 0.433  -2.493 -1.159 1.00 74.41 ? 5 TYR A CA   5  
ATOM   539  C C    . TYR A 1 5 ? 0.330  -1.009 -1.504 1.00 5.23  ? 5 TYR A C    5  
ATOM   540  O O    . TYR A 1 5 ? -0.609 -0.318 -1.109 1.00 24.43 ? 5 TYR A O    5  
ATOM   541  C CB   . TYR A 1 5 ? -0.945 -3.037 -0.781 1.00 20.24 ? 5 TYR A CB   5  
ATOM   542  C CG   . TYR A 1 5 ? -0.891 -4.236 0.137  1.00 4.40  ? 5 TYR A CG   5  
ATOM   543  C CD1  . TYR A 1 5 ? -0.735 -5.519 -0.373 1.00 4.13  ? 5 TYR A CD1  5  
ATOM   544  C CD2  . TYR A 1 5 ? -0.997 -4.088 1.515  1.00 40.44 ? 5 TYR A CD2  5  
ATOM   545  C CE1  . TYR A 1 5 ? -0.685 -6.619 0.462  1.00 4.12  ? 5 TYR A CE1  5  
ATOM   546  C CE2  . TYR A 1 5 ? -0.946 -5.182 2.357  1.00 21.34 ? 5 TYR A CE2  5  
ATOM   547  C CZ   . TYR A 1 5 ? -0.791 -6.445 1.826  1.00 61.22 ? 5 TYR A CZ   5  
ATOM   548  O OH   . TYR A 1 5 ? -0.743 -7.538 2.662  1.00 51.22 ? 5 TYR A OH   5  
ATOM   549  H H    . TYR A 1 5 ? 1.159  -2.383 0.825  1.00 12.23 ? 5 TYR A H    5  
ATOM   550  H HA   . TYR A 1 5 ? 0.795  -3.027 -2.026 1.00 33.41 ? 5 TYR A HA   5  
ATOM   551  H HB2  . TYR A 1 5 ? -1.506 -2.262 -0.280 1.00 1.42  ? 5 TYR A HB2  5  
ATOM   552  H HB3  . TYR A 1 5 ? -1.468 -3.329 -1.679 1.00 1.13  ? 5 TYR A HB3  5  
ATOM   553  H HD1  . TYR A 1 5 ? -0.653 -5.653 -1.442 1.00 43.45 ? 5 TYR A HD1  5  
ATOM   554  H HD2  . TYR A 1 5 ? -1.119 -3.097 1.927  1.00 53.12 ? 5 TYR A HD2  5  
ATOM   555  H HE1  . TYR A 1 5 ? -0.564 -7.609 0.046  1.00 41.32 ? 5 TYR A HE1  5  
ATOM   556  H HE2  . TYR A 1 5 ? -1.030 -5.046 3.426  1.00 70.44 ? 5 TYR A HE2  5  
ATOM   557  H HH   . TYR A 1 5 ? 0.084  -7.530 3.150  1.00 3.41  ? 5 TYR A HH   5  
ATOM   558  N N    . PRO A 1 6 ? 1.319  -0.509 -2.258 1.00 54.03 ? 6 PRO A N    5  
ATOM   559  C CA   . PRO A 1 6 ? 1.363  0.897  -2.674 1.00 24.33 ? 6 PRO A CA   5  
ATOM   560  C C    . PRO A 1 6 ? 0.281  1.233  -3.694 1.00 74.45 ? 6 PRO A C    5  
ATOM   561  O O    . PRO A 1 6 ? 0.102  2.395  -4.063 1.00 2.40  ? 6 PRO A O    5  
ATOM   562  C CB   . PRO A 1 6 ? 2.752  1.038  -3.301 1.00 41.22 ? 6 PRO A CB   5  
ATOM   563  C CG   . PRO A 1 6 ? 3.105  -0.337 -3.753 1.00 35.41 ? 6 PRO A CG   5  
ATOM   564  C CD   . PRO A 1 6 ? 2.470  -1.274 -2.764 1.00 40.11 ? 6 PRO A CD   5  
ATOM   565  H HA   . PRO A 1 6 ? 1.278  1.563  -1.828 1.00 13.10 ? 6 PRO A HA   5  
ATOM   566  H HB2  . PRO A 1 6 ? 2.707  1.729  -4.131 1.00 41.31 ? 6 PRO A HB2  5  
ATOM   567  H HB3  . PRO A 1 6 ? 3.450  1.401  -2.560 1.00 64.50 ? 6 PRO A HB3  5  
ATOM   568  H HG2  . PRO A 1 6 ? 2.709  -0.511 -4.742 1.00 74.43 ? 6 PRO A HG2  5  
ATOM   569  H HG3  . PRO A 1 6 ? 4.178  -0.459 -3.751 1.00 2.23  ? 6 PRO A HG3  5  
ATOM   570  H HD2  . PRO A 1 6 ? 2.146  -2.179 -3.256 1.00 25.33 ? 6 PRO A HD2  5  
ATOM   571  H HD3  . PRO A 1 6 ? 3.160  -1.503 -1.965 1.00 43.41 ? 6 PRO A HD3  5  
ATOM   572  N N    . TRP A 1 7 ? -0.438 0.212  -4.146 1.00 40.41 ? 7 TRP A N    5  
ATOM   573  C CA   . TRP A 1 7 ? -1.502 0.401  -5.125 1.00 63.21 ? 7 TRP A CA   5  
ATOM   574  C C    . TRP A 1 7 ? -2.857 0.532  -4.437 1.00 53.20 ? 7 TRP A C    5  
ATOM   575  O O    . TRP A 1 7 ? -3.886 0.144  -4.991 1.00 12.34 ? 7 TRP A O    5  
ATOM   576  C CB   . TRP A 1 7 ? -1.529 -0.767 -6.112 1.00 2.40  ? 7 TRP A CB   5  
ATOM   577  C CG   . TRP A 1 7 ? -1.676 -2.103 -5.447 1.00 24.32 ? 7 TRP A CG   5  
ATOM   578  C CD1  . TRP A 1 7 ? -2.833 -2.671 -4.996 1.00 15.53 ? 7 TRP A CD1  5  
ATOM   579  C CD2  . TRP A 1 7 ? -0.630 -3.037 -5.160 1.00 55.02 ? 7 TRP A CD2  5  
ATOM   580  N NE1  . TRP A 1 7 ? -2.569 -3.900 -4.444 1.00 0.52  ? 7 TRP A NE1  5  
ATOM   581  C CE2  . TRP A 1 7 ? -1.225 -4.149 -4.533 1.00 2.44  ? 7 TRP A CE2  5  
ATOM   582  C CE3  . TRP A 1 7 ? 0.751  -3.043 -5.372 1.00 53.01 ? 7 TRP A CE3  5  
ATOM   583  C CZ2  . TRP A 1 7 ? -0.485 -5.253 -4.117 1.00 21.45 ? 7 TRP A CZ2  5  
ATOM   584  C CZ3  . TRP A 1 7 ? 1.484  -4.139 -4.958 1.00 4.11  ? 7 TRP A CZ3  5  
ATOM   585  C CH2  . TRP A 1 7 ? 0.865  -5.232 -4.338 1.00 11.54 ? 7 TRP A CH2  5  
ATOM   586  H H    . TRP A 1 7 ? -0.247 -0.691 -3.814 1.00 34.30 ? 7 TRP A H    5  
ATOM   587  H HA   . TRP A 1 7 ? -1.296 1.312  -5.666 1.00 34.42 ? 7 TRP A HA   5  
ATOM   588  H HB2  . TRP A 1 7 ? -2.360 -0.639 -6.790 1.00 52.23 ? 7 TRP A HB2  5  
ATOM   589  H HB3  . TRP A 1 7 ? -0.607 -0.774 -6.675 1.00 3.41  ? 7 TRP A HB3  5  
ATOM   590  H HD1  . TRP A 1 7 ? -3.806 -2.207 -5.066 1.00 42.13 ? 7 TRP A HD1  5  
ATOM   591  H HE1  . TRP A 1 7 ? -3.236 -4.503 -4.051 1.00 11.20 ? 7 TRP A HE1  5  
ATOM   592  H HE3  . TRP A 1 7 ? 1.247  -2.210 -5.849 1.00 70.21 ? 7 TRP A HE3  5  
ATOM   593  H HZ2  . TRP A 1 7 ? -0.949 -6.103 -3.637 1.00 54.53 ? 7 TRP A HZ2  5  
ATOM   594  H HZ3  . TRP A 1 7 ? 2.553  -4.162 -5.113 1.00 52.12 ? 7 TRP A HZ3  5  
ATOM   595  H HH2  . TRP A 1 7 ? 1.476  -6.066 -4.030 1.00 41.21 ? 7 TRP A HH2  5  
ATOM   596  N N    . CYS A 1 8 ? -2.850 1.081  -3.226 1.00 72.43 ? 8 CYS A N    5  
ATOM   597  C CA   . CYS A 1 8 ? -4.078 1.264  -2.463 1.00 52.31 ? 8 CYS A CA   5  
ATOM   598  C C    . CYS A 1 8 ? -4.730 2.604  -2.791 1.00 41.32 ? 8 CYS A C    5  
ATOM   599  O O    . CYS A 1 8 ? -4.866 2.969  -3.959 1.00 65.11 ? 8 CYS A O    5  
ATOM   600  C CB   . CYS A 1 8 ? -3.788 1.179  -0.963 1.00 55.13 ? 8 CYS A CB   5  
ATOM   601  S SG   . CYS A 1 8 ? -3.898 -0.504 -0.277 1.00 45.15 ? 8 CYS A SG   5  
ATOM   602  H H    . CYS A 1 8 ? -1.998 1.371  -2.838 1.00 34.10 ? 8 CYS A H    5  
ATOM   603  H HA   . CYS A 1 8 ? -4.759 0.471  -2.733 1.00 50.33 ? 8 CYS A HA   5  
ATOM   604  H HB2  . CYS A 1 8 ? -2.787 1.544  -0.777 1.00 74.11 ? 8 CYS A HB2  5  
ATOM   605  H HB3  . CYS A 1 8 ? -4.495 1.798  -0.431 1.00 53.24 ? 8 CYS A HB3  5  
ATOM   606  N N    . GLY A 1 1 ? -2.399 4.584  4.159  1.00 1.04  ? 1 GLY A N    6  
ATOM   607  C CA   . GLY A 1 1 ? -1.126 3.892  4.257  1.00 22.12 ? 1 GLY A CA   6  
ATOM   608  C C    . GLY A 1 1 ? -1.272 2.389  4.123  1.00 74.12 ? 1 GLY A C    6  
ATOM   609  O O    . GLY A 1 1 ? -1.771 1.723  5.031  1.00 0.41  ? 1 GLY A O    6  
ATOM   610  H H1   . GLY A 1 1 ? -2.746 4.846  3.281  1.00 62.10 ? 1 GLY A H1   6  
ATOM   611  H HA2  . GLY A 1 1 ? -0.474 4.252  3.475  1.00 1.42  ? 1 GLY A HA2  6  
ATOM   612  H HA3  . GLY A 1 1 ? -0.681 4.116  5.215  1.00 63.12 ? 1 GLY A HA3  6  
ATOM   613  N N    . CYS A 1 2 ? -0.837 1.853  2.988  1.00 53.22 ? 2 CYS A N    6  
ATOM   614  C CA   . CYS A 1 2 ? -0.922 0.419  2.737  1.00 55.22 ? 2 CYS A CA   6  
ATOM   615  C C    . CYS A 1 2 ? 0.468  -0.184 2.551  1.00 61.30 ? 2 CYS A C    6  
ATOM   616  O O    . CYS A 1 2 ? 0.884  -0.474 1.429  1.00 53.31 ? 2 CYS A O    6  
ATOM   617  C CB   . CYS A 1 2 ? -1.779 0.147  1.499  1.00 53.42 ? 2 CYS A CB   6  
ATOM   618  S SG   . CYS A 1 2 ? -3.553 -0.063 1.854  1.00 14.12 ? 2 CYS A SG   6  
ATOM   619  H H    . CYS A 1 2 ? -0.448 2.436  2.301  1.00 0.32  ? 2 CYS A H    6  
ATOM   620  H HA   . CYS A 1 2 ? -1.388 -0.041 3.595  1.00 32.31 ? 2 CYS A HA   6  
ATOM   621  H HB2  . CYS A 1 2 ? -1.677 0.974  0.812  1.00 34.42 ? 2 CYS A HB2  6  
ATOM   622  H HB3  . CYS A 1 2 ? -1.429 -0.755 1.021  1.00 25.11 ? 2 CYS A HB3  6  
ATOM   623  N N    . VAL A 1 3 ? 1.180  -0.370 3.658  1.00 64.34 ? 3 VAL A N    6  
ATOM   624  C CA   . VAL A 1 3 ? 2.521  -0.939 3.618  1.00 65.35 ? 3 VAL A CA   6  
ATOM   625  C C    . VAL A 1 3 ? 2.536  -2.258 2.852  1.00 63.31 ? 3 VAL A C    6  
ATOM   626  O O    . VAL A 1 3 ? 1.840  -3.191 3.247  1.00 3.53  ? 3 VAL A O    6  
ATOM   627  C CB   . VAL A 1 3 ? 3.074  -1.176 5.035  1.00 73.40 ? 3 VAL A CB   6  
ATOM   628  C CG1  . VAL A 1 3 ? 3.375  0.149  5.719  1.00 25.02 ? 3 VAL A CG1  6  
ATOM   629  C CG2  . VAL A 1 3 ? 2.095  -1.999 5.857  1.00 25.45 ? 3 VAL A CG2  6  
ATOM   630  H H    . VAL A 1 3 ? 0.793  -0.119 4.522  1.00 73.40 ? 3 VAL A H    6  
ATOM   631  H HA   . VAL A 1 3 ? 3.168  -0.235 3.114  1.00 14.51 ? 3 VAL A HA   6  
ATOM   632  H HB   . VAL A 1 3 ? 3.997  -1.731 4.952  1.00 35.32 ? 3 VAL A HB   6  
ATOM   633  H HG11 . VAL A 1 3 ? 3.642  0.885  4.976  1.00 61.54 ? 3 VAL A HG11 6  
ATOM   634  H HG12 . VAL A 1 3 ? 2.500  0.481  6.260  1.00 55.04 ? 3 VAL A HG12 6  
ATOM   635  H HG13 . VAL A 1 3 ? 4.197  0.019  6.408  1.00 30.50 ? 3 VAL A HG13 6  
ATOM   636  H HG21 . VAL A 1 3 ? 2.383  -1.969 6.897  1.00 51.14 ? 3 VAL A HG21 6  
ATOM   637  H HG22 . VAL A 1 3 ? 1.099  -1.591 5.748  1.00 11.24 ? 3 VAL A HG22 6  
ATOM   638  H HG23 . VAL A 1 3 ? 2.102  -3.022 5.511  1.00 51.12 ? 3 VAL A HG23 6  
HETATM 639  N N    . DLE A 1 4 ? 3.319  -2.305 1.784  1.00 64.02 ? 4 DLE A N    6  
HETATM 640  C CA   . DLE A 1 4 ? 3.412  -3.510 0.977  1.00 40.31 ? 4 DLE A CA   6  
HETATM 641  C CB   . DLE A 1 4 ? 4.875  -3.828 0.658  1.00 2.43  ? 4 DLE A CB   6  
HETATM 642  C CG   . DLE A 1 4 ? 5.750  -4.228 1.848  1.00 21.51 ? 4 DLE A CG   6  
HETATM 643  C CD1  . DLE A 1 4 ? 6.884  -3.222 2.055  1.00 13.35 ? 4 DLE A CD1  6  
HETATM 644  C CD2  . DLE A 1 4 ? 6.273  -5.657 1.689  1.00 51.12 ? 4 DLE A CD2  6  
HETATM 645  C C    . DLE A 1 4 ? 2.531  -3.358 -0.264 1.00 22.21 ? 4 DLE A C    6  
HETATM 646  O O    . DLE A 1 4 ? 2.872  -3.794 -1.364 1.00 21.33 ? 4 DLE A O    6  
HETATM 647  H H    . DLE A 1 4 ? 3.881  -1.541 1.469  1.00 63.01 ? 4 DLE A H    6  
HETATM 648  H HA   . DLE A 1 4 ? 3.027  -4.335 1.576  1.00 1.34  ? 4 DLE A HA   6  
HETATM 649  H HB2  . DLE A 1 4 ? 5.320  -2.955 0.181  1.00 4.43  ? 4 DLE A HB2  6  
HETATM 650  H HB3  . DLE A 1 4 ? 4.899  -4.637 -0.072 1.00 63.20 ? 4 DLE A HB3  6  
HETATM 651  H HG   . DLE A 1 4 ? 5.133  -4.208 2.747  1.00 50.44 ? 4 DLE A HG   6  
HETATM 652  H HD11 . DLE A 1 4 ? 7.400  -3.444 2.990  1.00 11.23 ? 4 DLE A HD11 6  
HETATM 653  H HD12 . DLE A 1 4 ? 6.472  -2.214 2.100  1.00 72.34 ? 4 DLE A HD12 6  
HETATM 654  H HD13 . DLE A 1 4 ? 7.588  -3.292 1.227  1.00 75.51 ? 4 DLE A HD13 6  
HETATM 655  H HD21 . DLE A 1 4 ? 6.576  -5.820 0.654  1.00 31.33 ? 4 DLE A HD21 6  
HETATM 656  H HD22 . DLE A 1 4 ? 5.486  -6.363 1.953  1.00 63.10 ? 4 DLE A HD22 6  
HETATM 657  H HD23 . DLE A 1 4 ? 7.130  -5.805 2.347  1.00 65.33 ? 4 DLE A HD23 6  
ATOM   658  N N    . TYR A 1 5 ? 1.381  -2.725 -0.061 1.00 62.33 ? 5 TYR A N    6  
ATOM   659  C CA   . TYR A 1 5 ? 0.430  -2.504 -1.144 1.00 74.41 ? 5 TYR A CA   6  
ATOM   660  C C    . TYR A 1 5 ? 0.327  -1.019 -1.483 1.00 73.02 ? 5 TYR A C    6  
ATOM   661  O O    . TYR A 1 5 ? -0.610 -0.328 -1.083 1.00 72.12 ? 5 TYR A O    6  
ATOM   662  C CB   . TYR A 1 5 ? -0.947 -3.047 -0.761 1.00 34.35 ? 5 TYR A CB   6  
ATOM   663  C CG   . TYR A 1 5 ? -0.891 -4.252 0.150  1.00 11.15 ? 5 TYR A CG   6  
ATOM   664  C CD1  . TYR A 1 5 ? -0.740 -5.533 -0.368 1.00 72.34 ? 5 TYR A CD1  6  
ATOM   665  C CD2  . TYR A 1 5 ? -0.989 -4.111 1.529  1.00 24.01 ? 5 TYR A CD2  6  
ATOM   666  C CE1  . TYR A 1 5 ? -0.688 -6.637 0.459  1.00 1.45  ? 5 TYR A CE1  6  
ATOM   667  C CE2  . TYR A 1 5 ? -0.937 -5.211 2.364  1.00 52.21 ? 5 TYR A CE2  6  
ATOM   668  C CZ   . TYR A 1 5 ? -0.787 -6.471 1.825  1.00 5.12  ? 5 TYR A CZ   6  
ATOM   669  O OH   . TYR A 1 5 ? -0.736 -7.568 2.654  1.00 14.42 ? 5 TYR A OH   6  
ATOM   670  H H    . TYR A 1 5 ? 1.165  -2.401 0.838  1.00 43.22 ? 5 TYR A H    6  
ATOM   671  H HA   . TYR A 1 5 ? 0.786  -3.036 -2.014 1.00 55.40 ? 5 TYR A HA   6  
ATOM   672  H HB2  . TYR A 1 5 ? -1.503 -2.274 -0.252 1.00 62.51 ? 5 TYR A HB2  6  
ATOM   673  H HB3  . TYR A 1 5 ? -1.477 -3.333 -1.657 1.00 63.02 ? 5 TYR A HB3  6  
ATOM   674  H HD1  . TYR A 1 5 ? -0.663 -5.659 -1.439 1.00 21.13 ? 5 TYR A HD1  6  
ATOM   675  H HD2  . TYR A 1 5 ? -1.107 -3.123 1.948  1.00 35.15 ? 5 TYR A HD2  6  
ATOM   676  H HE1  . TYR A 1 5 ? -0.571 -7.624 0.038  1.00 43.52 ? 5 TYR A HE1  6  
ATOM   677  H HE2  . TYR A 1 5 ? -1.015 -5.081 3.434  1.00 41.15 ? 5 TYR A HE2  6  
ATOM   678  H HH   . TYR A 1 5 ? 0.053  -7.521 3.199  1.00 54.00 ? 5 TYR A HH   6  
ATOM   679  N N    . PRO A 1 6 ? 1.314  -0.516 -2.239 1.00 44.11 ? 6 PRO A N    6  
ATOM   680  C CA   . PRO A 1 6 ? 1.358  0.889  -2.650 1.00 73.14 ? 6 PRO A CA   6  
ATOM   681  C C    . PRO A 1 6 ? 0.274  1.231  -3.666 1.00 72.54 ? 6 PRO A C    6  
ATOM   682  O O    . PRO A 1 6 ? 0.097  2.393  -4.031 1.00 61.42 ? 6 PRO A O    6  
ATOM   683  C CB   . PRO A 1 6 ? 2.746  1.031  -3.281 1.00 74.32 ? 6 PRO A CB   6  
ATOM   684  C CG   . PRO A 1 6 ? 3.096  -0.342 -3.740 1.00 3.44  ? 6 PRO A CG   6  
ATOM   685  C CD   . PRO A 1 6 ? 2.463  -1.282 -2.750 1.00 70.34 ? 6 PRO A CD   6  
ATOM   686  H HA   . PRO A 1 6 ? 1.277  1.554  -1.802 1.00 41.25 ? 6 PRO A HA   6  
ATOM   687  H HB2  . PRO A 1 6 ? 2.699  1.725  -4.109 1.00 73.44 ? 6 PRO A HB2  6  
ATOM   688  H HB3  . PRO A 1 6 ? 3.447  1.391  -2.542 1.00 72.31 ? 6 PRO A HB3  6  
ATOM   689  H HG2  . PRO A 1 6 ? 2.696  -0.512 -4.728 1.00 23.22 ? 6 PRO A HG2  6  
ATOM   690  H HG3  . PRO A 1 6 ? 4.168  -0.466 -3.741 1.00 44.22 ? 6 PRO A HG3  6  
ATOM   691  H HD2  . PRO A 1 6 ? 2.136  -2.186 -3.244 1.00 74.32 ? 6 PRO A HD2  6  
ATOM   692  H HD3  . PRO A 1 6 ? 3.155  -1.515 -1.956 1.00 11.43 ? 6 PRO A HD3  6  
ATOM   693  N N    . TRP A 1 7 ? -0.448 0.212  -4.118 1.00 24.40 ? 7 TRP A N    6  
ATOM   694  C CA   . TRP A 1 7 ? -1.517 0.405  -5.092 1.00 52.54 ? 7 TRP A CA   6  
ATOM   695  C C    . TRP A 1 7 ? -2.868 0.539  -4.399 1.00 55.03 ? 7 TRP A C    6  
ATOM   696  O O    . TRP A 1 7 ? -3.900 0.155  -4.950 1.00 1.52  ? 7 TRP A O    6  
ATOM   697  C CB   . TRP A 1 7 ? -1.550 -0.761 -6.081 1.00 11.22 ? 7 TRP A CB   6  
ATOM   698  C CG   . TRP A 1 7 ? -1.674 -2.099 -5.417 1.00 4.23  ? 7 TRP A CG   6  
ATOM   699  C CD1  . TRP A 1 7 ? -2.820 -2.682 -4.956 1.00 11.53 ? 7 TRP A CD1  6  
ATOM   700  C CD2  . TRP A 1 7 ? -0.614 -3.019 -5.138 1.00 45.32 ? 7 TRP A CD2  6  
ATOM   701  N NE1  . TRP A 1 7 ? -2.536 -3.909 -4.406 1.00 60.21 ? 7 TRP A NE1  6  
ATOM   702  C CE2  . TRP A 1 7 ? -1.189 -4.140 -4.508 1.00 21.20 ? 7 TRP A CE2  6  
ATOM   703  C CE3  . TRP A 1 7 ? 0.765  -3.008 -5.363 1.00 72.10 ? 7 TRP A CE3  6  
ATOM   704  C CZ2  . TRP A 1 7 ? -0.432 -5.234 -4.099 1.00 25.05 ? 7 TRP A CZ2  6  
ATOM   705  C CZ3  . TRP A 1 7 ? 1.516  -4.095 -4.956 1.00 60.02 ? 7 TRP A CZ3  6  
ATOM   706  C CH2  . TRP A 1 7 ? 0.916  -5.196 -4.331 1.00 13.41 ? 7 TRP A CH2  6  
ATOM   707  H H    . TRP A 1 7 ? -0.260 -0.692 -3.788 1.00 50.34 ? 7 TRP A H    6  
ATOM   708  H HA   . TRP A 1 7 ? -1.310 1.317  -5.633 1.00 34.10 ? 7 TRP A HA   6  
ATOM   709  H HB2  . TRP A 1 7 ? -2.393 -0.639 -6.744 1.00 60.43 ? 7 TRP A HB2  6  
ATOM   710  H HB3  . TRP A 1 7 ? -0.638 -0.759 -6.660 1.00 1.43  ? 7 TRP A HB3  6  
ATOM   711  H HD1  . TRP A 1 7 ? -3.799 -2.231 -5.017 1.00 33.41 ? 7 TRP A HD1  6  
ATOM   712  H HE1  . TRP A 1 7 ? -3.191 -4.521 -4.010 1.00 34.24 ? 7 TRP A HE1  6  
ATOM   713  H HE3  . TRP A 1 7 ? 1.246  -2.168 -5.843 1.00 4.21  ? 7 TRP A HE3  6  
ATOM   714  H HZ2  . TRP A 1 7 ? -0.880 -6.091 -3.617 1.00 2.31  ? 7 TRP A HZ2  6  
ATOM   715  H HZ3  . TRP A 1 7 ? 2.583  -4.103 -5.121 1.00 64.21 ? 7 TRP A HZ3  6  
ATOM   716  H HH2  . TRP A 1 7 ? 1.541  -6.023 -4.030 1.00 62.01 ? 7 TRP A HH2  6  
ATOM   717  N N    . CYS A 1 8 ? -2.855 1.087  -3.188 1.00 73.14 ? 8 CYS A N    6  
ATOM   718  C CA   . CYS A 1 8 ? -4.080 1.272  -2.419 1.00 24.03 ? 8 CYS A CA   6  
ATOM   719  C C    . CYS A 1 8 ? -4.729 2.615  -2.744 1.00 41.32 ? 8 CYS A C    6  
ATOM   720  O O    . CYS A 1 8 ? -4.070 3.654  -2.723 1.00 11.12 ? 8 CYS A O    6  
ATOM   721  C CB   . CYS A 1 8 ? -3.784 1.186  -0.921 1.00 1.34  ? 8 CYS A CB   6  
ATOM   722  S SG   . CYS A 1 8 ? -3.915 -0.496 -0.233 1.00 51.42 ? 8 CYS A SG   6  
ATOM   723  H H    . CYS A 1 8 ? -2.001 1.375  -2.802 1.00 44.33 ? 8 CYS A H    6  
ATOM   724  H HA   . CYS A 1 8 ? -4.763 0.481  -2.688 1.00 73.31 ? 8 CYS A HA   6  
ATOM   725  H HB2  . CYS A 1 8 ? -2.778 1.536  -0.740 1.00 35.53 ? 8 CYS A HB2  6  
ATOM   726  H HB3  . CYS A 1 8 ? -4.480 1.815  -0.387 1.00 12.03 ? 8 CYS A HB3  6  
ATOM   727  N N    . GLY A 1 1 ? -2.113 4.642  3.561  1.00 64.04 ? 1 GLY A N    7  
ATOM   728  C CA   . GLY A 1 1 ? -1.067 3.916  4.256  1.00 50.44 ? 1 GLY A CA   7  
ATOM   729  C C    . GLY A 1 1 ? -1.218 2.413  4.124  1.00 54.42 ? 1 GLY A C    7  
ATOM   730  O O    . GLY A 1 1 ? -1.716 1.750  5.033  1.00 22.11 ? 1 GLY A O    7  
ATOM   731  H H1   . GLY A 1 1 ? -2.958 4.194  3.347  1.00 33.12 ? 1 GLY A H1   7  
ATOM   732  H HA2  . GLY A 1 1 ? -0.110 4.207  3.849  1.00 74.41 ? 1 GLY A HA2  7  
ATOM   733  H HA3  . GLY A 1 1 ? -1.096 4.178  5.303  1.00 22.22 ? 1 GLY A HA3  7  
ATOM   734  N N    . CYS A 1 2 ? -0.787 1.874  2.987  1.00 0.34  ? 2 CYS A N    7  
ATOM   735  C CA   . CYS A 1 2 ? -0.878 0.441  2.738  1.00 44.22 ? 2 CYS A CA   7  
ATOM   736  C C    . CYS A 1 2 ? 0.508  -0.167 2.548  1.00 43.44 ? 2 CYS A C    7  
ATOM   737  O O    . CYS A 1 2 ? 0.921  -0.460 1.426  1.00 45.13 ? 2 CYS A O    7  
ATOM   738  C CB   . CYS A 1 2 ? -1.739 0.170  1.503  1.00 75.51 ? 2 CYS A CB   7  
ATOM   739  S SG   . CYS A 1 2 ? -3.514 -0.031 1.862  1.00 54.30 ? 2 CYS A SG   7  
ATOM   740  H H    . CYS A 1 2 ? -0.399 2.456  2.300  1.00 45.53 ? 2 CYS A H    7  
ATOM   741  H HA   . CYS A 1 2 ? -1.344 -0.017 3.598  1.00 50.24 ? 2 CYS A HA   7  
ATOM   742  H HB2  . CYS A 1 2 ? -1.637 0.997  0.814  1.00 75.14 ? 2 CYS A HB2  7  
ATOM   743  H HB3  . CYS A 1 2 ? -1.395 -0.734 1.025  1.00 70.35 ? 2 CYS A HB3  7  
ATOM   744  N N    . VAL A 1 3 ? 1.223  -0.355 3.654  1.00 61.24 ? 3 VAL A N    7  
ATOM   745  C CA   . VAL A 1 3 ? 2.562  -0.930 3.609  1.00 61.01 ? 3 VAL A CA   7  
ATOM   746  C C    . VAL A 1 3 ? 2.569  -2.249 2.844  1.00 15.54 ? 3 VAL A C    7  
ATOM   747  O O    . VAL A 1 3 ? 1.872  -3.180 3.244  1.00 64.41 ? 3 VAL A O    7  
ATOM   748  C CB   . VAL A 1 3 ? 3.118  -1.167 5.027  1.00 71.14 ? 3 VAL A CB   7  
ATOM   749  C CG1  . VAL A 1 3 ? 3.425  0.158  5.709  1.00 45.21 ? 3 VAL A CG1  7  
ATOM   750  C CG2  . VAL A 1 3 ? 2.138  -1.986 5.852  1.00 3.24  ? 3 VAL A CG2  7  
ATOM   751  H H    . VAL A 1 3 ? 0.840  -0.101 4.518  1.00 4.23  ? 3 VAL A H    7  
ATOM   752  H HA   . VAL A 1 3 ? 3.210  -0.228 3.104  1.00 4.33  ? 3 VAL A HA   7  
ATOM   753  H HB   . VAL A 1 3 ? 4.039  -1.724 4.941  1.00 44.23 ? 3 VAL A HB   7  
ATOM   754  H HG11 . VAL A 1 3 ? 2.514  0.571  6.118  1.00 5.21  ? 3 VAL A HG11 7  
ATOM   755  H HG12 . VAL A 1 3 ? 4.138  -0.003 6.504  1.00 43.13 ? 3 VAL A HG12 7  
ATOM   756  H HG13 . VAL A 1 3 ? 3.839  0.847  4.986  1.00 4.14  ? 3 VAL A HG13 7  
ATOM   757  H HG21 . VAL A 1 3 ? 1.146  -1.575 5.744  1.00 21.25 ? 3 VAL A HG21 7  
ATOM   758  H HG22 . VAL A 1 3 ? 2.143  -3.010 5.505  1.00 2.14  ? 3 VAL A HG22 7  
ATOM   759  H HG23 . VAL A 1 3 ? 2.430  -1.958 6.891  1.00 71.50 ? 3 VAL A HG23 7  
HETATM 760  N N    . DLE A 1 4 ? 3.351  -2.300 1.776  1.00 23.30 ? 4 DLE A N    7  
HETATM 761  C CA   . DLE A 1 4 ? 3.438  -3.506 0.970  1.00 71.42 ? 4 DLE A CA   7  
HETATM 762  C CB   . DLE A 1 4 ? 4.898  -3.830 0.647  1.00 32.12 ? 4 DLE A CB   7  
HETATM 763  C CG   . DLE A 1 4 ? 5.774  -4.231 1.835  1.00 54.15 ? 4 DLE A CG   7  
HETATM 764  C CD1  . DLE A 1 4 ? 6.913  -3.229 2.039  1.00 43.05 ? 4 DLE A CD1  7  
HETATM 765  C CD2  . DLE A 1 4 ? 6.292  -5.662 1.676  1.00 42.01 ? 4 DLE A CD2  7  
HETATM 766  C C    . DLE A 1 4 ? 2.553  -3.352 -0.269 1.00 11.42 ? 4 DLE A C    7  
HETATM 767  O O    . DLE A 1 4 ? 2.889  -3.790 -1.370 1.00 51.20 ? 4 DLE A O    7  
HETATM 768  H H    . DLE A 1 4 ? 3.915  -1.538 1.459  1.00 72.05 ? 4 DLE A H    7  
HETATM 769  H HA   . DLE A 1 4 ? 3.051  -4.329 1.571  1.00 31.12 ? 4 DLE A HA   7  
HETATM 770  H HB2  . DLE A 1 4 ? 5.345  -2.959 0.168  1.00 63.23 ? 4 DLE A HB2  7  
HETATM 771  H HB3  . DLE A 1 4 ? 4.916  -4.639 -0.083 1.00 43.24 ? 4 DLE A HB3  7  
HETATM 772  H HG   . DLE A 1 4 ? 5.161  -4.208 2.735  1.00 24.14 ? 4 DLE A HG   7  
HETATM 773  H HD11 . DLE A 1 4 ? 6.500  -2.266 2.338  1.00 62.30 ? 4 DLE A HD11 7  
HETATM 774  H HD12 . DLE A 1 4 ? 7.466  -3.113 1.107  1.00 60.04 ? 4 DLE A HD12 7  
HETATM 775  H HD13 . DLE A 1 4 ? 7.583  -3.595 2.816  1.00 53.55 ? 4 DLE A HD13 7  
HETATM 776  H HD21 . DLE A 1 4 ? 6.905  -5.729 0.777  1.00 31.32 ? 4 DLE A HD21 7  
HETATM 777  H HD22 . DLE A 1 4 ? 5.448  -6.346 1.593  1.00 63.23 ? 4 DLE A HD22 7  
HETATM 778  H HD23 . DLE A 1 4 ? 6.892  -5.929 2.546  1.00 3.01  ? 4 DLE A HD23 7  
ATOM   779  N N    . TYR A 1 5 ? 1.406  -2.715 -0.063 1.00 73.44 ? 5 TYR A N    7  
ATOM   780  C CA   . TYR A 1 5 ? 0.452  -2.490 -1.144 1.00 45.23 ? 5 TYR A CA   7  
ATOM   781  C C    . TYR A 1 5 ? 0.354  -1.006 -1.484 1.00 0.42  ? 5 TYR A C    7  
ATOM   782  O O    . TYR A 1 5 ? -0.580 -0.312 -1.082 1.00 35.02 ? 5 TYR A O    7  
ATOM   783  C CB   . TYR A 1 5 ? -0.926 -3.029 -0.757 1.00 15.24 ? 5 TYR A CB   7  
ATOM   784  C CG   . TYR A 1 5 ? -0.871 -4.234 0.155  1.00 55.51 ? 5 TYR A CG   7  
ATOM   785  C CD1  . TYR A 1 5 ? -0.729 -5.515 -0.363 1.00 54.41 ? 5 TYR A CD1  7  
ATOM   786  C CD2  . TYR A 1 5 ? -0.961 -4.091 1.535  1.00 61.44 ? 5 TYR A CD2  7  
ATOM   787  C CE1  . TYR A 1 5 ? -0.678 -6.619 0.466  1.00 22.15 ? 5 TYR A CE1  7  
ATOM   788  C CE2  . TYR A 1 5 ? -0.910 -5.189 2.371  1.00 31.12 ? 5 TYR A CE2  7  
ATOM   789  C CZ   . TYR A 1 5 ? -0.769 -6.451 1.832  1.00 63.01 ? 5 TYR A CZ   7  
ATOM   790  O OH   . TYR A 1 5 ? -0.719 -7.548 2.661  1.00 2.12  ? 5 TYR A OH   7  
ATOM   791  H H    . TYR A 1 5 ? 1.193  -2.390 0.836  1.00 74.44 ? 5 TYR A H    7  
ATOM   792  H HA   . TYR A 1 5 ? 0.805  -3.024 -2.014 1.00 22.01 ? 5 TYR A HA   7  
ATOM   793  H HB2  . TYR A 1 5 ? -1.478 -2.254 -0.247 1.00 52.22 ? 5 TYR A HB2  7  
ATOM   794  H HB3  . TYR A 1 5 ? -1.459 -3.313 -1.652 1.00 41.20 ? 5 TYR A HB3  7  
ATOM   795  H HD1  . TYR A 1 5 ? -0.656 -5.643 -1.433 1.00 70.54 ? 5 TYR A HD1  7  
ATOM   796  H HD2  . TYR A 1 5 ? -1.071 -3.101 1.953  1.00 10.42 ? 5 TYR A HD2  7  
ATOM   797  H HE1  . TYR A 1 5 ? -0.567 -7.607 0.045  1.00 24.44 ? 5 TYR A HE1  7  
ATOM   798  H HE2  . TYR A 1 5 ? -0.982 -5.058 3.440  1.00 11.35 ? 5 TYR A HE2  7  
ATOM   799  H HH   . TYR A 1 5 ? -1.598 -7.737 2.996  1.00 33.03 ? 5 TYR A HH   7  
ATOM   800  N N    . PRO A 1 6 ? 1.341  -0.508 -2.243 1.00 54.14 ? 6 PRO A N    7  
ATOM   801  C CA   . PRO A 1 6 ? 1.389  0.898  -2.656 1.00 40.40 ? 6 PRO A CA   7  
ATOM   802  C C    . PRO A 1 6 ? 0.303  1.242  -3.669 1.00 51.24 ? 6 PRO A C    7  
ATOM   803  O O    . PRO A 1 6 ? 0.128  2.405  -4.035 1.00 45.35 ? 6 PRO A O    7  
ATOM   804  C CB   . PRO A 1 6 ? 2.775  1.035  -3.290 1.00 65.23 ? 6 PRO A CB   7  
ATOM   805  C CG   . PRO A 1 6 ? 3.119  -0.341 -3.749 1.00 13.43 ? 6 PRO A CG   7  
ATOM   806  C CD   . PRO A 1 6 ? 2.486  -1.278 -2.758 1.00 32.44 ? 6 PRO A CD   7  
ATOM   807  H HA   . PRO A 1 6 ? 1.313  1.563  -1.808 1.00 72.22 ? 6 PRO A HA   7  
ATOM   808  H HB2  . PRO A 1 6 ? 2.728  1.727  -4.119 1.00 22.11 ? 6 PRO A HB2  7  
ATOM   809  H HB3  . PRO A 1 6 ? 3.479  1.392  -2.554 1.00 25.24 ? 6 PRO A HB3  7  
ATOM   810  H HG2  . PRO A 1 6 ? 2.716  -0.511 -4.735 1.00 64.22 ? 6 PRO A HG2  7  
ATOM   811  H HG3  . PRO A 1 6 ? 4.192  -0.469 -3.753 1.00 22.42 ? 6 PRO A HG3  7  
ATOM   812  H HD2  . PRO A 1 6 ? 2.154  -2.180 -3.250 1.00 21.45 ? 6 PRO A HD2  7  
ATOM   813  H HD3  . PRO A 1 6 ? 3.180  -1.513 -1.964 1.00 14.02 ? 6 PRO A HD3  7  
ATOM   814  N N    . TRP A 1 7 ? -0.424 0.226  -4.118 1.00 45.32 ? 7 TRP A N    7  
ATOM   815  C CA   . TRP A 1 7 ? -1.494 0.421  -5.090 1.00 13.13 ? 7 TRP A CA   7  
ATOM   816  C C    . TRP A 1 7 ? -2.843 0.561  -4.393 1.00 73.40 ? 7 TRP A C    7  
ATOM   817  O O    . TRP A 1 7 ? -3.878 0.180  -4.941 1.00 13.42 ? 7 TRP A O    7  
ATOM   818  C CB   . TRP A 1 7 ? -1.535 -0.745 -6.077 1.00 4.31  ? 7 TRP A CB   7  
ATOM   819  C CG   . TRP A 1 7 ? -1.659 -2.082 -5.411 1.00 5.32  ? 7 TRP A CG   7  
ATOM   820  C CD1  . TRP A 1 7 ? -2.803 -2.661 -4.939 1.00 15.21 ? 7 TRP A CD1  7  
ATOM   821  C CD2  . TRP A 1 7 ? -0.600 -3.008 -5.142 1.00 71.24 ? 7 TRP A CD2  7  
ATOM   822  N NE1  . TRP A 1 7 ? -2.518 -3.888 -4.392 1.00 22.44 ? 7 TRP A NE1  7  
ATOM   823  C CE2  . TRP A 1 7 ? -1.175 -4.126 -4.505 1.00 52.34 ? 7 TRP A CE2  7  
ATOM   824  C CE3  . TRP A 1 7 ? 0.778  -3.002 -5.379 1.00 61.13 ? 7 TRP A CE3  7  
ATOM   825  C CZ2  . TRP A 1 7 ? -0.418 -5.223 -4.103 1.00 43.32 ? 7 TRP A CZ2  7  
ATOM   826  C CZ3  . TRP A 1 7 ? 1.527  -4.092 -4.980 1.00 23.33 ? 7 TRP A CZ3  7  
ATOM   827  C CH2  . TRP A 1 7 ? 0.928  -5.190 -4.348 1.00 42.45 ? 7 TRP A CH2  7  
ATOM   828  H H    . TRP A 1 7 ? -0.238 -0.679 -3.789 1.00 53.50 ? 7 TRP A H    7  
ATOM   829  H HA   . TRP A 1 7 ? -1.286 1.332  -5.631 1.00 72.34 ? 7 TRP A HA   7  
ATOM   830  H HB2  . TRP A 1 7 ? -2.380 -0.622 -6.737 1.00 11.21 ? 7 TRP A HB2  7  
ATOM   831  H HB3  . TRP A 1 7 ? -0.625 -0.747 -6.660 1.00 74.13 ? 7 TRP A HB3  7  
ATOM   832  H HD1  . TRP A 1 7 ? -3.780 -2.206 -4.991 1.00 75.24 ? 7 TRP A HD1  7  
ATOM   833  H HE1  . TRP A 1 7 ? -3.173 -4.497 -3.988 1.00 72.11 ? 7 TRP A HE1  7  
ATOM   834  H HE3  . TRP A 1 7 ? 1.257  -2.166 -5.865 1.00 75.43 ? 7 TRP A HE3  7  
ATOM   835  H HZ2  . TRP A 1 7 ? -0.864 -6.077 -3.616 1.00 4.14  ? 7 TRP A HZ2  7  
ATOM   836  H HZ3  . TRP A 1 7 ? 2.593  -4.105 -5.154 1.00 23.51 ? 7 TRP A HZ3  7  
ATOM   837  H HH2  . TRP A 1 7 ? 1.552  -6.020 -4.053 1.00 51.32 ? 7 TRP A HH2  7  
ATOM   838  N N    . CYS A 1 8 ? -2.825 1.110  -3.183 1.00 1.12  ? 8 CYS A N    7  
ATOM   839  C CA   . CYS A 1 8 ? -4.047 1.301  -2.411 1.00 5.40  ? 8 CYS A CA   7  
ATOM   840  C C    . CYS A 1 8 ? -4.691 2.645  -2.735 1.00 22.43 ? 8 CYS A C    7  
ATOM   841  O O    . CYS A 1 8 ? -5.696 3.023  -2.131 1.00 74.43 ? 8 CYS A O    7  
ATOM   842  C CB   . CYS A 1 8 ? -3.747 1.213  -0.913 1.00 15.13 ? 8 CYS A CB   7  
ATOM   843  S SG   . CYS A 1 8 ? -3.883 -0.467 -0.223 1.00 54.34 ? 8 CYS A SG   7  
ATOM   844  H H    . CYS A 1 8 ? -1.968 1.394  -2.799 1.00 32.34 ? 8 CYS A H    7  
ATOM   845  H HA   . CYS A 1 8 ? -4.734 0.511  -2.678 1.00 35.35 ? 8 CYS A HA   7  
ATOM   846  H HB2  . CYS A 1 8 ? -2.740 1.561  -0.735 1.00 0.43  ? 8 CYS A HB2  7  
ATOM   847  H HB3  . CYS A 1 8 ? -4.440 1.846  -0.377 1.00 63.45 ? 8 CYS A HB3  7  
ATOM   848  N N    . GLY A 1 1 ? -1.465 4.553  5.030  1.00 2.41  ? 1 GLY A N    8  
ATOM   849  C CA   . GLY A 1 1 ? -1.583 3.871  3.756  1.00 64.01 ? 1 GLY A CA   8  
ATOM   850  C C    . GLY A 1 1 ? -1.600 2.363  3.904  1.00 5.44  ? 1 GLY A C    8  
ATOM   851  O O    . GLY A 1 1 ? -2.083 1.836  4.907  1.00 25.13 ? 1 GLY A O    8  
ATOM   852  H H1   . GLY A 1 1 ? -1.859 4.155  5.835  1.00 72.32 ? 1 GLY A H1   8  
ATOM   853  H HA2  . GLY A 1 1 ? -2.498 4.185  3.275  1.00 1.01  ? 1 GLY A HA2  8  
ATOM   854  H HA3  . GLY A 1 1 ? -0.747 4.150  3.132  1.00 61.53 ? 1 GLY A HA3  8  
ATOM   855  N N    . CYS A 1 2 ? -1.072 1.664  2.904  1.00 33.51 ? 2 CYS A N    8  
ATOM   856  C CA   . CYS A 1 2 ? -1.031 0.208  2.926  1.00 50.44 ? 2 CYS A CA   8  
ATOM   857  C C    . CYS A 1 2 ? 0.388  -0.298 2.680  1.00 4.01  ? 2 CYS A C    8  
ATOM   858  O O    . CYS A 1 2 ? 0.803  -0.486 1.536  1.00 2.01  ? 2 CYS A O    8  
ATOM   859  C CB   . CYS A 1 2 ? -1.978 -0.367 1.871  1.00 22.44 ? 2 CYS A CB   8  
ATOM   860  S SG   . CYS A 1 2 ? -3.510 0.593  1.647  1.00 32.44 ? 2 CYS A SG   8  
ATOM   861  H H    . CYS A 1 2 ? -0.703 2.142  2.130  1.00 4.45  ? 2 CYS A H    8  
ATOM   862  H HA   . CYS A 1 2 ? -1.352 -0.119 3.903  1.00 53.22 ? 2 CYS A HA   8  
ATOM   863  H HB2  . CYS A 1 2 ? -1.469 -0.398 0.919  1.00 1.41  ? 2 CYS A HB2  8  
ATOM   864  H HB3  . CYS A 1 2 ? -2.257 -1.370 2.157  1.00 12.34 ? 2 CYS A HB3  8  
ATOM   865  N N    . VAL A 1 3 ? 1.128  -0.519 3.763  1.00 74.44 ? 3 VAL A N    8  
ATOM   866  C CA   . VAL A 1 3 ? 2.500  -1.005 3.665  1.00 32.25 ? 3 VAL A CA   8  
ATOM   867  C C    . VAL A 1 3 ? 2.567  -2.302 2.867  1.00 52.12 ? 3 VAL A C    8  
ATOM   868  O O    . VAL A 1 3 ? 1.947  -3.287 3.264  1.00 71.41 ? 3 VAL A O    8  
ATOM   869  C CB   . VAL A 1 3 ? 3.111  -1.240 5.059  1.00 12.35 ? 3 VAL A CB   8  
ATOM   870  C CG1  . VAL A 1 3 ? 3.420  0.085  5.738  1.00 52.51 ? 3 VAL A CG1  8  
ATOM   871  C CG2  . VAL A 1 3 ? 2.176  -2.081 5.916  1.00 14.20 ? 3 VAL A CG2  8  
ATOM   872  H H    . VAL A 1 3 ? 0.742  -0.351 4.647  1.00 14.14 ? 3 VAL A H    8  
ATOM   873  H HA   . VAL A 1 3 ? 3.086  -0.251 3.161  1.00 41.32 ? 3 VAL A HA   8  
ATOM   874  H HB   . VAL A 1 3 ? 4.038  -1.781 4.937  1.00 4.02  ? 3 VAL A HB   8  
ATOM   875  H HG11 . VAL A 1 3 ? 3.203  0.009  6.793  1.00 30.32 ? 3 VAL A HG11 8  
ATOM   876  H HG12 . VAL A 1 3 ? 4.465  0.325  5.602  1.00 71.21 ? 3 VAL A HG12 8  
ATOM   877  H HG13 . VAL A 1 3 ? 2.813  0.864  5.301  1.00 63.13 ? 3 VAL A HG13 8  
ATOM   878  H HG21 . VAL A 1 3 ? 2.708  -2.946 6.284  1.00 22.12 ? 3 VAL A HG21 8  
ATOM   879  H HG22 . VAL A 1 3 ? 1.825  -1.492 6.750  1.00 22.14 ? 3 VAL A HG22 8  
ATOM   880  H HG23 . VAL A 1 3 ? 1.334  -2.402 5.322  1.00 23.31 ? 3 VAL A HG23 8  
HETATM 881  N N    . DLE A 1 4 ? 3.311  -2.275 1.771  1.00 54.34 ? 4 DLE A N    8  
HETATM 882  C CA   . DLE A 1 4 ? 3.451  -3.453 0.932  1.00 15.20 ? 4 DLE A CA   8  
HETATM 883  C CB   . DLE A 1 4 ? 4.917  -3.671 0.554  1.00 0.44  ? 4 DLE A CB   8  
HETATM 884  C CG   . DLE A 1 4 ? 5.856  -4.054 1.700  1.00 11.25 ? 4 DLE A CG   8  
HETATM 885  C CD1  . DLE A 1 4 ? 6.935  -2.990 1.906  1.00 34.14 ? 4 DLE A CD1  8  
HETATM 886  C CD2  . DLE A 1 4 ? 6.456  -5.444 1.477  1.00 52.04 ? 4 DLE A CD2  8  
HETATM 887  C C    . DLE A 1 4 ? 2.517  -3.327 -0.273 1.00 45.04 ? 4 DLE A C    8  
HETATM 888  O O    . DLE A 1 4 ? 2.783  -3.839 -1.361 1.00 43.23 ? 4 DLE A O    8  
HETATM 889  H H    . DLE A 1 4 ? 3.814  -1.469 1.456  1.00 20.14 ? 4 DLE A H    8  
HETATM 890  H HA   . DLE A 1 4 ? 3.138  -4.313 1.523  1.00 52.30 ? 4 DLE A HA   8  
HETATM 891  H HB2  . DLE A 1 4 ? 5.294  -2.757 0.093  1.00 2.12  ? 4 DLE A HB2  8  
HETATM 892  H HB3  . DLE A 1 4 ? 4.964  -4.453 -0.204 1.00 61.30 ? 4 DLE A HB3  8  
HETATM 893  H HG   . DLE A 1 4 ? 5.270  -4.101 2.620  1.00 40.34 ? 4 DLE A HG   8  
HETATM 894  H HD11 . DLE A 1 4 ? 6.493  -1.999 1.792  1.00 52.43 ? 4 DLE A HD11 8  
HETATM 895  H HD12 . DLE A 1 4 ? 7.723  -3.123 1.166  1.00 44.11 ? 4 DLE A HD12 8  
HETATM 896  H HD13 . DLE A 1 4 ? 7.355  -3.087 2.906  1.00 13.22 ? 4 DLE A HD13 8  
HETATM 897  H HD21 . DLE A 1 4 ? 5.662  -6.190 1.493  1.00 12.53 ? 4 DLE A HD21 8  
HETATM 898  H HD22 . DLE A 1 4 ? 7.176  -5.660 2.266  1.00 21.32 ? 4 DLE A HD22 8  
HETATM 899  H HD23 . DLE A 1 4 ? 6.959  -5.470 0.509  1.00 73.11 ? 4 DLE A HD23 8  
ATOM   900  N N    . TYR A 1 5 ? 1.409  -2.629 -0.056 1.00 54.21 ? 5 TYR A N    8  
ATOM   901  C CA   . TYR A 1 5 ? 0.418  -2.421 -1.104 1.00 31.43 ? 5 TYR A CA   8  
ATOM   902  C C    . TYR A 1 5 ? 0.348  -0.950 -1.504 1.00 20.44 ? 5 TYR A C    8  
ATOM   903  O O    . TYR A 1 5 ? -0.580 -0.226 -1.143 1.00 20.40 ? 5 TYR A O    8  
ATOM   904  C CB   . TYR A 1 5 ? -0.958 -2.900 -0.637 1.00 2.24  ? 5 TYR A CB   8  
ATOM   905  C CG   . TYR A 1 5 ? -0.907 -4.156 0.205  1.00 32.34 ? 5 TYR A CG   8  
ATOM   906  C CD1  . TYR A 1 5 ? -0.683 -4.088 1.575  1.00 31.00 ? 5 TYR A CD1  8  
ATOM   907  C CD2  . TYR A 1 5 ? -1.084 -5.408 -0.369 1.00 3.12  ? 5 TYR A CD2  8  
ATOM   908  C CE1  . TYR A 1 5 ? -0.635 -5.232 2.348  1.00 24.23 ? 5 TYR A CE1  8  
ATOM   909  C CE2  . TYR A 1 5 ? -1.040 -6.557 0.396  1.00 43.10 ? 5 TYR A CE2  8  
ATOM   910  C CZ   . TYR A 1 5 ? -0.815 -6.465 1.754  1.00 33.25 ? 5 TYR A CZ   8  
ATOM   911  O OH   . TYR A 1 5 ? -0.769 -7.607 2.519  1.00 2.43  ? 5 TYR A OH   8  
ATOM   912  H H    . TYR A 1 5 ? 1.253  -2.244 0.832  1.00 2.45  ? 5 TYR A H    8  
ATOM   913  H HA   . TYR A 1 5 ? 0.717  -3.002 -1.963 1.00 50.14 ? 5 TYR A HA   8  
ATOM   914  H HB2  . TYR A 1 5 ? -1.421 -2.125 -0.046 1.00 54.42 ? 5 TYR A HB2  8  
ATOM   915  H HB3  . TYR A 1 5 ? -1.574 -3.104 -1.500 1.00 42.55 ? 5 TYR A HB3  8  
ATOM   916  H HD1  . TYR A 1 5 ? -0.543 -3.122 2.037  1.00 53.52 ? 5 TYR A HD1  8  
ATOM   917  H HD2  . TYR A 1 5 ? -1.260 -5.477 -1.433 1.00 11.22 ? 5 TYR A HD2  8  
ATOM   918  H HE1  . TYR A 1 5 ? -0.460 -5.160 3.411  1.00 21.42 ? 5 TYR A HE1  8  
ATOM   919  H HE2  . TYR A 1 5 ? -1.180 -7.522 -0.068 1.00 73.12 ? 5 TYR A HE2  8  
ATOM   920  H HH   . TYR A 1 5 ? -1.586 -7.692 3.017  1.00 63.43 ? 5 TYR A HH   8  
ATOM   921  N N    . PRO A 1 6 ? 1.352  -0.498 -2.268 1.00 51.25 ? 6 PRO A N    8  
ATOM   922  C CA   . PRO A 1 6 ? 1.427  0.890  -2.736 1.00 41.44 ? 6 PRO A CA   8  
ATOM   923  C C    . PRO A 1 6 ? 0.360  1.209  -3.778 1.00 54.51 ? 6 PRO A C    8  
ATOM   924  O O    . PRO A 1 6 ? 0.222  2.355  -4.206 1.00 10.43 ? 6 PRO A O    8  
ATOM   925  C CB   . PRO A 1 6 ? 2.825  0.979  -3.356 1.00 31.35 ? 6 PRO A CB   8  
ATOM   926  C CG   . PRO A 1 6 ? 3.153  -0.419 -3.754 1.00 31.41 ? 6 PRO A CG   8  
ATOM   927  C CD   . PRO A 1 6 ? 2.491  -1.305 -2.736 1.00 11.24 ? 6 PRO A CD   8  
ATOM   928  H HA   . PRO A 1 6 ? 1.350  1.590  -1.916 1.00 42.34 ? 6 PRO A HA   8  
ATOM   929  H HB2  . PRO A 1 6 ? 2.799  1.639  -4.212 1.00 52.34 ? 6 PRO A HB2  8  
ATOM   930  H HB3  . PRO A 1 6 ? 3.524  1.355  -2.625 1.00 31.32 ? 6 PRO A HB3  8  
ATOM   931  H HG2  . PRO A 1 6 ? 2.760  -0.621 -4.739 1.00 41.04 ? 6 PRO A HG2  8  
ATOM   932  H HG3  . PRO A 1 6 ? 4.222  -0.563 -3.738 1.00 61.13 ? 6 PRO A HG3  8  
ATOM   933  H HD2  . PRO A 1 6 ? 2.151  -2.221 -3.196 1.00 10.30 ? 6 PRO A HD2  8  
ATOM   934  H HD3  . PRO A 1 6 ? 3.171  -1.519 -1.924 1.00 32.04 ? 6 PRO A HD3  8  
ATOM   935  N N    . TRP A 1 7 ? -0.390 0.191  -4.179 1.00 64.45 ? 7 TRP A N    8  
ATOM   936  C CA   . TRP A 1 7 ? -1.445 0.364  -5.172 1.00 32.54 ? 7 TRP A CA   8  
ATOM   937  C C    . TRP A 1 7 ? -2.793 0.600  -4.497 1.00 54.15 ? 7 TRP A C    8  
ATOM   938  O O    . TRP A 1 7 ? -3.841 0.257  -5.045 1.00 45.25 ? 7 TRP A O    8  
ATOM   939  C CB   . TRP A 1 7 ? -1.525 -0.862 -6.083 1.00 54.31 ? 7 TRP A CB   8  
ATOM   940  C CG   . TRP A 1 7 ? -1.642 -2.153 -5.331 1.00 64.23 ? 7 TRP A CG   8  
ATOM   941  C CD1  . TRP A 1 7 ? -2.777 -2.686 -4.791 1.00 5.23  ? 7 TRP A CD1  8  
ATOM   942  C CD2  . TRP A 1 7 ? -0.584 -3.072 -5.036 1.00 24.25 ? 7 TRP A CD2  8  
ATOM   943  N NE1  . TRP A 1 7 ? -2.489 -3.881 -4.178 1.00 4.41  ? 7 TRP A NE1  8  
ATOM   944  C CE2  . TRP A 1 7 ? -1.151 -4.141 -4.315 1.00 22.23 ? 7 TRP A CE2  8  
ATOM   945  C CE3  . TRP A 1 7 ? 0.785  -3.097 -5.313 1.00 53.00 ? 7 TRP A CE3  8  
ATOM   946  C CZ2  . TRP A 1 7 ? -0.395 -5.221 -3.867 1.00 52.50 ? 7 TRP A CZ2  8  
ATOM   947  C CZ3  . TRP A 1 7 ? 1.534  -4.169 -4.867 1.00 42.52 ? 7 TRP A CZ3  8  
ATOM   948  C CH2  . TRP A 1 7 ? 0.944  -5.219 -4.152 1.00 2.45  ? 7 TRP A CH2  8  
ATOM   949  H H    . TRP A 1 7 ? -0.232 -0.700 -3.801 1.00 61.34 ? 7 TRP A H    8  
ATOM   950  H HA   . TRP A 1 7 ? -1.199 1.230  -5.768 1.00 70.15 ? 7 TRP A HA   8  
ATOM   951  H HB2  . TRP A 1 7 ? -2.387 -0.770 -6.725 1.00 60.10 ? 7 TRP A HB2  8  
ATOM   952  H HB3  . TRP A 1 7 ? -0.631 -0.908 -6.689 1.00 21.01 ? 7 TRP A HB3  8  
ATOM   953  H HD1  . TRP A 1 7 ? -3.751 -2.224 -4.844 1.00 41.23 ? 7 TRP A HD1  8  
ATOM   954  H HE1  . TRP A 1 7 ? -3.138 -4.455 -3.718 1.00 45.14 ? 7 TRP A HE1  8  
ATOM   955  H HE3  . TRP A 1 7 ? 1.259  -2.298 -5.863 1.00 32.43 ? 7 TRP A HE3  8  
ATOM   956  H HZ2  . TRP A 1 7 ? -0.835 -6.038 -3.315 1.00 14.44 ? 7 TRP A HZ2  8  
ATOM   957  H HZ3  . TRP A 1 7 ? 2.595  -4.206 -5.071 1.00 71.42 ? 7 TRP A HZ3  8  
ATOM   958  H HH2  . TRP A 1 7 ? 1.569  -6.036 -3.823 1.00 20.32 ? 7 TRP A HH2  8  
ATOM   959  N N    . CYS A 1 8 ? -2.759 1.187  -3.306 1.00 54.20 ? 8 CYS A N    8  
ATOM   960  C CA   . CYS A 1 8 ? -3.977 1.468  -2.557 1.00 54.22 ? 8 CYS A CA   8  
ATOM   961  C C    . CYS A 1 8 ? -4.540 2.837  -2.928 1.00 34.31 ? 8 CYS A C    8  
ATOM   962  O O    . CYS A 1 8 ? -3.816 3.707  -3.412 1.00 52.31 ? 8 CYS A O    8  
ATOM   963  C CB   . CYS A 1 8 ? -3.701 1.410  -1.052 1.00 61.34 ? 8 CYS A CB   8  
ATOM   964  S SG   . CYS A 1 8 ? -3.956 -0.235 -0.314 1.00 35.24 ? 8 CYS A SG   8  
ATOM   965  H H    . CYS A 1 8 ? -1.892 1.438  -2.921 1.00 12.15 ? 8 CYS A H    8  
ATOM   966  H HA   . CYS A 1 8 ? -4.704 0.712  -2.810 1.00 34.32 ? 8 CYS A HA   8  
ATOM   967  H HB2  . CYS A 1 8 ? -2.674 1.695  -0.872 1.00 0.34  ? 8 CYS A HB2  8  
ATOM   968  H HB3  . CYS A 1 8 ? -4.356 2.104  -0.547 1.00 40.24 ? 8 CYS A HB3  8  
ATOM   969  N N    . GLY A 1 1 ? -2.136 4.581  4.859  1.00 74.21 ? 1 GLY A N    9  
ATOM   970  C CA   . GLY A 1 1 ? -1.508 3.899  3.742  1.00 23.43 ? 1 GLY A CA   9  
ATOM   971  C C    . GLY A 1 1 ? -1.542 2.391  3.891  1.00 1.33  ? 1 GLY A C    9  
ATOM   972  O O    . GLY A 1 1 ? -2.033 1.870  4.893  1.00 4.15  ? 1 GLY A O    9  
ATOM   973  H H1   . GLY A 1 1 ? -2.810 4.117  5.397  1.00 15.15 ? 1 GLY A H1   9  
ATOM   974  H HA2  . GLY A 1 1 ? -2.021 4.172  2.832  1.00 12.33 ? 1 GLY A HA2  9  
ATOM   975  H HA3  . GLY A 1 1 ? -0.478 4.219  3.673  1.00 24.31 ? 1 GLY A HA3  9  
ATOM   976  N N    . CYS A 1 2 ? -1.020 1.687  2.892  1.00 32.44 ? 2 CYS A N    9  
ATOM   977  C CA   . CYS A 1 2 ? -0.994 0.230  2.915  1.00 23.31 ? 2 CYS A CA   9  
ATOM   978  C C    . CYS A 1 2 ? 0.419  -0.293 2.672  1.00 21.33 ? 2 CYS A C    9  
ATOM   979  O O    . CYS A 1 2 ? 0.833  -0.486 1.530  1.00 71.35 ? 2 CYS A O    9  
ATOM   980  C CB   . CYS A 1 2 ? -1.948 -0.334 1.859  1.00 50.11 ? 2 CYS A CB   9  
ATOM   981  S SG   . CYS A 1 2 ? -3.469 0.642  1.632  1.00 55.12 ? 2 CYS A SG   9  
ATOM   982  H H    . CYS A 1 2 ? -0.643 2.160  2.120  1.00 62.22 ? 2 CYS A H    9  
ATOM   983  H HA   . CYS A 1 2 ? -1.322 -0.093 3.892  1.00 65.43 ? 2 CYS A HA   9  
ATOM   984  H HB2  . CYS A 1 2 ? -1.437 -0.372 0.907  1.00 13.23 ? 2 CYS A HB2  9  
ATOM   985  H HB3  . CYS A 1 2 ? -2.239 -1.335 2.145  1.00 52.51 ? 2 CYS A HB3  9  
ATOM   986  N N    . VAL A 1 3 ? 1.153  -0.522 3.756  1.00 13.10 ? 3 VAL A N    9  
ATOM   987  C CA   . VAL A 1 3 ? 2.519  -1.023 3.661  1.00 12.34 ? 3 VAL A CA   9  
ATOM   988  C C    . VAL A 1 3 ? 2.574  -2.321 2.864  1.00 71.51 ? 3 VAL A C    9  
ATOM   989  O O    . VAL A 1 3 ? 1.941  -3.299 3.259  1.00 33.22 ? 3 VAL A O    9  
ATOM   990  C CB   . VAL A 1 3 ? 3.125  -1.266 5.057  1.00 52.45 ? 3 VAL A CB   9  
ATOM   991  C CG1  . VAL A 1 3 ? 3.449  0.056  5.736  1.00 34.41 ? 3 VAL A CG1  9  
ATOM   992  C CG2  . VAL A 1 3 ? 2.179  -2.096 5.912  1.00 43.34 ? 3 VAL A CG2  9  
ATOM   993  H H    . VAL A 1 3 ? 0.767  -0.349 4.641  1.00 71.15 ? 3 VAL A H    9  
ATOM   994  H HA   . VAL A 1 3 ? 3.115  -0.276 3.158  1.00 44.10 ? 3 VAL A HA   9  
ATOM   995  H HB   . VAL A 1 3 ? 4.046  -1.818 4.936  1.00 75.34 ? 3 VAL A HB   9  
ATOM   996  H HG11 . VAL A 1 3 ? 4.245  -0.091 6.451  1.00 64.44 ? 3 VAL A HG11 9  
ATOM   997  H HG12 . VAL A 1 3 ? 3.758  0.777  4.993  1.00 40.03 ? 3 VAL A HG12 9  
ATOM   998  H HG13 . VAL A 1 3 ? 2.570  0.422  6.248  1.00 53.41 ? 3 VAL A HG13 9  
ATOM   999  H HG21 . VAL A 1 3 ? 1.818  -1.496 6.733  1.00 65.10 ? 3 VAL A HG21 9  
ATOM   1000 H HG22 . VAL A 1 3 ? 1.344  -2.424 5.310  1.00 74.33 ? 3 VAL A HG22 9  
ATOM   1001 H HG23 . VAL A 1 3 ? 2.704  -2.958 6.297  1.00 74.24 ? 3 VAL A HG23 9  
HETATM 1002 N N    . DLE A 1 4 ? 3.321  -2.303 1.769  1.00 51.13 ? 4 DLE A N    9  
HETATM 1003 C CA   . DLE A 1 4 ? 3.448  -3.482 0.931  1.00 44.23 ? 4 DLE A CA   9  
HETATM 1004 C CB   . DLE A 1 4 ? 4.913  -3.717 0.556  1.00 62.33 ? 4 DLE A CB   9  
HETATM 1005 C CG   . DLE A 1 4 ? 5.845  -4.111 1.703  1.00 23.45 ? 4 DLE A CG   9  
HETATM 1006 C CD1  . DLE A 1 4 ? 6.934  -3.058 1.910  1.00 54.20 ? 4 DLE A CD1  9  
HETATM 1007 C CD2  . DLE A 1 4 ? 6.430  -5.507 1.480  1.00 13.42 ? 4 DLE A CD2  9  
HETATM 1008 C C    . DLE A 1 4 ? 2.519  -3.346 -0.277 1.00 25.23 ? 4 DLE A C    9  
HETATM 1009 O O    . DLE A 1 4 ? 2.780  -3.862 -1.364 1.00 51.23 ? 4 DLE A O    9  
HETATM 1010 H H    . DLE A 1 4 ? 3.833  -1.503 1.455  1.00 31.42 ? 4 DLE A H    9  
HETATM 1011 H HA   . DLE A 1 4 ? 3.124  -4.339 1.520  1.00 3.41  ? 4 DLE A HA   9  
HETATM 1012 H HB2  . DLE A 1 4 ? 5.300  -2.808 0.095  1.00 64.11 ? 4 DLE A HB2  9  
HETATM 1013 H HB3  . DLE A 1 4 ? 4.952  -4.500 -0.202 1.00 21.50 ? 4 DLE A HB3  9  
HETATM 1014 H HG   . DLE A 1 4 ? 5.257  -4.151 2.621  1.00 1.40  ? 4 DLE A HG   9  
HETATM 1015 H HD11 . DLE A 1 4 ? 7.211  -3.024 2.964  1.00 1.20  ? 4 DLE A HD11 9  
HETATM 1016 H HD12 . DLE A 1 4 ? 6.559  -2.082 1.602  1.00 44.45 ? 4 DLE A HD12 9  
HETATM 1017 H HD13 . DLE A 1 4 ? 7.808  -3.318 1.313  1.00 75.33 ? 4 DLE A HD13 9  
HETATM 1018 H HD21 . DLE A 1 4 ? 6.459  -5.722 0.412  1.00 13.21 ? 4 DLE A HD21 9  
HETATM 1019 H HD22 . DLE A 1 4 ? 5.807  -6.247 1.983  1.00 13.34 ? 4 DLE A HD22 9  
HETATM 1020 H HD23 . DLE A 1 4 ? 7.441  -5.545 1.886  1.00 0.34  ? 4 DLE A HD23 9  
ATOM   1021 N N    . TYR A 1 5 ? 1.417  -2.635 -0.061 1.00 72.25 ? 5 TYR A N    9  
ATOM   1022 C CA   . TYR A 1 5 ? 0.430  -2.416 -1.112 1.00 4.12  ? 5 TYR A CA   9  
ATOM   1023 C C    . TYR A 1 5 ? 0.377  -0.945 -1.511 1.00 71.44 ? 5 TYR A C    9  
ATOM   1024 O O    . TYR A 1 5 ? -0.543 -0.210 -1.153 1.00 40.33 ? 5 TYR A O    9  
ATOM   1025 C CB   . TYR A 1 5 ? -0.952 -2.880 -0.647 1.00 54.41 ? 5 TYR A CB   9  
ATOM   1026 C CG   . TYR A 1 5 ? -0.917 -4.135 0.196  1.00 63.44 ? 5 TYR A CG   9  
ATOM   1027 C CD1  . TYR A 1 5 ? -0.694 -4.071 1.566  1.00 73.33 ? 5 TYR A CD1  9  
ATOM   1028 C CD2  . TYR A 1 5 ? -1.107 -5.386 -0.378 1.00 23.20 ? 5 TYR A CD2  9  
ATOM   1029 C CE1  . TYR A 1 5 ? -0.662 -5.215 2.339  1.00 51.21 ? 5 TYR A CE1  9  
ATOM   1030 C CE2  . TYR A 1 5 ? -1.078 -6.535 0.387  1.00 41.54 ? 5 TYR A CE2  9  
ATOM   1031 C CZ   . TYR A 1 5 ? -0.854 -6.445 1.745  1.00 12.25 ? 5 TYR A CZ   9  
ATOM   1032 O OH   . TYR A 1 5 ? -0.822 -7.588 2.511  1.00 20.52 ? 5 TYR A OH   9  
ATOM   1033 H H    . TYR A 1 5 ? 1.263  -2.249 0.826  1.00 41.52 ? 5 TYR A H    9  
ATOM   1034 H HA   . TYR A 1 5 ? 0.724  -3.002 -1.970 1.00 54.03 ? 5 TYR A HA   9  
ATOM   1035 H HB2  . TYR A 1 5 ? -1.406 -2.098 -0.057 1.00 31.41 ? 5 TYR A HB2  9  
ATOM   1036 H HB3  . TYR A 1 5 ? -1.568 -3.077 -1.511 1.00 54.44 ? 5 TYR A HB3  9  
ATOM   1037 H HD1  . TYR A 1 5 ? -0.543 -3.105 2.028  1.00 61.13 ? 5 TYR A HD1  9  
ATOM   1038 H HD2  . TYR A 1 5 ? -1.282 -5.453 -1.443 1.00 61.01 ? 5 TYR A HD2  9  
ATOM   1039 H HE1  . TYR A 1 5 ? -0.487 -5.144 3.403  1.00 44.02 ? 5 TYR A HE1  9  
ATOM   1040 H HE2  . TYR A 1 5 ? -1.228 -7.499 -0.078 1.00 31.43 ? 5 TYR A HE2  9  
ATOM   1041 H HH   . TYR A 1 5 ? -1.099 -7.380 3.407  1.00 61.44 ? 5 TYR A HH   9  
ATOM   1042 N N    . PRO A 1 6 ? 1.389  -0.504 -2.274 1.00 61.01 ? 6 PRO A N    9  
ATOM   1043 C CA   . PRO A 1 6 ? 1.482  0.882  -2.742 1.00 23.32 ? 6 PRO A CA   9  
ATOM   1044 C C    . PRO A 1 6 ? 0.420  1.214  -3.786 1.00 41.31 ? 6 PRO A C    9  
ATOM   1045 O O    . PRO A 1 6 ? 0.296  2.361  -4.215 1.00 31.43 ? 6 PRO A O    9  
ATOM   1046 C CB   . PRO A 1 6 ? 2.880  0.956  -3.360 1.00 2.11  ? 6 PRO A CB   9  
ATOM   1047 C CG   . PRO A 1 6 ? 3.193  -0.446 -3.757 1.00 62.50 ? 6 PRO A CG   9  
ATOM   1048 C CD   . PRO A 1 6 ? 2.520  -1.325 -2.740 1.00 23.44 ? 6 PRO A CD   9  
ATOM   1049 H HA   . PRO A 1 6 ? 1.410  1.583  -1.923 1.00 44.31 ? 6 PRO A HA   9  
ATOM   1050 H HB2  . PRO A 1 6 ? 2.864  1.616  -4.215 1.00 65.23 ? 6 PRO A HB2  9  
ATOM   1051 H HB3  . PRO A 1 6 ? 3.583  1.323  -2.627 1.00 33.42 ? 6 PRO A HB3  9  
ATOM   1052 H HG2  . PRO A 1 6 ? 2.800  -0.645 -4.742 1.00 73.24 ? 6 PRO A HG2  9  
ATOM   1053 H HG3  . PRO A 1 6 ? 4.261  -0.603 -3.739 1.00 54.40 ? 6 PRO A HG3  9  
ATOM   1054 H HD2  . PRO A 1 6 ? 2.170  -2.237 -3.200 1.00 74.32 ? 6 PRO A HD2  9  
ATOM   1055 H HD3  . PRO A 1 6 ? 3.194  -1.546 -1.926 1.00 54.41 ? 6 PRO A HD3  9  
ATOM   1056 N N    . TRP A 1 7 ? -0.342 0.204  -4.189 1.00 42.50 ? 7 TRP A N    9  
ATOM   1057 C CA   . TRP A 1 7 ? -1.393 0.390  -5.183 1.00 23.44 ? 7 TRP A CA   9  
ATOM   1058 C C    . TRP A 1 7 ? -2.739 0.641  -4.511 1.00 12.13 ? 7 TRP A C    9  
ATOM   1059 O O    . TRP A 1 7 ? -3.790 0.310  -5.061 1.00 62.12 ? 7 TRP A O    9  
ATOM   1060 C CB   . TRP A 1 7 ? -1.485 -0.836 -6.094 1.00 14.32 ? 7 TRP A CB   9  
ATOM   1061 C CG   . TRP A 1 7 ? -1.618 -2.126 -5.342 1.00 33.24 ? 7 TRP A CG   9  
ATOM   1062 C CD1  . TRP A 1 7 ? -2.761 -2.646 -4.803 1.00 63.44 ? 7 TRP A CD1  9  
ATOM   1063 C CD2  . TRP A 1 7 ? -0.572 -3.056 -5.045 1.00 42.01 ? 7 TRP A CD2  9  
ATOM   1064 N NE1  . TRP A 1 7 ? -2.487 -3.845 -4.190 1.00 35.52 ? 7 TRP A NE1  9  
ATOM   1065 C CE2  . TRP A 1 7 ? -1.152 -4.119 -4.324 1.00 23.11 ? 7 TRP A CE2  9  
ATOM   1066 C CE3  . TRP A 1 7 ? 0.798  -3.097 -5.318 1.00 64.45 ? 7 TRP A CE3  9  
ATOM   1067 C CZ2  . TRP A 1 7 ? -0.408 -5.207 -3.875 1.00 74.20 ? 7 TRP A CZ2  9  
ATOM   1068 C CZ3  . TRP A 1 7 ? 1.535  -4.177 -4.872 1.00 4.35  ? 7 TRP A CZ3  9  
ATOM   1069 C CH2  . TRP A 1 7 ? 0.931  -5.220 -4.157 1.00 5.23  ? 7 TRP A CH2  9  
ATOM   1070 H H    . TRP A 1 7 ? -0.194 -0.688 -3.810 1.00 22.31 ? 7 TRP A H    9  
ATOM   1071 H HA   . TRP A 1 7 ? -1.136 1.252  -5.779 1.00 63.24 ? 7 TRP A HA   9  
ATOM   1072 H HB2  . TRP A 1 7 ? -2.346 -0.735 -6.737 1.00 70.24 ? 7 TRP A HB2  9  
ATOM   1073 H HB3  . TRP A 1 7 ? -0.592 -0.892 -6.699 1.00 43.41 ? 7 TRP A HB3  9  
ATOM   1074 H HD1  . TRP A 1 7 ? -3.729 -2.172 -4.859 1.00 42.32 ? 7 TRP A HD1  9  
ATOM   1075 H HE1  . TRP A 1 7 ? -3.143 -4.411 -3.731 1.00 21.41 ? 7 TRP A HE1  9  
ATOM   1076 H HE3  . TRP A 1 7 ? 1.281  -2.303 -5.869 1.00 14.23 ? 7 TRP A HE3  9  
ATOM   1077 H HZ2  . TRP A 1 7 ? -0.859 -6.019 -3.323 1.00 35.32 ? 7 TRP A HZ2  9  
ATOM   1078 H HZ3  . TRP A 1 7 ? 2.594  -4.226 -5.074 1.00 50.22 ? 7 TRP A HZ3  9  
ATOM   1079 H HH2  . TRP A 1 7 ? 1.545  -6.044 -3.827 1.00 63.42 ? 7 TRP A HH2  9  
ATOM   1080 N N    . CYS A 1 8 ? -2.700 1.228  -3.320 1.00 3.12  ? 8 CYS A N    9  
ATOM   1081 C CA   . CYS A 1 8 ? -3.917 1.524  -2.572 1.00 23.01 ? 8 CYS A CA   9  
ATOM   1082 C C    . CYS A 1 8 ? -4.464 2.898  -2.945 1.00 54.02 ? 8 CYS A C    9  
ATOM   1083 O O    . CYS A 1 8 ? -5.549 3.284  -2.509 1.00 51.34 ? 8 CYS A O    9  
ATOM   1084 C CB   . CYS A 1 8 ? -3.644 1.462  -1.068 1.00 43.03 ? 8 CYS A CB   9  
ATOM   1085 S SG   . CYS A 1 8 ? -3.920 -0.181 -0.329 1.00 73.42 ? 8 CYS A SG   9  
ATOM   1086 H H    . CYS A 1 8 ? -1.831 1.468  -2.933 1.00 22.21 ? 8 CYS A H    9  
ATOM   1087 H HA   . CYS A 1 8 ? -4.653 0.776  -2.827 1.00 2.40  ? 8 CYS A HA   9  
ATOM   1088 H HB2  . CYS A 1 8 ? -2.614 1.734  -0.885 1.00 24.20 ? 8 CYS A HB2  9  
ATOM   1089 H HB3  . CYS A 1 8 ? -4.291 2.163  -0.564 1.00 2.24  ? 8 CYS A HB3  9  
ATOM   1090 N N    . GLY A 1 1 ? -1.601 4.500  5.076  1.00 1.21  ? 1 GLY A N    10 
ATOM   1091 C CA   . GLY A 1 1 ? -1.618 3.826  3.792  1.00 65.43 ? 1 GLY A CA   10 
ATOM   1092 C C    . GLY A 1 1 ? -1.635 2.316  3.929  1.00 52.24 ? 1 GLY A C    10 
ATOM   1093 O O    . GLY A 1 1 ? -2.121 1.781  4.925  1.00 51.20 ? 1 GLY A O    10 
ATOM   1094 H H1   . GLY A 1 1 ? -1.178 5.380  5.160  1.00 3.32  ? 1 GLY A H1   10 
ATOM   1095 H HA2  . GLY A 1 1 ? -2.497 4.136  3.246  1.00 63.14 ? 1 GLY A HA2  10 
ATOM   1096 H HA3  . GLY A 1 1 ? -0.741 4.115  3.234  1.00 52.42 ? 1 GLY A HA3  10 
ATOM   1097 N N    . CYS A 1 2 ? -1.102 1.627  2.925  1.00 43.12 ? 2 CYS A N    10 
ATOM   1098 C CA   . CYS A 1 2 ? -1.058 0.169  2.937  1.00 73.43 ? 2 CYS A CA   10 
ATOM   1099 C C    . CYS A 1 2 ? 0.361  -0.333 2.692  1.00 45.54 ? 2 CYS A C    10 
ATOM   1100 O O    . CYS A 1 2 ? 0.781  -0.513 1.548  1.00 70.41 ? 2 CYS A O    10 
ATOM   1101 C CB   . CYS A 1 2 ? -2.002 -0.399 1.875  1.00 71.15 ? 2 CYS A CB   10 
ATOM   1102 S SG   . CYS A 1 2 ? -3.534 0.561  1.653  1.00 72.25 ? 2 CYS A SG   10 
ATOM   1103 H H    . CYS A 1 2 ? -0.729 2.110  2.158  1.00 61.12 ? 2 CYS A H    10 
ATOM   1104 H HA   . CYS A 1 2 ? -1.382 -0.165 3.910  1.00 61.21 ? 2 CYS A HA   10 
ATOM   1105 H HB2  . CYS A 1 2 ? -1.490 -0.422 0.924  1.00 14.34 ? 2 CYS A HB2  10 
ATOM   1106 H HB3  . CYS A 1 2 ? -2.281 -1.404 2.153  1.00 2.11  ? 2 CYS A HB3  10 
ATOM   1107 N N    . VAL A 1 3 ? 1.098  -0.561 3.775  1.00 50.35 ? 3 VAL A N    10 
ATOM   1108 C CA   . VAL A 1 3 ? 2.471  -1.045 3.678  1.00 32.31 ? 3 VAL A CA   10 
ATOM   1109 C C    . VAL A 1 3 ? 2.542  -2.335 2.870  1.00 41.24 ? 3 VAL A C    10 
ATOM   1110 O O    . VAL A 1 3 ? 1.922  -3.324 3.258  1.00 65.21 ? 3 VAL A O    10 
ATOM   1111 C CB   . VAL A 1 3 ? 3.078  -1.290 5.072  1.00 13.30 ? 3 VAL A CB   10 
ATOM   1112 C CG1  . VAL A 1 3 ? 3.384  0.030  5.762  1.00 54.14 ? 3 VAL A CG1  10 
ATOM   1113 C CG2  . VAL A 1 3 ? 2.142  -2.138 5.919  1.00 2.04  ? 3 VAL A CG2  10 
ATOM   1114 H H    . VAL A 1 3 ? 0.710  -0.400 4.660  1.00 22.31 ? 3 VAL A H    10 
ATOM   1115 H HA   . VAL A 1 3 ? 3.058  -0.286 3.181  1.00 5.44  ? 3 VAL A HA   10 
ATOM   1116 H HB   . VAL A 1 3 ? 4.005  -1.830 4.948  1.00 11.51 ? 3 VAL A HB   10 
ATOM   1117 H HG11 . VAL A 1 3 ? 3.793  -0.162 6.743  1.00 63.41 ? 3 VAL A HG11 10 
ATOM   1118 H HG12 . VAL A 1 3 ? 4.101  0.586  5.174  1.00 44.52 ? 3 VAL A HG12 10 
ATOM   1119 H HG13 . VAL A 1 3 ? 2.475  0.606  5.858  1.00 42.32 ? 3 VAL A HG13 10 
ATOM   1120 H HG21 . VAL A 1 3 ? 1.788  -1.555 6.757  1.00 60.12 ? 3 VAL A HG21 10 
ATOM   1121 H HG22 . VAL A 1 3 ? 1.300  -2.454 5.320  1.00 33.12 ? 3 VAL A HG22 10 
ATOM   1122 H HG23 . VAL A 1 3 ? 2.670  -3.007 6.282  1.00 73.03 ? 3 VAL A HG23 10 
HETATM 1123 N N    . DLE A 1 4 ? 3.291  -2.300 1.777  1.00 20.43 ? 4 DLE A N    10 
HETATM 1124 C CA   . DLE A 1 4 ? 3.434  -3.471 0.930  1.00 53.03 ? 4 DLE A CA   10 
HETATM 1125 C CB   . DLE A 1 4 ? 4.901  -3.685 0.554  1.00 11.50 ? 4 DLE A CB   10 
HETATM 1126 C CG   . DLE A 1 4 ? 5.836  -4.076 1.701  1.00 53.10 ? 4 DLE A CG   10 
HETATM 1127 C CD1  . DLE A 1 4 ? 6.913  -3.010 1.918  1.00 33.40 ? 4 DLE A CD1  10 
HETATM 1128 C CD2  . DLE A 1 4 ? 6.441  -5.461 1.468  1.00 14.45 ? 4 DLE A CD2  10 
HETATM 1129 C C    . DLE A 1 4 ? 2.504  -3.337 -0.279 1.00 0.25  ? 4 DLE A C    10 
HETATM 1130 O O    . DLE A 1 4 ? 2.774  -3.841 -1.369 1.00 41.22 ? 4 DLE A O    10 
HETATM 1131 H H    . DLE A 1 4 ? 3.792  -1.491 1.470  1.00 45.34 ? 4 DLE A H    10 
HETATM 1132 H HA   . DLE A 1 4 ? 3.120  -4.337 1.513  1.00 52.01 ? 4 DLE A HA   10 
HETATM 1133 H HB2  . DLE A 1 4 ? 5.278  -2.767 0.101  1.00 3.22  ? 4 DLE A HB2  10 
HETATM 1134 H HB3  . DLE A 1 4 ? 4.951  -4.462 -0.208 1.00 71.13 ? 4 DLE A HB3  10 
HETATM 1135 H HG   . DLE A 1 4 ? 5.248  -4.130 2.617  1.00 11.41 ? 4 DLE A HG   10 
HETATM 1136 H HD11 . DLE A 1 4 ? 6.469  -2.140 2.404  1.00 71.14 ? 4 DLE A HD11 10 
HETATM 1137 H HD12 . DLE A 1 4 ? 7.332  -2.715 0.956  1.00 44.03 ? 4 DLE A HD12 10 
HETATM 1138 H HD13 . DLE A 1 4 ? 7.703  -3.414 2.550  1.00 3.43  ? 4 DLE A HD13 10 
HETATM 1139 H HD21 . DLE A 1 4 ? 5.723  -6.086 0.937  1.00 2.54  ? 4 DLE A HD21 10 
HETATM 1140 H HD22 . DLE A 1 4 ? 6.682  -5.919 2.428  1.00 63.42 ? 4 DLE A HD22 10 
HETATM 1141 H HD23 . DLE A 1 4 ? 7.349  -5.366 0.873  1.00 51.40 ? 4 DLE A HD23 10 
ATOM   1142 N N    . TYR A 1 5 ? 1.394  -2.642 -0.059 1.00 35.04 ? 5 TYR A N    10 
ATOM   1143 C CA   . TYR A 1 5 ? 0.406  -2.427 -1.108 1.00 63.12 ? 5 TYR A CA   10 
ATOM   1144 C C    . TYR A 1 5 ? 0.335  -0.954 -1.498 1.00 15.43 ? 5 TYR A C    10 
ATOM   1145 O O    . TYR A 1 5 ? -0.596 -0.233 -1.134 1.00 54.34 ? 5 TYR A O    10 
ATOM   1146 C CB   . TYR A 1 5 ? -0.971 -2.912 -0.649 1.00 52.11 ? 5 TYR A CB   10 
ATOM   1147 C CG   . TYR A 1 5 ? -0.922 -4.173 0.184  1.00 22.31 ? 5 TYR A CG   10 
ATOM   1148 C CD1  . TYR A 1 5 ? -0.702 -4.116 1.554  1.00 42.55 ? 5 TYR A CD1  10 
ATOM   1149 C CD2  . TYR A 1 5 ? -1.096 -5.421 -0.400 1.00 42.04 ? 5 TYR A CD2  10 
ATOM   1150 C CE1  . TYR A 1 5 ? -0.655 -5.266 2.319  1.00 73.34 ? 5 TYR A CE1  10 
ATOM   1151 C CE2  . TYR A 1 5 ? -1.053 -6.576 0.356  1.00 4.41  ? 5 TYR A CE2  10 
ATOM   1152 C CZ   . TYR A 1 5 ? -0.832 -6.493 1.716  1.00 64.35 ? 5 TYR A CZ   10 
ATOM   1153 O OH   . TYR A 1 5 ? -0.787 -7.642 2.472  1.00 31.32 ? 5 TYR A OH   10 
ATOM   1154 H H    . TYR A 1 5 ? 1.234  -2.264 0.832  1.00 44.23 ? 5 TYR A H    10 
ATOM   1155 H HA   . TYR A 1 5 ? 0.708  -3.001 -1.971 1.00 64.05 ? 5 TYR A HA   10 
ATOM   1156 H HB2  . TYR A 1 5 ? -1.436 -2.141 -0.054 1.00 1.10  ? 5 TYR A HB2  10 
ATOM   1157 H HB3  . TYR A 1 5 ? -1.584 -3.110 -1.516 1.00 51.13 ? 5 TYR A HB3  10 
ATOM   1158 H HD1  . TYR A 1 5 ? -0.563 -3.153 2.024  1.00 2.23  ? 5 TYR A HD1  10 
ATOM   1159 H HD2  . TYR A 1 5 ? -1.267 -5.483 -1.465 1.00 62.23 ? 5 TYR A HD2  10 
ATOM   1160 H HE1  . TYR A 1 5 ? -0.483 -5.201 3.383  1.00 20.03 ? 5 TYR A HE1  10 
ATOM   1161 H HE2  . TYR A 1 5 ? -1.190 -7.537 -0.116 1.00 44.11 ? 5 TYR A HE2  10 
ATOM   1162 H HH   . TYR A 1 5 ? -0.392 -7.447 3.326  1.00 61.53 ? 5 TYR A HH   10 
ATOM   1163 N N    . PRO A 1 6 ? 1.341  -0.495 -2.255 1.00 73.23 ? 6 PRO A N    10 
ATOM   1164 C CA   . PRO A 1 6 ? 1.418  0.897  -2.712 1.00 63.52 ? 6 PRO A CA   10 
ATOM   1165 C C    . PRO A 1 6 ? 0.353  1.223  -3.754 1.00 43.34 ? 6 PRO A C    10 
ATOM   1166 O O    . PRO A 1 6 ? 0.215  2.372  -4.175 1.00 64.41 ? 6 PRO A O    10 
ATOM   1167 C CB   . PRO A 1 6 ? 2.816  0.993  -3.327 1.00 45.02 ? 6 PRO A CB   10 
ATOM   1168 C CG   . PRO A 1 6 ? 3.146  -0.402 -3.735 1.00 54.13 ? 6 PRO A CG   10 
ATOM   1169 C CD   . PRO A 1 6 ? 2.483  -1.297 -2.724 1.00 65.14 ? 6 PRO A CD   10 
ATOM   1170 H HA   . PRO A 1 6 ? 1.336  1.590  -1.887 1.00 44.34 ? 6 PRO A HA   10 
ATOM   1171 H HB2  . PRO A 1 6 ? 2.793  1.658  -4.178 1.00 74.32 ? 6 PRO A HB2  10 
ATOM   1172 H HB3  . PRO A 1 6 ? 3.512  1.364  -2.590 1.00 51.01 ? 6 PRO A HB3  10 
ATOM   1173 H HG2  . PRO A 1 6 ? 2.757  -0.597 -4.722 1.00 5.51  ? 6 PRO A HG2  10 
ATOM   1174 H HG3  . PRO A 1 6 ? 4.217  -0.545 -3.716 1.00 1.41  ? 6 PRO A HG3  10 
ATOM   1175 H HD2  . PRO A 1 6 ? 2.146  -2.210 -3.193 1.00 75.21 ? 6 PRO A HD2  10 
ATOM   1176 H HD3  . PRO A 1 6 ? 3.160  -1.516 -1.912 1.00 33.22 ? 6 PRO A HD3  10 
ATOM   1177 N N    . TRP A 1 7 ? -0.396 0.206  -4.167 1.00 54.34 ? 7 TRP A N    10 
ATOM   1178 C CA   . TRP A 1 7 ? -1.448 0.387  -5.161 1.00 2.52  ? 7 TRP A CA   10 
ATOM   1179 C C    . TRP A 1 7 ? -2.797 0.616  -4.489 1.00 62.24 ? 7 TRP A C    10 
ATOM   1180 O O    . TRP A 1 7 ? -3.843 0.276  -5.043 1.00 5.42  ? 7 TRP A O    10 
ATOM   1181 C CB   . TRP A 1 7 ? -1.523 -0.833 -6.081 1.00 54.42 ? 7 TRP A CB   10 
ATOM   1182 C CG   . TRP A 1 7 ? -1.641 -2.130 -5.340 1.00 70.21 ? 7 TRP A CG   10 
ATOM   1183 C CD1  . TRP A 1 7 ? -2.777 -2.669 -4.807 1.00 54.03 ? 7 TRP A CD1  10 
ATOM   1184 C CD2  . TRP A 1 7 ? -0.584 -3.050 -5.048 1.00 52.50 ? 7 TRP A CD2  10 
ATOM   1185 N NE1  . TRP A 1 7 ? -2.489 -3.868 -4.202 1.00 20.21 ? 7 TRP A NE1  10 
ATOM   1186 C CE2  . TRP A 1 7 ? -1.151 -4.124 -4.337 1.00 5.34  ? 7 TRP A CE2  10 
ATOM   1187 C CE3  . TRP A 1 7 ? 0.787  -3.071 -5.321 1.00 42.52 ? 7 TRP A CE3  10 
ATOM   1188 C CZ2  . TRP A 1 7 ? -0.394 -5.207 -3.894 1.00 31.30 ? 7 TRP A CZ2  10 
ATOM   1189 C CZ3  . TRP A 1 7 ? 1.537  -4.146 -4.880 1.00 75.33 ? 7 TRP A CZ3  10 
ATOM   1190 C CH2  . TRP A 1 7 ? 0.945  -5.201 -4.175 1.00 43.50 ? 7 TRP A CH2  10 
ATOM   1191 H H    . TRP A 1 7 ? -0.237 -0.687 -3.795 1.00 34.33 ? 7 TRP A H    10 
ATOM   1192 H HA   . TRP A 1 7 ? -1.200 1.257  -5.750 1.00 74.11 ? 7 TRP A HA   10 
ATOM   1193 H HB2  . TRP A 1 7 ? -2.384 -0.737 -6.726 1.00 53.34 ? 7 TRP A HB2  10 
ATOM   1194 H HB3  . TRP A 1 7 ? -0.628 -0.873 -6.685 1.00 11.20 ? 7 TRP A HB3  10 
ATOM   1195 H HD1  . TRP A 1 7 ? -3.752 -2.207 -4.860 1.00 50.03 ? 7 TRP A HD1  10 
ATOM   1196 H HE1  . TRP A 1 7 ? -3.139 -4.447 -3.748 1.00 61.15 ? 7 TRP A HE1  10 
ATOM   1197 H HE3  . TRP A 1 7 ? 1.261  -2.266 -5.863 1.00 4.21  ? 7 TRP A HE3  10 
ATOM   1198 H HZ2  . TRP A 1 7 ? -0.836 -6.029 -3.350 1.00 55.54 ? 7 TRP A HZ2  10 
ATOM   1199 H HZ3  . TRP A 1 7 ? 2.598  -4.179 -5.082 1.00 15.24 ? 7 TRP A HZ3  10 
ATOM   1200 H HH2  . TRP A 1 7 ? 1.569  -6.020 -3.850 1.00 50.23 ? 7 TRP A HH2  10 
ATOM   1201 N N    . CYS A 1 8 ? -2.768 1.194  -3.293 1.00 61.24 ? 8 CYS A N    10 
ATOM   1202 C CA   . CYS A 1 8 ? -3.989 1.468  -2.545 1.00 73.14 ? 8 CYS A CA   10 
ATOM   1203 C C    . CYS A 1 8 ? -4.552 2.839  -2.909 1.00 22.05 ? 8 CYS A C    10 
ATOM   1204 O O    . CYS A 1 8 ? -3.822 3.723  -3.358 1.00 4.23  ? 8 CYS A O    10 
ATOM   1205 C CB   . CYS A 1 8 ? -3.717 1.399  -1.041 1.00 3.40  ? 8 CYS A CB   10 
ATOM   1206 S SG   . CYS A 1 8 ? -3.973 -0.252 -0.315 1.00 2.13  ? 8 CYS A SG   10 
ATOM   1207 H H    . CYS A 1 8 ? -1.902 1.443  -2.903 1.00 22.40 ? 8 CYS A H    10 
ATOM   1208 H HA   . CYS A 1 8 ? -4.714 0.713  -2.807 1.00 14.15 ? 8 CYS A HA   10 
ATOM   1209 H HB2  . CYS A 1 8 ? -2.692 1.683  -0.855 1.00 51.23 ? 8 CYS A HB2  10 
ATOM   1210 H HB3  . CYS A 1 8 ? -4.375 2.088  -0.532 1.00 40.14 ? 8 CYS A HB3  10 
# 
